data_6PE0
#
_entry.id   6PE0
#
_cell.length_a   1.00
_cell.length_b   1.00
_cell.length_c   1.00
_cell.angle_alpha   90.00
_cell.angle_beta   90.00
_cell.angle_gamma   90.00
#
_symmetry.space_group_name_H-M   'P 1'
#
loop_
_entity.id
_entity.type
_entity.pdbx_description
1 polymer 'Membrane-spanning ATPase-like protein'
2 polymer 'Unknown E. coli peptide'
3 non-polymer "ADENOSINE-5'-TRIPHOSPHATE"
4 non-polymer 'MAGNESIUM ION'
#
loop_
_entity_poly.entity_id
_entity_poly.type
_entity_poly.pdbx_seq_one_letter_code
_entity_poly.pdbx_strand_id
1 'polypeptide(L)'
;GSIAPYLVKIIDPDYEKNERTRIKAQENLRRIRRKQIAEKGDNEDGTDDPSRRRKIDDLVLNEYENQVALEVVAPEDIPV
GFNDIGGLDDIIEELKETIIYPLTMPHLYKHGGALLAAPSGVLLYGPPGCGKTMLAKAVAHESGASFINLHISTLTEKWY
GDSNKIVRAVFSLAKKLQPSIIFIDQIDAVLGTRRSGEHEASGMVKAEFMTLWDGLTSTNASGVPNRIVVLGATNRINDI
DEAILRRMPKQFPVPLPGLEQRRRILELVLRGTKRDPDFDLDYIARVTAGMSGSDIKETCRDAAMAPMREYIRQHRASGK
PLSEINPDDVRGIRTEDFFGRRGGKILSEIPPRQTGYVVQSKNSSEGGYEEVEDDDEQGTAST
;
F,A,B,C,D,E
2 'polypeptide(L)' (UNK)(UNK)(UNK)(UNK)(UNK)(UNK)(UNK)(UNK)(UNK)(UNK) G
#
loop_
_chem_comp.id
_chem_comp.type
_chem_comp.name
_chem_comp.formula
ATP non-polymer ADENOSINE-5'-TRIPHOSPHATE 'C10 H16 N5 O13 P3'
MG non-polymer 'MAGNESIUM ION' 'Mg 2'
#
# COMPACT_ATOMS: atom_id res chain seq x y z
N ASP A 58 27.80 -5.62 -15.10
CA ASP A 58 28.60 -6.58 -15.86
C ASP A 58 28.66 -7.92 -15.12
N LEU A 59 27.58 -8.24 -14.41
CA LEU A 59 27.50 -9.47 -13.65
C LEU A 59 26.07 -9.87 -13.35
N VAL A 60 25.88 -11.04 -12.71
CA VAL A 60 24.54 -11.53 -12.41
C VAL A 60 23.77 -10.52 -11.57
N LEU A 61 22.49 -10.37 -11.89
CA LEU A 61 21.64 -9.38 -11.25
C LEU A 61 20.49 -9.89 -10.40
N ASN A 62 20.40 -9.39 -9.17
CA ASN A 62 19.31 -9.74 -8.26
C ASN A 62 18.17 -8.71 -8.35
N GLU A 63 18.41 -7.68 -9.17
CA GLU A 63 17.52 -6.53 -9.43
C GLU A 63 17.42 -5.49 -8.32
N TYR A 64 17.15 -5.90 -7.09
CA TYR A 64 17.04 -4.89 -6.05
C TYR A 64 18.34 -4.13 -5.84
N GLU A 65 19.46 -4.84 -5.84
CA GLU A 65 20.77 -4.22 -5.69
C GLU A 65 21.12 -3.35 -6.88
N ASN A 66 20.66 -3.75 -8.06
CA ASN A 66 20.93 -3.05 -9.30
C ASN A 66 20.46 -1.63 -9.28
N GLN A 67 19.30 -1.40 -8.67
CA GLN A 67 18.78 -0.07 -8.46
C GLN A 67 19.94 0.63 -7.81
N VAL A 68 21.04 -0.13 -7.73
CA VAL A 68 22.28 0.46 -7.24
C VAL A 68 23.42 0.30 -8.25
N ALA A 69 23.34 -0.68 -9.15
CA ALA A 69 24.39 -0.88 -10.13
C ALA A 69 24.54 0.31 -11.08
N LEU A 70 23.50 1.13 -11.23
CA LEU A 70 23.61 2.33 -12.05
C LEU A 70 24.62 3.32 -11.47
N GLU A 71 24.83 3.29 -10.16
CA GLU A 71 25.79 4.16 -9.50
C GLU A 71 27.19 3.56 -9.42
N VAL A 72 27.38 2.35 -9.93
CA VAL A 72 28.66 1.66 -9.84
C VAL A 72 29.59 2.18 -10.92
N VAL A 73 30.38 3.21 -10.59
CA VAL A 73 31.34 3.75 -11.55
C VAL A 73 32.43 2.72 -11.81
N ALA A 74 32.79 2.57 -13.08
CA ALA A 74 33.83 1.62 -13.44
C ALA A 74 35.17 2.05 -12.87
N PRO A 75 36.06 1.10 -12.57
CA PRO A 75 37.37 1.45 -12.02
C PRO A 75 38.24 2.20 -13.00
N GLU A 76 38.00 2.07 -14.30
CA GLU A 76 38.79 2.74 -15.32
C GLU A 76 38.22 4.15 -15.55
N ASP A 77 38.71 4.80 -16.60
CA ASP A 77 38.27 6.09 -17.17
C ASP A 77 37.77 7.10 -16.14
N ILE A 78 38.55 7.30 -15.07
CA ILE A 78 38.21 8.28 -14.05
C ILE A 78 39.18 9.45 -14.17
N PRO A 79 38.74 10.67 -13.87
CA PRO A 79 39.60 11.86 -14.06
C PRO A 79 40.61 12.07 -12.95
N VAL A 80 40.92 11.04 -12.17
CA VAL A 80 41.71 11.16 -10.94
C VAL A 80 43.03 11.88 -11.17
N GLY A 81 43.94 11.26 -11.93
CA GLY A 81 45.20 11.87 -12.31
C GLY A 81 45.98 12.55 -11.19
N PHE A 82 46.54 11.76 -10.26
CA PHE A 82 47.05 12.20 -8.96
C PHE A 82 47.76 13.56 -8.95
N ASN A 83 48.52 13.87 -10.00
CA ASN A 83 49.23 15.13 -10.05
C ASN A 83 48.30 16.35 -10.10
N ASP A 84 47.01 16.16 -10.42
CA ASP A 84 46.11 17.31 -10.55
C ASP A 84 45.59 17.78 -9.20
N ILE A 85 45.51 16.87 -8.21
CA ILE A 85 44.91 17.22 -6.93
C ILE A 85 45.75 18.27 -6.22
N GLY A 86 45.07 19.12 -5.45
CA GLY A 86 45.75 20.17 -4.72
C GLY A 86 46.73 19.68 -3.68
N GLY A 87 47.42 20.59 -3.03
CA GLY A 87 48.43 20.23 -2.06
C GLY A 87 47.86 19.49 -0.85
N LEU A 88 48.13 18.18 -0.79
CA LEU A 88 47.71 17.35 0.34
C LEU A 88 48.70 16.19 0.39
N ASP A 89 49.67 16.27 1.31
CA ASP A 89 50.78 15.33 1.34
C ASP A 89 50.55 14.20 2.35
N ASP A 90 50.34 14.55 3.63
CA ASP A 90 50.21 13.52 4.65
C ASP A 90 48.91 12.75 4.50
N ILE A 91 47.84 13.40 4.03
CA ILE A 91 46.59 12.68 3.79
C ILE A 91 46.78 11.64 2.71
N ILE A 92 47.27 12.05 1.54
CA ILE A 92 47.49 11.11 0.44
C ILE A 92 48.52 10.07 0.83
N GLU A 93 49.51 10.46 1.64
CA GLU A 93 50.52 9.50 2.10
C GLU A 93 49.89 8.40 2.93
N GLU A 94 49.09 8.79 3.93
CA GLU A 94 48.47 7.79 4.80
C GLU A 94 47.49 6.93 4.02
N LEU A 95 46.73 7.52 3.10
CA LEU A 95 45.82 6.73 2.27
C LEU A 95 46.59 5.72 1.42
N LYS A 96 47.53 6.20 0.61
CA LYS A 96 48.31 5.31 -0.25
C LYS A 96 49.13 4.29 0.53
N GLU A 97 49.36 4.52 1.82
CA GLU A 97 50.07 3.53 2.61
C GLU A 97 49.16 2.50 3.25
N THR A 98 47.98 2.90 3.70
CA THR A 98 47.15 2.02 4.54
C THR A 98 45.84 1.59 3.93
N ILE A 99 45.18 2.43 3.14
CA ILE A 99 43.84 2.10 2.66
C ILE A 99 43.88 1.42 1.30
N ILE A 100 44.73 1.91 0.39
CA ILE A 100 44.77 1.40 -0.97
C ILE A 100 45.96 0.48 -1.23
N TYR A 101 47.08 0.68 -0.52
CA TYR A 101 48.23 -0.19 -0.72
C TYR A 101 47.93 -1.64 -0.35
N PRO A 102 47.44 -1.94 0.87
CA PRO A 102 47.06 -3.32 1.17
C PRO A 102 45.72 -3.72 0.60
N LEU A 103 44.92 -2.78 0.11
CA LEU A 103 43.63 -3.13 -0.48
C LEU A 103 43.82 -4.00 -1.71
N THR A 104 44.94 -3.86 -2.41
CA THR A 104 45.29 -4.68 -3.56
C THR A 104 46.65 -5.30 -3.32
N MET A 105 46.97 -6.30 -4.15
CA MET A 105 48.19 -7.09 -4.10
C MET A 105 48.58 -7.49 -2.67
N PRO A 106 47.70 -8.22 -1.96
CA PRO A 106 48.00 -8.56 -0.56
C PRO A 106 49.14 -9.54 -0.39
N HIS A 107 49.59 -10.21 -1.46
CA HIS A 107 50.69 -11.16 -1.31
C HIS A 107 52.00 -10.47 -0.95
N LEU A 108 52.16 -9.19 -1.28
CA LEU A 108 53.22 -8.38 -0.71
C LEU A 108 52.88 -7.87 0.68
N TYR A 109 51.69 -8.20 1.20
CA TYR A 109 51.21 -7.66 2.46
C TYR A 109 50.59 -8.70 3.38
N LYS A 110 50.36 -9.93 2.90
CA LYS A 110 49.64 -10.95 3.65
C LYS A 110 50.55 -11.75 4.59
N HIS A 111 51.69 -11.18 4.99
CA HIS A 111 52.59 -11.89 5.90
C HIS A 111 51.90 -12.22 7.22
N GLY A 112 51.03 -11.33 7.70
CA GLY A 112 50.26 -11.61 8.90
C GLY A 112 48.78 -11.68 8.61
N GLY A 113 48.20 -12.88 8.70
CA GLY A 113 46.81 -13.06 8.38
C GLY A 113 45.88 -12.77 9.55
N ALA A 114 44.62 -12.51 9.21
CA ALA A 114 43.52 -12.27 10.13
C ALA A 114 43.59 -10.91 10.80
N LEU A 115 44.65 -10.13 10.58
CA LEU A 115 44.79 -8.81 11.18
C LEU A 115 45.20 -7.74 10.19
N LEU A 116 45.71 -8.10 9.02
CA LEU A 116 46.20 -7.15 8.02
C LEU A 116 45.20 -6.94 6.90
N ALA A 117 43.91 -6.93 7.22
CA ALA A 117 42.88 -6.58 6.24
C ALA A 117 42.89 -5.06 6.05
N ALA A 118 41.94 -4.57 5.27
CA ALA A 118 41.99 -3.11 5.23
C ALA A 118 40.98 -2.52 6.20
N PRO A 119 41.31 -1.39 6.84
CA PRO A 119 40.35 -0.76 7.74
C PRO A 119 39.08 -0.35 7.00
N SER A 120 37.96 -0.93 7.41
CA SER A 120 36.71 -0.85 6.66
C SER A 120 36.10 0.55 6.61
N GLY A 121 36.63 1.52 7.33
CA GLY A 121 36.04 2.84 7.32
C GLY A 121 37.03 3.98 7.38
N VAL A 122 36.93 4.89 6.42
CA VAL A 122 37.76 6.09 6.36
C VAL A 122 36.83 7.29 6.44
N LEU A 123 37.03 8.13 7.46
CA LEU A 123 36.18 9.29 7.69
C LEU A 123 36.89 10.54 7.21
N LEU A 124 36.29 11.23 6.25
CA LEU A 124 36.83 12.48 5.71
C LEU A 124 35.92 13.61 6.16
N TYR A 125 36.33 14.32 7.20
CA TYR A 125 35.55 15.43 7.75
C TYR A 125 36.32 16.73 7.61
N GLY A 126 35.60 17.79 7.24
CA GLY A 126 36.19 19.09 7.06
C GLY A 126 35.19 20.09 6.54
N PRO A 127 35.66 21.26 6.12
CA PRO A 127 34.75 22.29 5.61
C PRO A 127 34.13 21.83 4.30
N PRO A 128 33.03 22.47 3.89
CA PRO A 128 32.38 22.06 2.63
C PRO A 128 33.24 22.43 1.43
N GLY A 129 33.50 21.44 0.59
CA GLY A 129 34.31 21.68 -0.59
C GLY A 129 34.63 20.39 -1.30
N CYS A 130 35.47 20.50 -2.33
CA CYS A 130 35.90 19.35 -3.11
C CYS A 130 37.08 18.60 -2.48
N GLY A 131 37.60 19.09 -1.35
CA GLY A 131 38.68 18.39 -0.68
C GLY A 131 38.25 17.01 -0.20
N LYS A 132 36.98 16.83 0.13
CA LYS A 132 36.44 15.54 0.53
C LYS A 132 35.91 14.73 -0.64
N THR A 133 36.23 15.12 -1.88
CA THR A 133 35.73 14.45 -3.07
C THR A 133 36.84 13.95 -3.99
N MET A 134 37.90 14.73 -4.17
CA MET A 134 38.96 14.34 -5.10
C MET A 134 39.68 13.08 -4.62
N LEU A 135 40.02 13.03 -3.33
CA LEU A 135 40.69 11.84 -2.80
C LEU A 135 39.78 10.61 -2.88
N ALA A 136 38.48 10.80 -2.62
CA ALA A 136 37.54 9.70 -2.70
C ALA A 136 37.47 9.14 -4.11
N LYS A 137 37.35 10.03 -5.11
CA LYS A 137 37.35 9.57 -6.49
C LYS A 137 38.69 8.98 -6.89
N ALA A 138 39.77 9.42 -6.25
CA ALA A 138 41.10 8.93 -6.60
C ALA A 138 41.33 7.52 -6.07
N VAL A 139 40.77 7.21 -4.90
CA VAL A 139 40.98 5.90 -4.29
C VAL A 139 40.46 4.79 -5.20
N ALA A 140 39.28 4.99 -5.79
CA ALA A 140 38.70 3.97 -6.64
C ALA A 140 39.54 3.73 -7.90
N HIS A 141 39.94 4.81 -8.57
CA HIS A 141 40.72 4.66 -9.79
C HIS A 141 42.12 4.14 -9.51
N GLU A 142 42.63 4.35 -8.30
CA GLU A 142 43.97 3.87 -7.97
C GLU A 142 43.99 2.44 -7.47
N SER A 143 42.89 1.96 -6.88
CA SER A 143 42.84 0.60 -6.37
C SER A 143 42.25 -0.38 -7.36
N GLY A 144 42.16 -0.02 -8.64
CA GLY A 144 41.37 -0.80 -9.58
C GLY A 144 39.96 -0.97 -9.09
N ALA A 145 39.37 0.10 -8.57
CA ALA A 145 38.22 0.02 -7.68
C ALA A 145 37.00 0.65 -8.31
N SER A 146 35.93 -0.14 -8.41
CA SER A 146 34.63 0.37 -8.80
C SER A 146 34.09 1.31 -7.73
N PHE A 147 34.06 2.61 -8.03
CA PHE A 147 33.56 3.63 -7.11
C PHE A 147 32.03 3.53 -7.09
N ILE A 148 31.52 2.71 -6.18
CA ILE A 148 30.08 2.55 -6.08
C ILE A 148 29.51 3.61 -5.14
N ASN A 149 29.23 4.79 -5.69
CA ASN A 149 28.65 5.87 -4.91
C ASN A 149 27.28 5.48 -4.40
N LEU A 150 26.88 6.10 -3.28
CA LEU A 150 25.59 5.77 -2.66
C LEU A 150 24.48 6.69 -3.16
N HIS A 151 24.77 7.96 -3.39
CA HIS A 151 23.77 8.94 -3.81
C HIS A 151 22.65 9.03 -2.76
N ILE A 152 23.05 9.56 -1.60
CA ILE A 152 22.31 9.53 -0.34
C ILE A 152 20.82 9.84 -0.49
N SER A 153 20.48 10.77 -1.39
CA SER A 153 19.08 11.07 -1.62
C SER A 153 18.34 9.90 -2.25
N THR A 154 19.05 8.95 -2.85
CA THR A 154 18.41 7.75 -3.38
C THR A 154 17.82 6.88 -2.27
N LEU A 155 18.33 6.99 -1.05
CA LEU A 155 17.82 6.23 0.08
C LEU A 155 16.50 6.76 0.63
N THR A 156 15.91 7.77 -0.01
CA THR A 156 14.63 8.30 0.44
C THR A 156 13.55 7.22 0.34
N GLU A 157 12.51 7.36 1.16
CA GLU A 157 11.52 6.34 1.36
C GLU A 157 10.31 6.58 0.46
N LYS A 158 10.06 5.64 -0.45
CA LYS A 158 8.80 5.55 -1.18
C LYS A 158 7.99 4.34 -0.76
N TRP A 159 8.58 3.15 -0.83
CA TRP A 159 7.97 1.96 -0.26
C TRP A 159 8.38 1.82 1.21
N TYR A 160 7.71 0.91 1.91
CA TYR A 160 7.97 0.75 3.34
C TYR A 160 9.38 0.23 3.58
N GLY A 161 9.82 -0.77 2.81
CA GLY A 161 11.13 -1.34 3.01
C GLY A 161 12.07 -1.16 1.83
N ASP A 162 11.80 -0.15 1.00
CA ASP A 162 12.65 0.08 -0.16
C ASP A 162 14.04 0.55 0.24
N SER A 163 14.12 1.49 1.18
CA SER A 163 15.42 1.97 1.64
C SER A 163 16.19 0.86 2.35
N ASN A 164 15.48 0.04 3.13
CA ASN A 164 16.12 -1.10 3.78
C ASN A 164 16.68 -2.06 2.75
N LYS A 165 15.88 -2.41 1.74
CA LYS A 165 16.36 -3.32 0.70
C LYS A 165 17.49 -2.71 -0.11
N ILE A 166 17.45 -1.39 -0.33
CA ILE A 166 18.55 -0.74 -1.06
C ILE A 166 19.84 -0.79 -0.25
N VAL A 167 19.74 -0.56 1.07
CA VAL A 167 20.94 -0.62 1.91
C VAL A 167 21.46 -2.05 2.01
N ARG A 168 20.57 -3.04 1.93
CA ARG A 168 21.03 -4.42 1.87
C ARG A 168 21.73 -4.70 0.54
N ALA A 169 21.13 -4.26 -0.56
CA ALA A 169 21.67 -4.55 -1.89
C ALA A 169 22.98 -3.85 -2.13
N VAL A 170 23.18 -2.65 -1.57
CA VAL A 170 24.44 -1.93 -1.78
C VAL A 170 25.60 -2.69 -1.16
N PHE A 171 25.42 -3.19 0.07
CA PHE A 171 26.48 -3.98 0.69
C PHE A 171 26.62 -5.33 0.01
N SER A 172 25.52 -5.94 -0.43
CA SER A 172 25.61 -7.20 -1.16
C SER A 172 26.43 -7.04 -2.44
N LEU A 173 26.20 -5.95 -3.17
CA LEU A 173 26.94 -5.69 -4.40
C LEU A 173 28.40 -5.36 -4.10
N ALA A 174 28.64 -4.56 -3.06
CA ALA A 174 30.01 -4.21 -2.70
C ALA A 174 30.81 -5.45 -2.29
N LYS A 175 30.14 -6.44 -1.70
CA LYS A 175 30.83 -7.67 -1.35
C LYS A 175 31.01 -8.57 -2.57
N LYS A 176 30.00 -8.62 -3.44
CA LYS A 176 30.02 -9.56 -4.56
C LYS A 176 30.70 -8.96 -5.78
N LEU A 177 30.33 -7.74 -6.17
CA LEU A 177 30.83 -7.15 -7.40
C LEU A 177 32.34 -6.97 -7.36
N GLN A 178 32.82 -6.09 -6.49
CA GLN A 178 34.24 -5.82 -6.38
C GLN A 178 34.56 -5.32 -4.98
N PRO A 179 35.77 -5.57 -4.47
CA PRO A 179 36.08 -5.14 -3.09
C PRO A 179 36.38 -3.66 -2.97
N SER A 180 36.00 -2.86 -3.97
CA SER A 180 36.64 -1.57 -4.23
C SER A 180 36.45 -0.61 -3.06
N ILE A 181 35.29 0.02 -2.90
CA ILE A 181 35.01 1.01 -1.86
C ILE A 181 33.51 1.32 -1.89
N ILE A 182 32.97 1.78 -0.78
CA ILE A 182 31.69 2.47 -0.79
C ILE A 182 31.91 3.91 -0.34
N PHE A 183 31.14 4.84 -0.92
CA PHE A 183 31.31 6.26 -0.63
C PHE A 183 29.99 6.84 -0.17
N ILE A 184 29.95 7.31 1.07
CA ILE A 184 28.76 7.94 1.64
C ILE A 184 29.06 9.42 1.80
N ASP A 185 28.63 10.22 0.82
CA ASP A 185 28.85 11.66 0.88
C ASP A 185 27.80 12.34 1.74
N GLN A 186 28.25 13.33 2.52
CA GLN A 186 27.37 14.09 3.41
C GLN A 186 26.62 13.17 4.38
N ILE A 187 27.42 12.53 5.24
CA ILE A 187 26.90 11.49 6.12
C ILE A 187 26.05 12.18 7.20
N ASP A 188 24.73 12.17 6.99
CA ASP A 188 23.78 12.59 8.01
C ASP A 188 22.61 11.63 8.13
N ALA A 189 22.50 10.66 7.22
CA ALA A 189 21.49 9.60 7.39
C ALA A 189 21.75 8.79 8.65
N VAL A 190 23.01 8.68 9.06
CA VAL A 190 23.37 8.03 10.32
C VAL A 190 23.83 9.09 11.30
N LEU A 191 22.90 9.63 12.08
CA LEU A 191 23.20 10.73 12.99
C LEU A 191 23.60 10.23 14.38
N GLY A 192 22.75 9.41 14.99
CA GLY A 192 23.04 8.90 16.32
C GLY A 192 21.89 9.08 17.29
N THR A 193 20.75 9.54 16.78
CA THR A 193 19.58 9.75 17.63
C THR A 193 18.96 8.41 18.02
N GLY A 203 14.83 5.32 11.08
CA GLY A 203 15.74 4.72 12.04
C GLY A 203 16.08 3.27 11.75
N MET A 204 15.31 2.66 10.85
CA MET A 204 15.56 1.27 10.48
C MET A 204 16.86 1.14 9.70
N VAL A 205 17.09 2.05 8.74
CA VAL A 205 18.28 1.96 7.90
C VAL A 205 19.53 2.21 8.71
N LYS A 206 19.43 3.02 9.78
CA LYS A 206 20.59 3.29 10.61
C LYS A 206 21.10 2.02 11.27
N ALA A 207 20.20 1.23 11.86
CA ALA A 207 20.59 -0.05 12.42
C ALA A 207 20.86 -1.09 11.35
N GLU A 208 20.35 -0.90 10.14
CA GLU A 208 20.66 -1.80 9.04
C GLU A 208 22.09 -1.64 8.53
N PHE A 209 22.63 -0.43 8.55
CA PHE A 209 24.04 -0.25 8.21
C PHE A 209 24.93 -1.07 9.13
N MET A 210 24.83 -0.86 10.44
CA MET A 210 25.78 -1.44 11.37
C MET A 210 25.61 -2.96 11.47
N THR A 211 24.48 -3.49 10.99
CA THR A 211 24.32 -4.94 10.92
C THR A 211 25.12 -5.52 9.76
N LEU A 212 24.94 -4.97 8.57
CA LEU A 212 25.65 -5.47 7.40
C LEU A 212 27.14 -5.11 7.43
N TRP A 213 27.49 -4.06 8.16
CA TRP A 213 28.87 -3.60 8.18
C TRP A 213 29.81 -4.66 8.73
N ASP A 214 29.68 -4.97 10.02
CA ASP A 214 30.58 -5.91 10.68
C ASP A 214 29.72 -6.85 11.53
N GLY A 215 29.24 -7.93 10.91
CA GLY A 215 28.38 -8.86 11.59
C GLY A 215 28.76 -10.30 11.35
N LEU A 216 27.77 -11.19 11.34
CA LEU A 216 28.05 -12.62 11.21
C LEU A 216 28.59 -12.95 9.83
N THR A 217 28.18 -12.21 8.81
CA THR A 217 28.60 -12.47 7.44
C THR A 217 29.75 -11.56 6.97
N SER A 218 30.40 -10.85 7.88
CA SER A 218 31.49 -9.96 7.46
C SER A 218 32.75 -10.75 7.13
N THR A 219 33.08 -11.74 7.94
CA THR A 219 34.28 -12.54 7.74
C THR A 219 33.97 -13.78 6.91
N ASN A 220 34.88 -14.13 6.01
CA ASN A 220 34.73 -15.31 5.18
C ASN A 220 35.32 -16.53 5.89
N ALA A 221 35.28 -17.68 5.21
CA ALA A 221 35.78 -18.90 5.83
C ALA A 221 37.28 -18.85 6.05
N SER A 222 38.01 -18.15 5.18
CA SER A 222 39.46 -18.05 5.34
C SER A 222 39.85 -17.21 6.56
N GLY A 223 38.95 -16.40 7.08
CA GLY A 223 39.23 -15.54 8.21
C GLY A 223 39.53 -14.11 7.87
N VAL A 224 39.59 -13.76 6.59
CA VAL A 224 39.88 -12.39 6.17
C VAL A 224 38.57 -11.68 5.85
N PRO A 225 38.43 -10.40 6.15
CA PRO A 225 37.19 -9.68 5.83
C PRO A 225 36.95 -9.58 4.33
N ASN A 226 35.84 -8.95 3.95
CA ASN A 226 35.48 -8.81 2.54
C ASN A 226 36.30 -7.76 1.80
N ARG A 227 37.35 -7.24 2.43
CA ARG A 227 38.28 -6.26 1.83
C ARG A 227 37.53 -5.12 1.14
N ILE A 228 36.61 -4.51 1.88
CA ILE A 228 35.78 -3.41 1.40
C ILE A 228 36.00 -2.21 2.31
N VAL A 229 36.03 -1.02 1.73
CA VAL A 229 36.19 0.22 2.48
C VAL A 229 35.01 1.11 2.16
N VAL A 230 34.59 1.89 3.15
CA VAL A 230 33.48 2.82 3.00
C VAL A 230 33.93 4.19 3.50
N LEU A 231 34.25 5.08 2.57
CA LEU A 231 34.70 6.42 2.92
C LEU A 231 33.60 7.19 3.62
N GLY A 232 34.00 8.19 4.40
CA GLY A 232 33.05 9.02 5.12
C GLY A 232 33.19 10.49 4.79
N ALA A 233 32.18 11.05 4.13
CA ALA A 233 32.17 12.44 3.73
C ALA A 233 31.11 13.18 4.55
N THR A 234 31.54 14.17 5.33
CA THR A 234 30.62 14.92 6.16
C THR A 234 31.27 16.22 6.61
N ASN A 235 30.50 17.29 6.65
CA ASN A 235 30.98 18.56 7.16
C ASN A 235 30.94 18.60 8.68
N ARG A 236 30.00 17.89 9.29
CA ARG A 236 29.86 17.85 10.74
C ARG A 236 30.68 16.71 11.33
N ILE A 237 30.93 16.81 12.64
CA ILE A 237 31.70 15.80 13.37
C ILE A 237 31.06 15.62 14.73
N ASN A 238 31.49 14.56 15.43
CA ASN A 238 31.17 14.19 16.82
C ASN A 238 29.68 14.14 17.12
N ASP A 239 28.85 14.10 16.09
CA ASP A 239 27.41 13.84 16.18
C ASP A 239 26.99 12.90 15.07
N ILE A 240 27.82 11.88 14.84
CA ILE A 240 27.72 11.06 13.64
C ILE A 240 27.39 9.62 14.01
N ASP A 241 26.62 9.44 15.08
CA ASP A 241 26.21 8.10 15.53
C ASP A 241 27.44 7.26 15.89
N GLU A 242 28.08 7.68 17.00
CA GLU A 242 29.34 7.13 17.50
C GLU A 242 29.45 5.61 17.44
N ALA A 243 28.33 4.90 17.54
CA ALA A 243 28.34 3.47 17.26
C ALA A 243 28.81 3.17 15.84
N ILE A 244 28.57 4.09 14.91
CA ILE A 244 29.07 3.96 13.55
C ILE A 244 30.44 4.62 13.40
N LEU A 245 30.68 5.71 14.14
CA LEU A 245 32.00 6.31 14.18
C LEU A 245 33.05 5.35 14.72
N ARG A 246 32.64 4.40 15.55
CA ARG A 246 33.59 3.41 16.06
C ARG A 246 34.13 2.52 14.95
N ARG A 247 33.32 2.24 13.93
CA ARG A 247 33.71 1.37 12.84
C ARG A 247 34.22 2.14 11.62
N MET A 248 34.64 3.38 11.81
CA MET A 248 35.40 4.14 10.82
C MET A 248 36.75 4.45 11.43
N PRO A 249 37.65 3.46 11.46
CA PRO A 249 38.90 3.59 12.21
C PRO A 249 39.77 4.78 11.80
N LYS A 250 40.16 4.84 10.54
CA LYS A 250 41.04 5.89 10.05
C LYS A 250 40.20 7.12 9.73
N GLN A 251 40.28 8.14 10.58
CA GLN A 251 39.57 9.40 10.41
C GLN A 251 40.58 10.47 10.03
N PHE A 252 40.28 11.21 8.95
CA PHE A 252 41.22 12.19 8.42
C PHE A 252 40.63 13.59 8.48
N PRO A 253 41.15 14.47 9.33
CA PRO A 253 40.76 15.89 9.26
C PRO A 253 41.38 16.57 8.06
N VAL A 254 40.57 16.89 7.05
CA VAL A 254 41.07 17.50 5.83
C VAL A 254 40.73 18.99 5.80
N PRO A 255 41.64 19.85 6.25
CA PRO A 255 41.37 21.28 6.18
C PRO A 255 41.49 21.81 4.75
N LEU A 256 40.36 22.16 4.16
CA LEU A 256 40.36 22.67 2.80
C LEU A 256 41.20 23.93 2.61
N PRO A 257 41.12 24.96 3.47
CA PRO A 257 41.93 26.16 3.24
C PRO A 257 43.41 25.86 3.45
N GLY A 258 44.21 26.15 2.42
CA GLY A 258 45.64 25.99 2.50
C GLY A 258 46.39 27.02 1.69
N LEU A 259 47.31 27.75 2.34
CA LEU A 259 48.06 28.79 1.67
C LEU A 259 49.15 28.25 0.76
N GLU A 260 49.64 27.05 1.02
CA GLU A 260 50.64 26.41 0.17
C GLU A 260 50.04 25.46 -0.84
N GLN A 261 48.98 24.74 -0.47
CA GLN A 261 48.31 23.86 -1.43
C GLN A 261 47.62 24.66 -2.53
N ARG A 262 47.23 25.90 -2.23
CA ARG A 262 46.61 26.73 -3.25
C ARG A 262 47.58 27.07 -4.37
N ARG A 263 48.87 27.19 -4.05
CA ARG A 263 49.86 27.43 -5.09
C ARG A 263 49.90 26.25 -6.06
N ARG A 264 49.92 25.02 -5.54
CA ARG A 264 49.93 23.85 -6.40
C ARG A 264 48.63 23.72 -7.19
N ILE A 265 47.49 24.05 -6.57
CA ILE A 265 46.22 23.91 -7.28
C ILE A 265 46.12 24.95 -8.39
N LEU A 266 46.64 26.16 -8.15
CA LEU A 266 46.66 27.17 -9.22
C LEU A 266 47.64 26.80 -10.32
N GLU A 267 48.77 26.18 -9.96
CA GLU A 267 49.69 25.69 -10.98
C GLU A 267 49.03 24.61 -11.83
N LEU A 268 48.22 23.75 -11.20
CA LEU A 268 47.49 22.73 -11.95
C LEU A 268 46.45 23.37 -12.84
N VAL A 269 45.79 24.42 -12.37
CA VAL A 269 44.73 25.06 -13.16
C VAL A 269 45.31 25.80 -14.35
N LEU A 270 46.45 26.48 -14.16
CA LEU A 270 47.04 27.34 -15.18
C LEU A 270 47.83 26.56 -16.23
N ARG A 271 47.65 25.24 -16.33
CA ARG A 271 48.39 24.47 -17.32
C ARG A 271 47.99 24.85 -18.74
N GLY A 272 46.69 25.06 -18.98
CA GLY A 272 46.22 25.39 -20.30
C GLY A 272 45.91 26.85 -20.49
N THR A 273 45.80 27.59 -19.39
CA THR A 273 45.48 29.01 -19.45
C THR A 273 46.73 29.82 -19.77
N LYS A 274 46.55 30.82 -20.64
CA LYS A 274 47.64 31.71 -20.99
C LYS A 274 47.88 32.71 -19.86
N ARG A 275 49.13 32.82 -19.43
CA ARG A 275 49.49 33.69 -18.31
C ARG A 275 50.77 34.46 -18.63
N ASP A 276 50.89 34.94 -19.86
CA ASP A 276 52.08 35.71 -20.24
C ASP A 276 52.11 37.08 -19.55
N PRO A 277 51.09 37.94 -19.72
CA PRO A 277 51.22 39.30 -19.15
C PRO A 277 51.19 39.35 -17.64
N ASP A 278 50.36 38.54 -17.00
CA ASP A 278 50.20 38.65 -15.55
C ASP A 278 51.47 38.23 -14.82
N PHE A 279 51.61 38.72 -13.60
CA PHE A 279 52.80 38.49 -12.79
C PHE A 279 52.94 37.01 -12.44
N ASP A 280 54.13 36.65 -11.96
CA ASP A 280 54.42 35.27 -11.61
C ASP A 280 53.51 34.80 -10.49
N LEU A 281 53.27 33.49 -10.44
CA LEU A 281 52.26 32.95 -9.53
C LEU A 281 52.76 33.01 -8.09
N ASP A 282 52.77 34.21 -7.51
CA ASP A 282 53.10 34.40 -6.10
C ASP A 282 51.97 35.02 -5.31
N TYR A 283 51.45 36.16 -5.75
CA TYR A 283 50.39 36.84 -5.01
C TYR A 283 49.07 36.11 -5.10
N ILE A 284 48.92 35.20 -6.05
CA ILE A 284 47.71 34.38 -6.13
C ILE A 284 47.57 33.51 -4.90
N ALA A 285 48.68 33.19 -4.23
CA ALA A 285 48.65 32.41 -2.99
C ALA A 285 48.11 33.20 -1.81
N ARG A 286 47.86 34.51 -1.96
CA ARG A 286 47.29 35.32 -0.91
C ARG A 286 46.14 36.19 -1.37
N VAL A 287 45.77 36.16 -2.65
CA VAL A 287 44.69 37.01 -3.14
C VAL A 287 43.36 36.61 -2.52
N THR A 288 42.90 35.38 -2.77
CA THR A 288 41.69 34.85 -2.15
C THR A 288 42.04 34.02 -0.93
N ALA A 289 42.73 34.67 0.02
CA ALA A 289 43.17 33.99 1.23
C ALA A 289 41.97 33.57 2.09
N GLY A 290 40.84 34.26 1.96
CA GLY A 290 39.69 33.92 2.77
C GLY A 290 39.08 32.59 2.37
N MET A 291 38.77 32.42 1.08
CA MET A 291 38.11 31.21 0.63
C MET A 291 39.07 30.02 0.67
N SER A 292 38.56 28.86 1.07
CA SER A 292 39.41 27.69 1.27
C SER A 292 39.65 26.93 -0.04
N GLY A 293 38.61 26.34 -0.60
CA GLY A 293 38.80 25.51 -1.78
C GLY A 293 37.78 25.64 -2.89
N SER A 294 36.65 26.30 -2.63
CA SER A 294 35.55 26.30 -3.58
C SER A 294 35.63 27.47 -4.56
N ASP A 295 35.63 28.71 -4.03
CA ASP A 295 35.70 29.87 -4.91
C ASP A 295 37.01 29.92 -5.67
N ILE A 296 38.08 29.36 -5.10
CA ILE A 296 39.34 29.24 -5.84
C ILE A 296 39.13 28.37 -7.07
N LYS A 297 38.30 27.33 -6.95
CA LYS A 297 37.94 26.55 -8.13
C LYS A 297 37.06 27.36 -9.08
N GLU A 298 36.27 28.29 -8.55
CA GLU A 298 35.42 29.12 -9.39
C GLU A 298 36.18 30.31 -9.97
N THR A 299 37.19 30.82 -9.26
CA THR A 299 38.02 31.90 -9.76
C THR A 299 39.02 31.44 -10.80
N CYS A 300 39.04 30.15 -11.14
CA CYS A 300 39.89 29.68 -12.23
C CYS A 300 39.53 30.34 -13.55
N ARG A 301 38.26 30.67 -13.74
CA ARG A 301 37.80 31.37 -14.93
C ARG A 301 37.47 32.84 -14.66
N ASP A 302 37.46 33.27 -13.40
CA ASP A 302 37.17 34.66 -13.08
C ASP A 302 38.21 35.59 -13.70
N ALA A 303 39.46 35.46 -13.26
CA ALA A 303 40.55 36.24 -13.83
C ALA A 303 41.08 35.64 -15.13
N ALA A 304 40.51 34.54 -15.60
CA ALA A 304 40.99 33.90 -16.83
C ALA A 304 40.47 34.63 -18.06
N MET A 305 39.15 34.76 -18.19
CA MET A 305 38.59 35.45 -19.35
C MET A 305 38.75 36.96 -19.28
N ALA A 306 39.16 37.50 -18.12
CA ALA A 306 39.34 38.94 -17.98
C ALA A 306 40.26 39.54 -19.03
N PRO A 307 41.44 39.00 -19.30
CA PRO A 307 42.19 39.40 -20.49
C PRO A 307 41.71 38.74 -21.78
N MET A 308 40.59 38.05 -21.75
CA MET A 308 40.11 37.28 -22.89
C MET A 308 38.93 37.94 -23.62
N ARG A 309 38.21 38.86 -22.96
CA ARG A 309 37.11 39.55 -23.64
C ARG A 309 37.62 40.35 -24.83
N GLU A 310 38.66 41.15 -24.63
CA GLU A 310 39.19 41.96 -25.73
C GLU A 310 39.82 41.10 -26.81
N TYR A 311 40.37 39.94 -26.43
CA TYR A 311 40.99 39.06 -27.41
C TYR A 311 39.95 38.32 -28.25
N ILE A 312 38.74 38.11 -27.71
CA ILE A 312 37.70 37.43 -28.47
C ILE A 312 36.98 38.39 -29.40
N ARG A 313 36.71 39.62 -28.93
CA ARG A 313 36.02 40.59 -29.76
C ARG A 313 36.87 41.03 -30.95
N GLN A 314 38.18 41.05 -30.79
CA GLN A 314 39.07 41.48 -31.87
C GLN A 314 40.29 40.55 -31.96
N ARG B 20 -10.83 -14.43 -38.50
CA ARG B 20 -9.42 -14.42 -38.86
C ARG B 20 -9.26 -14.18 -40.36
N THR B 21 -10.19 -14.71 -41.15
CA THR B 21 -10.14 -14.51 -42.59
C THR B 21 -10.37 -13.04 -42.95
N ARG B 22 -11.32 -12.40 -42.28
CA ARG B 22 -11.52 -10.97 -42.47
C ARG B 22 -10.28 -10.18 -42.08
N ILE B 23 -9.62 -10.59 -41.00
CA ILE B 23 -8.40 -9.92 -40.55
C ILE B 23 -7.32 -10.02 -41.63
N LYS B 24 -7.10 -11.23 -42.15
CA LYS B 24 -6.07 -11.42 -43.15
C LYS B 24 -6.42 -10.70 -44.45
N ALA B 25 -7.71 -10.63 -44.81
CA ALA B 25 -8.10 -9.92 -46.01
C ALA B 25 -7.84 -8.42 -45.89
N GLN B 26 -8.28 -7.82 -44.77
CA GLN B 26 -8.01 -6.40 -44.55
C GLN B 26 -6.51 -6.13 -44.48
N GLU B 27 -5.75 -7.05 -43.90
CA GLU B 27 -4.30 -6.89 -43.85
C GLU B 27 -3.70 -6.92 -45.24
N ASN B 28 -4.18 -7.83 -46.09
CA ASN B 28 -3.69 -7.90 -47.46
C ASN B 28 -3.98 -6.60 -48.21
N LEU B 29 -5.20 -6.09 -48.07
CA LEU B 29 -5.55 -4.83 -48.73
C LEU B 29 -4.68 -3.68 -48.24
N ARG B 30 -4.52 -3.55 -46.93
CA ARG B 30 -3.73 -2.43 -46.39
C ARG B 30 -2.26 -2.55 -46.78
N ARG B 31 -1.69 -3.75 -46.71
CA ARG B 31 -0.29 -3.92 -47.05
C ARG B 31 -0.05 -3.74 -48.54
N ILE B 32 -1.01 -4.11 -49.38
CA ILE B 32 -0.88 -3.85 -50.81
C ILE B 32 -0.94 -2.35 -51.09
N ARG B 33 -1.90 -1.65 -50.49
CA ARG B 33 -2.00 -0.22 -50.71
C ARG B 33 -0.80 0.53 -50.15
N ARG B 34 -0.12 -0.03 -49.15
CA ARG B 34 1.14 0.55 -48.69
C ARG B 34 2.28 0.26 -49.67
N LYS B 35 2.47 -1.01 -50.03
CA LYS B 35 3.64 -1.40 -50.80
C LYS B 35 3.60 -0.82 -52.20
N GLN B 36 2.45 -0.91 -52.88
CA GLN B 36 2.36 -0.40 -54.24
C GLN B 36 2.53 1.12 -54.30
N ILE B 37 2.23 1.82 -53.22
CA ILE B 37 2.40 3.27 -53.17
C ILE B 37 1.51 3.96 -54.18
N ASP B 57 3.56 -6.29 -55.26
CA ASP B 57 4.43 -7.28 -54.64
C ASP B 57 4.04 -7.49 -53.18
N ASP B 58 3.33 -8.58 -52.90
CA ASP B 58 2.87 -8.89 -51.55
C ASP B 58 3.09 -10.37 -51.26
N LEU B 59 3.44 -10.66 -50.00
CA LEU B 59 3.68 -12.02 -49.54
C LEU B 59 2.82 -12.28 -48.30
N VAL B 60 2.04 -13.35 -48.34
CA VAL B 60 1.18 -13.72 -47.22
C VAL B 60 2.02 -14.45 -46.18
N LEU B 61 1.67 -14.25 -44.91
CA LEU B 61 2.43 -14.85 -43.81
C LEU B 61 1.52 -15.40 -42.73
N ASN B 62 2.10 -15.75 -41.58
CA ASN B 62 1.37 -16.43 -40.53
C ASN B 62 0.24 -15.56 -39.98
N GLU B 63 -0.83 -16.22 -39.53
CA GLU B 63 -1.98 -15.51 -38.98
C GLU B 63 -1.62 -14.82 -37.67
N TYR B 64 -0.93 -15.53 -36.79
CA TYR B 64 -0.46 -14.90 -35.55
C TYR B 64 0.51 -13.75 -35.84
N GLU B 65 1.22 -13.81 -36.96
CA GLU B 65 1.98 -12.69 -37.47
C GLU B 65 1.15 -11.82 -38.41
N ASN B 66 -0.13 -12.14 -38.60
CA ASN B 66 -0.98 -11.45 -39.56
C ASN B 66 -1.75 -10.30 -38.93
N GLN B 67 -1.83 -10.25 -37.60
CA GLN B 67 -2.66 -9.24 -36.94
C GLN B 67 -1.97 -7.89 -36.85
N VAL B 68 -0.68 -7.88 -36.49
CA VAL B 68 0.05 -6.62 -36.39
C VAL B 68 0.17 -5.94 -37.75
N ALA B 69 0.11 -6.70 -38.83
CA ALA B 69 0.20 -6.14 -40.18
C ALA B 69 -1.08 -5.45 -40.63
N LEU B 70 -2.11 -5.39 -39.76
CA LEU B 70 -3.29 -4.57 -40.01
C LEU B 70 -3.07 -3.10 -39.71
N GLU B 71 -1.81 -2.68 -39.53
CA GLU B 71 -1.51 -1.36 -39.00
C GLU B 71 -0.46 -0.66 -39.86
N VAL B 72 -0.27 -1.13 -41.09
CA VAL B 72 0.75 -0.58 -41.99
C VAL B 72 0.14 0.69 -42.59
N VAL B 73 0.45 1.83 -41.97
CA VAL B 73 -0.16 3.10 -42.37
C VAL B 73 0.36 3.51 -43.73
N ALA B 74 -0.54 4.02 -44.58
CA ALA B 74 -0.17 4.44 -45.91
C ALA B 74 0.47 5.83 -45.89
N PRO B 75 1.27 6.16 -46.90
CA PRO B 75 1.97 7.46 -46.86
C PRO B 75 1.07 8.63 -47.16
N GLU B 76 0.14 8.48 -48.11
CA GLU B 76 -0.78 9.56 -48.46
C GLU B 76 -1.90 9.73 -47.43
N ASP B 77 -1.95 8.89 -46.40
CA ASP B 77 -3.00 9.01 -45.41
C ASP B 77 -2.74 10.19 -44.48
N ILE B 78 -1.48 10.39 -44.08
CA ILE B 78 -1.15 11.48 -43.17
C ILE B 78 -1.20 12.81 -43.92
N PRO B 79 -1.83 13.85 -43.37
CA PRO B 79 -1.90 15.14 -44.07
C PRO B 79 -0.64 15.97 -43.91
N VAL B 80 0.01 15.87 -42.76
CA VAL B 80 1.06 16.82 -42.40
C VAL B 80 2.35 16.50 -43.13
N GLY B 81 3.18 17.53 -43.31
CA GLY B 81 4.51 17.38 -43.85
C GLY B 81 5.54 18.03 -42.95
N PHE B 82 6.79 18.16 -43.40
CA PHE B 82 7.80 18.82 -42.58
C PHE B 82 7.46 20.28 -42.35
N ASN B 83 7.05 20.99 -43.41
CA ASN B 83 6.76 22.41 -43.29
C ASN B 83 5.60 22.70 -42.34
N ASP B 84 4.71 21.72 -42.12
CA ASP B 84 3.62 21.94 -41.18
C ASP B 84 4.14 22.12 -39.76
N ILE B 85 5.21 21.40 -39.38
CA ILE B 85 5.83 21.64 -38.10
C ILE B 85 6.40 23.06 -38.08
N GLY B 86 6.44 23.66 -36.89
CA GLY B 86 6.91 25.03 -36.75
C GLY B 86 8.39 25.20 -37.02
N GLY B 87 8.97 26.25 -36.43
CA GLY B 87 10.35 26.61 -36.71
C GLY B 87 11.38 25.88 -35.89
N LEU B 88 11.12 24.60 -35.59
CA LEU B 88 12.08 23.79 -34.85
C LEU B 88 13.36 23.62 -35.66
N ASP B 89 13.25 22.96 -36.83
CA ASP B 89 14.22 22.90 -37.94
C ASP B 89 15.66 22.61 -37.49
N ASP B 90 15.84 22.06 -36.29
CA ASP B 90 17.11 21.53 -35.83
C ASP B 90 17.01 20.06 -35.45
N ILE B 91 16.01 19.71 -34.64
CA ILE B 91 15.76 18.31 -34.35
C ILE B 91 15.27 17.59 -35.60
N ILE B 92 14.41 18.23 -36.37
CA ILE B 92 14.01 17.66 -37.66
C ILE B 92 15.19 17.58 -38.60
N GLU B 93 16.14 18.52 -38.48
CA GLU B 93 17.37 18.43 -39.25
C GLU B 93 18.16 17.19 -38.87
N GLU B 94 18.29 16.92 -37.57
CA GLU B 94 19.01 15.73 -37.13
C GLU B 94 18.31 14.46 -37.60
N LEU B 95 16.97 14.44 -37.55
CA LEU B 95 16.22 13.32 -38.09
C LEU B 95 16.55 13.10 -39.57
N LYS B 96 16.31 14.13 -40.40
CA LYS B 96 16.55 14.03 -41.83
C LYS B 96 18.02 13.73 -42.16
N GLU B 97 18.93 14.02 -41.24
CA GLU B 97 20.36 13.82 -41.48
C GLU B 97 20.86 12.46 -41.01
N THR B 98 20.20 11.83 -40.06
CA THR B 98 20.73 10.58 -39.52
C THR B 98 19.78 9.40 -39.62
N ILE B 99 18.47 9.61 -39.41
CA ILE B 99 17.55 8.48 -39.34
C ILE B 99 16.98 8.11 -40.70
N ILE B 100 16.79 9.09 -41.60
CA ILE B 100 16.08 8.84 -42.85
C ILE B 100 17.06 8.50 -43.97
N TYR B 101 18.30 8.99 -43.86
CA TYR B 101 19.29 8.70 -44.88
C TYR B 101 19.58 7.21 -45.02
N PRO B 102 19.90 6.48 -43.94
CA PRO B 102 20.13 5.03 -44.11
C PRO B 102 18.91 4.28 -44.61
N LEU B 103 17.71 4.74 -44.27
CA LEU B 103 16.49 4.06 -44.71
C LEU B 103 16.17 4.31 -46.18
N THR B 104 16.85 5.25 -46.82
CA THR B 104 16.62 5.53 -48.23
C THR B 104 17.00 4.34 -49.10
N ALA B 117 25.18 2.39 -40.59
CA ALA B 117 23.77 2.48 -40.92
C ALA B 117 23.01 3.27 -39.86
N ALA B 118 21.69 3.34 -40.01
CA ALA B 118 20.87 4.09 -39.06
C ALA B 118 20.86 3.39 -37.71
N PRO B 119 20.98 4.13 -36.62
CA PRO B 119 20.92 3.51 -35.28
C PRO B 119 19.56 2.90 -35.02
N SER B 120 19.51 2.09 -33.97
CA SER B 120 18.29 1.41 -33.54
C SER B 120 17.85 2.01 -32.22
N GLY B 121 16.72 2.71 -32.23
CA GLY B 121 16.22 3.35 -31.03
C GLY B 121 16.32 4.87 -31.09
N VAL B 122 15.19 5.52 -31.30
CA VAL B 122 15.13 6.98 -31.38
C VAL B 122 13.99 7.43 -30.49
N LEU B 123 14.32 8.00 -29.33
CA LEU B 123 13.34 8.37 -28.33
C LEU B 123 13.06 9.86 -28.35
N LEU B 124 11.79 10.22 -28.24
CA LEU B 124 11.39 11.62 -28.11
C LEU B 124 11.35 11.99 -26.64
N TYR B 125 11.66 13.26 -26.35
CA TYR B 125 11.94 13.69 -24.99
C TYR B 125 11.04 14.80 -24.47
N GLY B 126 10.44 15.61 -25.35
CA GLY B 126 9.74 16.80 -24.94
C GLY B 126 8.54 16.57 -24.05
N PRO B 127 8.17 17.60 -23.29
CA PRO B 127 6.98 17.51 -22.44
C PRO B 127 5.72 17.52 -23.29
N PRO B 128 4.54 17.35 -22.69
CA PRO B 128 3.31 17.20 -23.50
C PRO B 128 2.96 18.50 -24.21
N GLY B 129 2.75 18.40 -25.52
CA GLY B 129 2.33 19.52 -26.32
C GLY B 129 3.42 20.24 -27.08
N CYS B 130 4.60 19.63 -27.22
CA CYS B 130 5.72 20.30 -27.89
C CYS B 130 5.91 19.87 -29.34
N GLY B 131 5.35 18.74 -29.75
CA GLY B 131 5.48 18.31 -31.13
C GLY B 131 6.09 16.94 -31.30
N LYS B 132 6.01 16.10 -30.28
CA LYS B 132 6.56 14.75 -30.37
C LYS B 132 5.75 13.91 -31.36
N THR B 133 4.45 13.77 -31.12
CA THR B 133 3.61 13.02 -32.05
C THR B 133 3.54 13.70 -33.40
N MET B 134 3.62 15.04 -33.44
CA MET B 134 3.66 15.73 -34.72
C MET B 134 4.94 15.39 -35.49
N LEU B 135 6.07 15.33 -34.79
CA LEU B 135 7.32 14.95 -35.43
C LEU B 135 7.25 13.52 -35.94
N ALA B 136 6.71 12.61 -35.12
CA ALA B 136 6.57 11.23 -35.55
C ALA B 136 5.62 11.11 -36.74
N LYS B 137 4.60 11.96 -36.79
CA LYS B 137 3.66 11.94 -37.91
C LYS B 137 4.34 12.41 -39.19
N ALA B 138 5.13 13.48 -39.12
CA ALA B 138 5.89 13.92 -40.28
C ALA B 138 6.88 12.85 -40.72
N VAL B 139 7.48 12.14 -39.76
CA VAL B 139 8.39 11.05 -40.10
C VAL B 139 7.64 9.95 -40.84
N ALA B 140 6.47 9.57 -40.33
CA ALA B 140 5.68 8.55 -40.99
C ALA B 140 5.24 8.98 -42.38
N HIS B 141 5.04 10.28 -42.59
CA HIS B 141 4.56 10.74 -43.89
C HIS B 141 5.68 10.80 -44.93
N GLU B 142 6.85 11.36 -44.56
CA GLU B 142 7.97 11.46 -45.49
C GLU B 142 9.12 10.52 -45.14
N SER B 143 8.82 9.31 -44.64
CA SER B 143 9.89 8.40 -44.30
C SER B 143 10.38 7.61 -45.52
N GLY B 144 9.47 7.24 -46.40
CA GLY B 144 9.80 6.34 -47.49
C GLY B 144 9.81 4.88 -47.12
N ALA B 145 9.90 4.56 -45.84
CA ALA B 145 9.83 3.18 -45.36
C ALA B 145 8.37 2.76 -45.25
N SER B 146 8.11 1.64 -44.59
CA SER B 146 6.76 1.19 -44.29
C SER B 146 6.53 1.43 -42.79
N PHE B 147 6.08 2.64 -42.47
CA PHE B 147 5.84 3.03 -41.07
C PHE B 147 4.77 2.14 -40.46
N ILE B 148 5.15 1.29 -39.52
CA ILE B 148 4.21 0.41 -38.82
C ILE B 148 4.19 0.83 -37.35
N ASN B 149 3.03 1.28 -36.89
CA ASN B 149 2.84 1.68 -35.50
C ASN B 149 2.64 0.40 -34.68
N LEU B 150 2.21 0.54 -33.43
CA LEU B 150 1.90 -0.62 -32.59
C LEU B 150 0.46 -0.66 -32.12
N HIS B 151 -0.08 0.43 -31.59
CA HIS B 151 -1.38 0.36 -30.92
C HIS B 151 -1.33 -0.67 -29.79
N ILE B 152 -0.66 -0.29 -28.68
CA ILE B 152 -0.19 -1.15 -27.60
C ILE B 152 -1.13 -2.30 -27.24
N SER B 153 -2.45 -2.08 -27.38
CA SER B 153 -3.40 -3.16 -27.19
C SER B 153 -3.12 -4.34 -28.12
N THR B 154 -2.56 -4.07 -29.30
CA THR B 154 -2.21 -5.17 -30.20
C THR B 154 -1.17 -6.09 -29.60
N LEU B 155 -0.32 -5.58 -28.73
CA LEU B 155 0.68 -6.41 -28.06
C LEU B 155 0.03 -7.26 -26.98
N THR B 156 -0.64 -6.62 -26.02
CA THR B 156 -1.18 -7.32 -24.87
C THR B 156 -2.39 -8.18 -25.23
N GLU B 157 -2.17 -9.47 -25.44
CA GLU B 157 -3.23 -10.42 -25.69
C GLU B 157 -3.48 -11.24 -24.42
N LYS B 158 -4.74 -11.57 -24.17
CA LYS B 158 -5.12 -12.29 -22.94
C LYS B 158 -5.00 -13.79 -23.18
N TRP B 159 -3.81 -14.20 -23.59
CA TRP B 159 -3.50 -15.61 -23.79
C TRP B 159 -2.04 -15.85 -23.42
N TYR B 160 -1.74 -17.08 -23.02
CA TYR B 160 -0.41 -17.38 -22.51
C TYR B 160 0.64 -17.30 -23.63
N GLY B 161 0.37 -17.92 -24.77
CA GLY B 161 1.35 -17.99 -25.83
C GLY B 161 1.12 -17.01 -26.96
N ASP B 162 0.33 -15.97 -26.70
CA ASP B 162 0.07 -14.94 -27.70
C ASP B 162 0.66 -13.59 -27.34
N SER B 163 0.94 -13.33 -26.06
CA SER B 163 1.43 -12.03 -25.63
C SER B 163 2.83 -11.73 -26.15
N ASN B 164 3.61 -12.76 -26.48
CA ASN B 164 4.94 -12.59 -27.06
C ASN B 164 5.00 -13.01 -28.53
N LYS B 165 4.08 -13.88 -28.95
CA LYS B 165 3.96 -14.20 -30.37
C LYS B 165 3.66 -12.95 -31.18
N ILE B 166 2.90 -12.00 -30.63
CA ILE B 166 2.56 -10.80 -31.37
C ILE B 166 3.78 -9.89 -31.51
N VAL B 167 4.64 -9.84 -30.50
CA VAL B 167 5.85 -9.04 -30.61
C VAL B 167 6.84 -9.67 -31.59
N ARG B 168 6.97 -10.99 -31.54
CA ARG B 168 7.75 -11.69 -32.56
C ARG B 168 7.20 -11.43 -33.95
N ALA B 169 5.87 -11.36 -34.08
CA ALA B 169 5.26 -11.05 -35.36
C ALA B 169 5.62 -9.64 -35.82
N VAL B 170 5.61 -8.68 -34.89
CA VAL B 170 5.98 -7.30 -35.22
C VAL B 170 7.41 -7.25 -35.74
N PHE B 171 8.34 -7.89 -35.03
CA PHE B 171 9.73 -7.87 -35.47
C PHE B 171 9.91 -8.61 -36.79
N SER B 172 9.22 -9.73 -36.98
CA SER B 172 9.35 -10.48 -38.22
C SER B 172 8.79 -9.69 -39.40
N LEU B 173 7.72 -8.94 -39.18
CA LEU B 173 7.17 -8.11 -40.26
C LEU B 173 8.08 -6.92 -40.56
N ALA B 174 8.67 -6.31 -39.52
CA ALA B 174 9.61 -5.23 -39.74
C ALA B 174 10.84 -5.72 -40.49
N LYS B 175 11.27 -6.96 -40.25
CA LYS B 175 12.43 -7.50 -40.94
C LYS B 175 12.09 -8.02 -42.33
N LYS B 176 10.84 -8.43 -42.56
CA LYS B 176 10.48 -9.00 -43.85
C LYS B 176 10.56 -7.96 -44.96
N LEU B 177 9.97 -6.79 -44.75
CA LEU B 177 10.01 -5.70 -45.71
C LEU B 177 10.86 -4.56 -45.14
N GLN B 178 11.76 -4.04 -45.96
CA GLN B 178 12.70 -3.01 -45.53
C GLN B 178 12.62 -1.82 -46.46
N PRO B 179 12.77 -0.59 -45.93
CA PRO B 179 12.96 -0.35 -44.49
C PRO B 179 11.65 -0.43 -43.72
N SER B 180 11.67 0.00 -42.46
CA SER B 180 10.48 -0.03 -41.62
C SER B 180 10.75 0.80 -40.37
N ILE B 181 9.68 1.14 -39.67
CA ILE B 181 9.76 1.87 -38.40
C ILE B 181 8.75 1.27 -37.45
N ILE B 182 9.12 1.15 -36.18
CA ILE B 182 8.33 0.43 -35.18
C ILE B 182 7.89 1.42 -34.10
N PHE B 183 7.56 2.64 -34.53
CA PHE B 183 7.13 3.71 -33.61
C PHE B 183 6.10 3.23 -32.60
N ILE B 184 6.36 3.56 -31.34
CA ILE B 184 5.53 3.12 -30.21
C ILE B 184 5.13 4.38 -29.45
N ASP B 185 3.89 4.81 -29.62
CA ASP B 185 3.41 5.99 -28.90
C ASP B 185 3.47 5.87 -27.38
N GLN B 186 4.12 6.85 -26.75
CA GLN B 186 4.37 6.79 -25.30
C GLN B 186 4.89 5.40 -24.84
N ILE B 187 6.19 5.22 -25.11
CA ILE B 187 6.84 3.94 -24.86
C ILE B 187 7.08 3.72 -23.38
N ASP B 188 6.76 4.71 -22.53
CA ASP B 188 6.88 4.57 -21.09
C ASP B 188 5.75 3.75 -20.48
N ALA B 189 4.85 3.20 -21.30
CA ALA B 189 3.74 2.39 -20.81
C ALA B 189 3.90 0.93 -21.18
N VAL B 190 4.24 0.64 -22.44
CA VAL B 190 4.48 -0.74 -22.85
C VAL B 190 5.88 -1.23 -22.48
N LEU B 191 6.82 -0.31 -22.22
CA LEU B 191 8.17 -0.64 -21.77
C LEU B 191 8.41 0.13 -20.48
N GLY B 192 8.08 -0.48 -19.34
CA GLY B 192 8.26 0.13 -18.04
C GLY B 192 9.22 -0.42 -17.02
N THR B 193 9.24 0.25 -15.87
CA THR B 193 10.13 -0.15 -14.77
C THR B 193 9.62 -1.41 -14.08
N ALA B 201 3.08 -11.85 -17.67
CA ALA B 201 3.24 -11.64 -19.11
C ALA B 201 3.90 -10.34 -19.53
N SER B 202 3.73 -9.30 -18.69
CA SER B 202 4.37 -8.02 -18.97
C SER B 202 5.88 -8.15 -18.99
N GLY B 203 6.44 -8.90 -18.04
CA GLY B 203 7.87 -9.15 -18.04
C GLY B 203 8.32 -9.92 -19.28
N MET B 204 7.52 -10.90 -19.70
CA MET B 204 7.84 -11.66 -20.90
C MET B 204 7.88 -10.77 -22.13
N VAL B 205 6.88 -9.90 -22.27
CA VAL B 205 6.86 -8.96 -23.40
C VAL B 205 8.05 -8.04 -23.35
N LYS B 206 8.32 -7.44 -22.18
CA LYS B 206 9.43 -6.52 -22.04
C LYS B 206 10.76 -7.18 -22.38
N ALA B 207 10.95 -8.43 -21.95
CA ALA B 207 12.19 -9.15 -22.22
C ALA B 207 12.13 -9.53 -23.69
N GLU B 208 10.97 -10.02 -24.15
CA GLU B 208 10.84 -10.45 -25.54
C GLU B 208 11.25 -9.33 -26.54
N PHE B 209 10.84 -8.11 -26.19
CA PHE B 209 11.26 -6.94 -26.94
C PHE B 209 12.74 -6.68 -27.20
N MET B 210 13.53 -6.52 -26.14
CA MET B 210 14.94 -6.18 -26.36
C MET B 210 15.75 -7.41 -26.75
N THR B 211 15.21 -8.61 -26.53
CA THR B 211 15.87 -9.79 -27.09
C THR B 211 15.74 -9.79 -28.61
N LEU B 212 14.56 -9.46 -29.12
CA LEU B 212 14.41 -9.26 -30.56
C LEU B 212 14.88 -7.89 -31.00
N TRP B 213 15.30 -7.04 -30.06
CA TRP B 213 15.80 -5.71 -30.41
C TRP B 213 17.05 -5.80 -31.27
N ASP B 214 18.06 -6.55 -30.80
CA ASP B 214 19.33 -6.66 -31.51
C ASP B 214 19.18 -7.63 -32.68
N GLY B 215 18.51 -7.15 -33.71
CA GLY B 215 18.28 -7.93 -34.91
C GLY B 215 18.15 -7.10 -36.16
N VAL B 224 24.88 -5.02 -43.61
CA VAL B 224 23.59 -4.33 -43.47
C VAL B 224 22.81 -4.89 -42.27
N PRO B 225 22.64 -4.07 -41.23
CA PRO B 225 21.91 -4.53 -40.04
C PRO B 225 20.40 -4.45 -40.19
N ASN B 226 19.88 -4.87 -41.35
CA ASN B 226 18.44 -5.05 -41.57
C ASN B 226 17.67 -3.73 -41.70
N ARG B 227 18.32 -2.61 -41.43
CA ARG B 227 17.75 -1.28 -41.63
C ARG B 227 16.45 -1.04 -40.85
N ILE B 228 16.27 -1.69 -39.71
CA ILE B 228 15.12 -1.42 -38.85
C ILE B 228 15.50 -0.36 -37.83
N VAL B 229 14.59 0.58 -37.60
CA VAL B 229 14.78 1.65 -36.62
C VAL B 229 13.49 1.82 -35.83
N VAL B 230 13.59 1.77 -34.51
CA VAL B 230 12.45 1.93 -33.62
C VAL B 230 12.46 3.35 -33.06
N LEU B 231 11.29 3.96 -32.95
CA LEU B 231 11.18 5.33 -32.50
C LEU B 231 10.12 5.42 -31.41
N GLY B 232 10.50 5.96 -30.25
CA GLY B 232 9.59 6.14 -29.14
C GLY B 232 9.31 7.61 -28.91
N ALA B 233 8.10 7.90 -28.43
CA ALA B 233 7.64 9.27 -28.25
C ALA B 233 7.06 9.48 -26.87
N THR B 234 7.78 9.03 -25.85
CA THR B 234 7.34 9.25 -24.47
C THR B 234 7.42 10.74 -24.13
N ASN B 235 6.53 11.17 -23.25
CA ASN B 235 6.50 12.55 -22.79
C ASN B 235 7.13 12.74 -21.41
N ARG B 236 7.76 11.70 -20.87
CA ARG B 236 8.31 11.75 -19.52
C ARG B 236 9.67 11.06 -19.51
N ILE B 237 10.62 11.64 -18.79
CA ILE B 237 11.94 11.07 -18.65
C ILE B 237 12.11 10.60 -17.21
N ASN B 238 13.23 9.94 -16.93
CA ASN B 238 13.67 9.40 -15.64
C ASN B 238 12.60 8.54 -14.94
N ASP B 239 11.63 8.04 -15.69
CA ASP B 239 10.61 7.14 -15.18
C ASP B 239 10.29 6.05 -16.20
N ILE B 240 11.16 5.87 -17.20
CA ILE B 240 10.87 5.08 -18.39
C ILE B 240 12.03 4.14 -18.66
N ASP B 241 11.74 2.84 -18.65
CA ASP B 241 12.50 1.75 -19.30
C ASP B 241 14.01 1.95 -19.28
N GLU B 242 14.55 2.04 -18.05
CA GLU B 242 15.98 2.29 -17.89
C GLU B 242 16.84 1.20 -18.54
N ALA B 243 16.31 -0.01 -18.68
CA ALA B 243 17.06 -1.07 -19.34
C ALA B 243 17.22 -0.76 -20.83
N ILE B 244 16.10 -0.56 -21.54
CA ILE B 244 16.15 -0.26 -22.97
C ILE B 244 16.41 1.22 -23.24
N LEU B 245 16.42 2.07 -22.20
CA LEU B 245 16.69 3.48 -22.41
C LEU B 245 18.09 3.69 -22.97
N ARG B 246 19.10 3.17 -22.30
CA ARG B 246 20.47 3.28 -22.80
C ARG B 246 20.70 2.45 -24.05
N ARG B 247 19.88 1.42 -24.28
CA ARG B 247 20.07 0.57 -25.45
C ARG B 247 19.80 1.34 -26.74
N MET B 248 18.87 2.28 -26.71
CA MET B 248 18.66 3.17 -27.85
C MET B 248 19.63 4.34 -27.77
N PRO B 249 20.50 4.53 -28.76
CA PRO B 249 21.60 5.50 -28.61
C PRO B 249 21.14 6.94 -28.50
N LYS B 250 20.33 7.39 -29.46
CA LYS B 250 19.98 8.80 -29.57
C LYS B 250 18.66 9.09 -28.87
N GLN B 251 18.59 10.24 -28.22
CA GLN B 251 17.37 10.75 -27.61
C GLN B 251 17.30 12.24 -27.90
N PHE B 252 16.15 12.68 -28.41
CA PHE B 252 16.02 14.05 -28.91
C PHE B 252 15.16 14.88 -27.98
N PRO B 253 15.73 15.82 -27.24
CA PRO B 253 14.90 16.65 -26.34
C PRO B 253 14.08 17.65 -27.14
N VAL B 254 12.78 17.66 -26.87
CA VAL B 254 11.85 18.56 -27.55
C VAL B 254 11.44 19.67 -26.59
N PRO B 255 12.18 20.78 -26.55
CA PRO B 255 11.85 21.84 -25.59
C PRO B 255 10.61 22.63 -25.99
N LEU B 256 10.30 23.66 -25.23
CA LEU B 256 9.14 24.50 -25.51
C LEU B 256 9.49 25.56 -26.55
N PRO B 257 8.49 26.19 -27.15
CA PRO B 257 8.76 27.17 -28.21
C PRO B 257 9.46 28.41 -27.69
N GLY B 258 10.40 28.91 -28.48
CA GLY B 258 11.08 30.16 -28.21
C GLY B 258 10.50 31.30 -29.01
N LEU B 259 11.30 32.36 -29.18
CA LEU B 259 10.84 33.54 -29.89
C LEU B 259 10.57 33.23 -31.36
N GLU B 260 11.61 32.83 -32.09
CA GLU B 260 11.41 32.42 -33.48
C GLU B 260 10.49 31.21 -33.56
N GLN B 261 10.56 30.32 -32.59
CA GLN B 261 9.70 29.14 -32.58
C GLN B 261 8.23 29.54 -32.43
N ARG B 262 7.94 30.41 -31.45
CA ARG B 262 6.56 30.85 -31.27
C ARG B 262 6.07 31.63 -32.49
N ARG B 263 6.94 32.44 -33.09
CA ARG B 263 6.57 33.14 -34.32
C ARG B 263 6.21 32.16 -35.42
N ARG B 264 6.97 31.07 -35.54
CA ARG B 264 6.68 30.08 -36.58
C ARG B 264 5.38 29.34 -36.30
N ILE B 265 5.14 28.96 -35.04
CA ILE B 265 3.88 28.31 -34.68
C ILE B 265 2.70 29.22 -35.02
N LEU B 266 2.79 30.50 -34.65
CA LEU B 266 1.68 31.40 -34.94
C LEU B 266 1.48 31.59 -36.44
N GLU B 267 2.56 31.87 -37.17
CA GLU B 267 2.45 32.08 -38.61
C GLU B 267 2.01 30.84 -39.37
N LEU B 268 2.24 29.65 -38.81
CA LEU B 268 1.82 28.42 -39.47
C LEU B 268 0.38 28.06 -39.13
N VAL B 269 -0.04 28.27 -37.88
CA VAL B 269 -1.41 27.96 -37.51
C VAL B 269 -2.38 28.95 -38.17
N LEU B 270 -2.04 30.25 -38.13
CA LEU B 270 -2.86 31.26 -38.80
C LEU B 270 -2.54 31.25 -40.30
N ARG B 271 -3.06 30.23 -40.98
CA ARG B 271 -2.86 30.05 -42.41
C ARG B 271 -4.14 30.20 -43.22
N GLY B 272 -5.23 29.60 -42.76
CA GLY B 272 -6.48 29.66 -43.49
C GLY B 272 -7.30 30.90 -43.19
N THR B 273 -7.36 31.28 -41.91
CA THR B 273 -8.12 32.46 -41.52
C THR B 273 -7.49 33.71 -42.10
N LYS B 274 -8.33 34.71 -42.36
CA LYS B 274 -7.86 35.98 -42.90
C LYS B 274 -6.91 36.66 -41.92
N ARG B 275 -6.21 37.67 -42.43
CA ARG B 275 -5.14 38.33 -41.69
C ARG B 275 -5.65 39.35 -40.66
N ASP B 276 -6.96 39.46 -40.47
CA ASP B 276 -7.53 40.36 -39.47
C ASP B 276 -8.56 39.65 -38.60
N PRO B 277 -8.13 38.64 -37.82
CA PRO B 277 -9.03 38.09 -36.80
C PRO B 277 -8.96 38.92 -35.53
N ASP B 278 -7.81 39.54 -35.32
CA ASP B 278 -7.53 40.33 -34.12
C ASP B 278 -6.58 41.46 -34.53
N PHE B 279 -5.91 42.06 -33.55
CA PHE B 279 -5.04 43.20 -33.83
C PHE B 279 -3.92 42.82 -34.80
N ASP B 280 -3.06 41.89 -34.40
CA ASP B 280 -1.91 41.52 -35.22
C ASP B 280 -1.26 40.28 -34.61
N LEU B 281 -0.44 39.60 -35.41
CA LEU B 281 0.24 38.39 -34.96
C LEU B 281 1.56 38.68 -34.27
N ASP B 282 2.23 39.78 -34.61
CA ASP B 282 3.51 40.09 -33.98
C ASP B 282 3.35 40.37 -32.49
N TYR B 283 2.27 41.06 -32.10
CA TYR B 283 2.05 41.35 -30.70
C TYR B 283 1.65 40.09 -29.93
N ILE B 284 0.89 39.20 -30.56
CA ILE B 284 0.43 38.00 -29.86
C ILE B 284 1.60 37.07 -29.55
N ALA B 285 2.64 37.08 -30.38
CA ALA B 285 3.82 36.25 -30.14
C ALA B 285 4.82 36.97 -29.22
N ARG B 286 4.32 37.45 -28.08
CA ARG B 286 5.15 38.14 -27.10
C ARG B 286 4.84 37.60 -25.71
N VAL B 287 3.63 37.08 -25.53
CA VAL B 287 3.17 36.57 -24.24
C VAL B 287 3.04 35.05 -24.25
N THR B 288 3.38 34.41 -25.37
CA THR B 288 3.26 32.96 -25.51
C THR B 288 4.53 32.23 -25.08
N ALA B 289 5.32 32.82 -24.20
CA ALA B 289 6.54 32.18 -23.73
C ALA B 289 6.28 31.06 -22.73
N GLY B 290 5.16 31.10 -22.02
CA GLY B 290 4.86 30.09 -21.02
C GLY B 290 4.12 28.88 -21.57
N MET B 291 3.06 29.13 -22.33
CA MET B 291 2.23 28.06 -22.85
C MET B 291 3.01 27.16 -23.79
N SER B 292 2.54 25.92 -23.92
CA SER B 292 3.19 24.93 -24.75
C SER B 292 2.73 25.09 -26.19
N GLY B 293 3.06 24.11 -27.04
CA GLY B 293 2.67 24.17 -28.44
C GLY B 293 1.20 23.84 -28.70
N SER B 294 0.54 23.20 -27.75
CA SER B 294 -0.89 22.90 -27.89
C SER B 294 -1.76 24.01 -27.32
N ASP B 295 -1.36 24.59 -26.19
CA ASP B 295 -2.11 25.72 -25.64
C ASP B 295 -2.08 26.91 -26.59
N ILE B 296 -0.98 27.09 -27.32
CA ILE B 296 -0.93 28.17 -28.30
C ILE B 296 -1.92 27.92 -29.42
N LYS B 297 -2.03 26.66 -29.87
CA LYS B 297 -3.03 26.35 -30.89
C LYS B 297 -4.44 26.56 -30.36
N GLU B 298 -4.67 26.23 -29.09
CA GLU B 298 -6.00 26.42 -28.52
C GLU B 298 -6.36 27.90 -28.43
N THR B 299 -5.40 28.73 -28.00
CA THR B 299 -5.65 30.17 -27.98
C THR B 299 -5.88 30.71 -29.39
N CYS B 300 -5.13 30.21 -30.36
CA CYS B 300 -5.30 30.66 -31.73
C CYS B 300 -6.67 30.29 -32.28
N ARG B 301 -7.13 29.06 -31.99
CA ARG B 301 -8.45 28.65 -32.48
C ARG B 301 -9.56 29.38 -31.76
N ASP B 302 -9.38 29.66 -30.47
CA ASP B 302 -10.36 30.46 -29.74
C ASP B 302 -10.45 31.87 -30.32
N ALA B 303 -9.30 32.42 -30.74
CA ALA B 303 -9.32 33.73 -31.38
C ALA B 303 -10.00 33.67 -32.74
N ALA B 304 -9.74 32.60 -33.50
CA ALA B 304 -10.38 32.45 -34.80
C ALA B 304 -11.89 32.29 -34.68
N MET B 305 -12.35 31.64 -33.61
CA MET B 305 -13.78 31.47 -33.38
C MET B 305 -14.48 32.79 -33.06
N ALA B 306 -13.74 33.85 -32.74
CA ALA B 306 -14.39 35.11 -32.39
C ALA B 306 -15.14 35.71 -33.56
N PRO B 307 -14.57 35.86 -34.76
CA PRO B 307 -15.35 36.42 -35.88
C PRO B 307 -16.52 35.54 -36.26
N MET B 308 -16.35 34.23 -36.30
CA MET B 308 -17.47 33.34 -36.62
C MET B 308 -18.55 33.42 -35.56
N ARG B 309 -18.15 33.47 -34.28
CA ARG B 309 -19.12 33.61 -33.20
C ARG B 309 -19.91 34.90 -33.35
N GLU B 310 -19.22 36.02 -33.59
CA GLU B 310 -19.90 37.30 -33.73
C GLU B 310 -20.84 37.29 -34.92
N TYR B 311 -20.41 36.72 -36.04
CA TYR B 311 -21.26 36.70 -37.23
C TYR B 311 -22.49 35.83 -37.00
N ILE B 312 -22.33 34.66 -36.39
CA ILE B 312 -23.48 33.80 -36.15
C ILE B 312 -24.43 34.45 -35.16
N ARG B 313 -23.90 35.14 -34.15
CA ARG B 313 -24.76 35.82 -33.19
C ARG B 313 -25.53 36.97 -33.85
N GLN B 314 -24.88 37.70 -34.74
CA GLN B 314 -25.57 38.77 -35.46
C GLN B 314 -26.62 38.20 -36.42
N HIS B 315 -26.36 37.02 -36.98
CA HIS B 315 -27.29 36.42 -37.92
C HIS B 315 -28.45 35.71 -37.22
N ARG B 316 -28.31 35.41 -35.93
CA ARG B 316 -29.40 34.79 -35.17
C ARG B 316 -30.66 35.64 -35.16
N ALA B 317 -30.56 36.94 -35.42
CA ALA B 317 -31.73 37.82 -35.39
C ALA B 317 -32.76 37.40 -36.43
N SER B 318 -32.32 37.02 -37.63
CA SER B 318 -33.23 36.63 -38.69
C SER B 318 -32.49 35.90 -39.78
N GLY B 319 -33.25 35.20 -40.62
CA GLY B 319 -32.69 34.50 -41.76
C GLY B 319 -32.17 33.12 -41.40
N LYS B 320 -31.98 32.31 -42.44
CA LYS B 320 -31.44 30.96 -42.34
C LYS B 320 -29.92 31.00 -42.28
N PRO B 321 -29.31 30.25 -41.37
CA PRO B 321 -27.85 30.32 -41.23
C PRO B 321 -27.11 29.73 -42.41
N LEU B 322 -27.06 30.48 -43.52
CA LEU B 322 -26.33 30.05 -44.70
C LEU B 322 -24.92 30.62 -44.66
N SER B 323 -23.96 29.83 -45.15
CA SER B 323 -22.56 30.20 -45.05
C SER B 323 -22.25 31.47 -45.83
N GLU B 324 -21.33 32.27 -45.31
CA GLU B 324 -20.91 33.50 -45.94
C GLU B 324 -19.40 33.65 -45.80
N ILE B 325 -18.82 34.48 -46.67
CA ILE B 325 -17.38 34.56 -46.83
C ILE B 325 -16.82 35.81 -46.18
N ASN B 326 -17.52 36.35 -45.17
CA ASN B 326 -17.05 37.53 -44.46
C ASN B 326 -17.09 37.30 -42.96
N PRO B 327 -16.13 37.87 -42.23
CA PRO B 327 -16.05 37.74 -40.76
C PRO B 327 -17.08 38.60 -40.04
N GLU C 16 -19.43 -18.95 -23.16
CA GLU C 16 -18.90 -17.63 -23.47
C GLU C 16 -19.47 -17.09 -24.77
N LYS C 17 -20.33 -17.89 -25.41
CA LYS C 17 -20.97 -17.51 -26.66
C LYS C 17 -22.44 -17.16 -26.50
N ASN C 18 -23.19 -17.92 -25.70
CA ASN C 18 -24.60 -17.60 -25.47
C ASN C 18 -24.72 -16.25 -24.77
N GLU C 19 -23.95 -16.04 -23.72
CA GLU C 19 -23.89 -14.71 -23.10
C GLU C 19 -23.33 -13.69 -24.08
N ARG C 20 -22.40 -14.12 -24.95
CA ARG C 20 -21.92 -13.27 -26.02
C ARG C 20 -23.06 -12.87 -26.95
N THR C 21 -23.92 -13.84 -27.30
CA THR C 21 -25.06 -13.54 -28.16
C THR C 21 -26.03 -12.59 -27.47
N ARG C 22 -26.22 -12.75 -26.16
CA ARG C 22 -27.09 -11.84 -25.42
C ARG C 22 -26.52 -10.42 -25.46
N ILE C 23 -25.21 -10.28 -25.22
CA ILE C 23 -24.57 -8.97 -25.27
C ILE C 23 -24.75 -8.35 -26.66
N LYS C 24 -24.49 -9.13 -27.70
CA LYS C 24 -24.56 -8.58 -29.06
C LYS C 24 -25.99 -8.18 -29.41
N ALA C 25 -26.97 -8.97 -29.00
CA ALA C 25 -28.37 -8.64 -29.30
C ALA C 25 -28.80 -7.37 -28.57
N GLN C 26 -28.50 -7.28 -27.27
CA GLN C 26 -28.89 -6.10 -26.52
C GLN C 26 -28.20 -4.84 -27.07
N GLU C 27 -26.91 -4.95 -27.40
CA GLU C 27 -26.22 -3.80 -27.96
C GLU C 27 -26.75 -3.45 -29.34
N ASN C 28 -27.17 -4.44 -30.13
CA ASN C 28 -27.76 -4.14 -31.43
C ASN C 28 -29.06 -3.35 -31.25
N LEU C 29 -29.92 -3.79 -30.33
CA LEU C 29 -31.15 -3.05 -30.08
C LEU C 29 -30.86 -1.62 -29.60
N ARG C 30 -29.90 -1.47 -28.69
CA ARG C 30 -29.57 -0.15 -28.17
C ARG C 30 -29.03 0.75 -29.28
N ARG C 31 -28.11 0.24 -30.08
CA ARG C 31 -27.53 1.03 -31.16
C ARG C 31 -28.59 1.39 -32.21
N ILE C 32 -29.53 0.49 -32.48
CA ILE C 32 -30.59 0.80 -33.43
C ILE C 32 -31.49 1.91 -32.89
N ARG C 33 -31.89 1.80 -31.62
CA ARG C 33 -32.75 2.84 -31.05
C ARG C 33 -32.04 4.18 -30.95
N ARG C 34 -30.71 4.18 -30.79
CA ARG C 34 -29.97 5.43 -30.78
C ARG C 34 -29.82 6.01 -32.18
N LYS C 35 -29.48 5.17 -33.17
CA LYS C 35 -29.23 5.66 -34.51
C LYS C 35 -30.52 6.16 -35.17
N GLN C 36 -31.60 5.38 -35.07
CA GLN C 36 -32.84 5.76 -35.73
C GLN C 36 -33.44 7.04 -35.15
N ILE C 37 -33.14 7.36 -33.89
CA ILE C 37 -33.63 8.59 -33.27
C ILE C 37 -35.15 8.56 -33.19
N ASP C 58 -27.40 -1.19 -39.19
CA ASP C 58 -26.69 -1.14 -40.46
C ASP C 58 -25.19 -1.35 -40.28
N LEU C 59 -24.65 -0.83 -39.17
CA LEU C 59 -23.23 -0.95 -38.88
C LEU C 59 -22.97 -2.25 -38.14
N VAL C 60 -21.94 -2.98 -38.58
CA VAL C 60 -21.54 -4.24 -37.97
C VAL C 60 -20.33 -4.00 -37.09
N LEU C 61 -20.32 -4.61 -35.90
CA LEU C 61 -19.22 -4.47 -34.97
C LEU C 61 -18.35 -5.72 -35.02
N ASN C 62 -17.35 -5.76 -34.13
CA ASN C 62 -16.46 -6.91 -34.02
C ASN C 62 -16.75 -7.76 -32.79
N GLU C 63 -17.86 -7.49 -32.09
CA GLU C 63 -18.28 -8.19 -30.88
C GLU C 63 -17.43 -7.81 -29.67
N TYR C 64 -16.34 -7.09 -29.88
CA TYR C 64 -15.47 -6.70 -28.79
C TYR C 64 -15.66 -5.26 -28.36
N GLU C 65 -15.95 -4.37 -29.31
CA GLU C 65 -16.55 -3.08 -29.02
C GLU C 65 -18.06 -3.19 -28.85
N ASN C 66 -18.56 -4.42 -28.73
CA ASN C 66 -19.98 -4.72 -28.62
C ASN C 66 -20.52 -4.46 -27.22
N GLN C 67 -19.66 -4.22 -26.24
CA GLN C 67 -20.10 -3.94 -24.88
C GLN C 67 -19.83 -2.49 -24.46
N VAL C 68 -18.93 -1.78 -25.15
CA VAL C 68 -18.76 -0.36 -24.91
C VAL C 68 -19.88 0.45 -25.55
N ALA C 69 -20.65 -0.14 -26.45
CA ALA C 69 -21.81 0.50 -27.03
C ALA C 69 -23.06 0.36 -26.18
N LEU C 70 -22.98 -0.38 -25.07
CA LEU C 70 -24.10 -0.49 -24.15
C LEU C 70 -24.31 0.77 -23.33
N GLU C 71 -23.36 1.70 -23.34
CA GLU C 71 -23.48 2.97 -22.65
C GLU C 71 -23.91 4.11 -23.56
N VAL C 72 -24.36 3.80 -24.77
CA VAL C 72 -24.79 4.82 -25.73
C VAL C 72 -26.13 5.35 -25.24
N VAL C 73 -26.12 6.50 -24.58
CA VAL C 73 -27.34 7.07 -24.03
C VAL C 73 -28.27 7.48 -25.15
N ALA C 74 -29.56 7.15 -24.99
CA ALA C 74 -30.56 7.54 -25.95
C ALA C 74 -30.78 9.05 -25.88
N PRO C 75 -31.44 9.63 -26.88
CA PRO C 75 -31.65 11.09 -26.86
C PRO C 75 -32.87 11.48 -26.07
N GLU C 76 -33.84 10.57 -25.95
CA GLU C 76 -35.12 10.88 -25.33
C GLU C 76 -35.23 10.42 -23.89
N ASP C 77 -34.34 9.55 -23.42
CA ASP C 77 -34.40 9.06 -22.05
C ASP C 77 -33.63 9.94 -21.07
N ILE C 78 -33.38 11.20 -21.43
CA ILE C 78 -32.78 12.18 -20.53
C ILE C 78 -33.79 13.29 -20.34
N PRO C 79 -34.47 13.37 -19.18
CA PRO C 79 -35.58 14.31 -19.02
C PRO C 79 -35.16 15.77 -18.91
N VAL C 80 -33.88 16.06 -18.75
CA VAL C 80 -33.42 17.43 -18.54
C VAL C 80 -32.84 17.97 -19.84
N GLY C 81 -32.87 19.30 -19.96
CA GLY C 81 -32.33 19.96 -21.13
C GLY C 81 -31.49 21.17 -20.79
N PHE C 82 -31.39 22.13 -21.71
CA PHE C 82 -30.66 23.36 -21.44
C PHE C 82 -31.52 24.45 -20.84
N ASN C 83 -32.83 24.45 -21.10
CA ASN C 83 -33.71 25.50 -20.63
C ASN C 83 -34.03 25.42 -19.15
N ASP C 84 -33.61 24.36 -18.46
CA ASP C 84 -33.87 24.18 -17.04
C ASP C 84 -32.57 24.18 -16.24
N ILE C 85 -31.67 25.10 -16.57
CA ILE C 85 -30.42 25.29 -15.82
C ILE C 85 -30.32 26.77 -15.50
N GLY C 86 -30.81 27.16 -14.32
CA GLY C 86 -30.65 28.53 -13.88
C GLY C 86 -29.29 28.75 -13.24
N GLY C 87 -28.85 30.00 -13.22
CA GLY C 87 -27.52 30.26 -12.73
C GLY C 87 -26.50 30.25 -13.85
N LEU C 88 -25.89 29.09 -14.07
CA LEU C 88 -24.88 28.89 -15.11
C LEU C 88 -25.38 29.39 -16.47
N ASP C 89 -24.77 30.46 -16.96
CA ASP C 89 -25.13 31.07 -18.24
C ASP C 89 -23.94 31.21 -19.16
N ASP C 90 -22.75 31.51 -18.63
CA ASP C 90 -21.57 31.59 -19.47
C ASP C 90 -21.13 30.20 -19.92
N ILE C 91 -21.08 29.25 -19.00
CA ILE C 91 -20.73 27.88 -19.38
C ILE C 91 -21.78 27.30 -20.30
N ILE C 92 -23.06 27.55 -20.00
CA ILE C 92 -24.14 26.98 -20.80
C ILE C 92 -24.13 27.53 -22.22
N GLU C 93 -23.59 28.73 -22.41
CA GLU C 93 -23.45 29.31 -23.74
C GLU C 93 -22.16 28.88 -24.42
N GLU C 94 -21.06 28.76 -23.65
CA GLU C 94 -19.81 28.31 -24.23
C GLU C 94 -19.92 26.89 -24.76
N LEU C 95 -20.61 26.01 -24.02
CA LEU C 95 -20.86 24.67 -24.53
C LEU C 95 -21.70 24.73 -25.79
N LYS C 96 -22.81 25.48 -25.75
CA LYS C 96 -23.72 25.52 -26.89
C LYS C 96 -23.10 26.12 -28.14
N GLU C 97 -22.07 26.95 -27.99
CA GLU C 97 -21.53 27.68 -29.14
C GLU C 97 -20.17 27.17 -29.61
N THR C 98 -19.25 26.84 -28.70
CA THR C 98 -17.88 26.60 -29.08
C THR C 98 -17.48 25.12 -29.03
N ILE C 99 -18.26 24.28 -28.37
CA ILE C 99 -17.91 22.86 -28.28
C ILE C 99 -19.01 21.99 -28.88
N ILE C 100 -20.25 22.16 -28.42
CA ILE C 100 -21.35 21.36 -28.92
C ILE C 100 -21.79 21.79 -30.31
N TYR C 101 -21.36 22.95 -30.78
CA TYR C 101 -21.82 23.43 -32.08
C TYR C 101 -20.67 23.96 -32.93
N PRO C 102 -19.48 23.34 -32.89
CA PRO C 102 -18.70 23.18 -34.12
C PRO C 102 -18.87 21.77 -34.64
N LEU C 103 -19.46 20.92 -33.80
CA LEU C 103 -19.58 19.49 -34.07
C LEU C 103 -20.90 19.17 -34.73
N THR C 104 -22.01 19.46 -34.06
CA THR C 104 -23.31 19.33 -34.69
C THR C 104 -23.50 20.47 -35.69
N MET C 105 -23.83 20.11 -36.92
CA MET C 105 -23.93 21.08 -38.00
C MET C 105 -22.58 21.76 -38.23
N PRO C 106 -21.56 21.02 -38.68
CA PRO C 106 -20.24 21.64 -38.89
C PRO C 106 -20.03 22.22 -40.27
N HIS C 107 -20.96 22.03 -41.21
CA HIS C 107 -20.75 22.51 -42.58
C HIS C 107 -20.63 24.02 -42.66
N LEU C 108 -21.18 24.75 -41.70
CA LEU C 108 -21.07 26.20 -41.70
C LEU C 108 -19.72 26.69 -41.19
N TYR C 109 -18.80 25.78 -40.87
CA TYR C 109 -17.44 26.13 -40.47
C TYR C 109 -16.42 25.77 -41.56
N LYS C 110 -16.88 25.48 -42.77
CA LYS C 110 -15.99 25.04 -43.84
C LYS C 110 -15.12 26.16 -44.39
N HIS C 111 -15.39 27.42 -44.03
CA HIS C 111 -14.55 28.51 -44.50
C HIS C 111 -13.13 28.39 -43.94
N GLY C 112 -12.97 27.83 -42.74
CA GLY C 112 -11.67 27.60 -42.17
C GLY C 112 -11.10 26.26 -42.59
N GLY C 113 -9.90 25.98 -42.08
CA GLY C 113 -9.23 24.73 -42.37
C GLY C 113 -9.19 23.80 -41.18
N ALA C 114 -7.99 23.54 -40.66
CA ALA C 114 -7.86 22.69 -39.48
C ALA C 114 -8.53 23.31 -38.26
N LEU C 115 -8.48 24.64 -38.15
CA LEU C 115 -9.14 25.34 -37.06
C LEU C 115 -10.64 25.39 -37.33
N LEU C 116 -11.36 26.11 -36.48
CA LEU C 116 -12.81 26.24 -36.59
C LEU C 116 -13.51 24.89 -36.46
N ALA C 117 -12.89 23.96 -35.74
CA ALA C 117 -13.47 22.66 -35.47
C ALA C 117 -13.82 22.54 -33.99
N ALA C 118 -14.58 21.51 -33.66
CA ALA C 118 -14.96 21.28 -32.28
C ALA C 118 -13.73 20.90 -31.46
N PRO C 119 -13.40 21.65 -30.41
CA PRO C 119 -12.24 21.27 -29.59
C PRO C 119 -12.48 19.96 -28.86
N SER C 120 -11.52 19.06 -28.98
CA SER C 120 -11.64 17.72 -28.42
C SER C 120 -11.32 17.76 -26.93
N GLY C 121 -12.37 17.84 -26.12
CA GLY C 121 -12.20 17.76 -24.69
C GLY C 121 -12.90 18.82 -23.89
N VAL C 122 -13.59 18.42 -22.82
CA VAL C 122 -14.20 19.33 -21.87
C VAL C 122 -14.03 18.72 -20.49
N LEU C 123 -13.90 19.58 -19.47
CA LEU C 123 -13.59 19.13 -18.13
C LEU C 123 -14.77 19.29 -17.17
N LEU C 124 -15.31 20.50 -17.05
CA LEU C 124 -16.38 20.79 -16.10
C LEU C 124 -15.95 20.46 -14.66
N TYR C 125 -14.90 21.15 -14.22
CA TYR C 125 -14.38 20.95 -12.87
C TYR C 125 -15.02 21.95 -11.92
N GLY C 126 -15.22 21.51 -10.68
CA GLY C 126 -15.81 22.35 -9.66
C GLY C 126 -16.11 21.59 -8.38
N PRO C 127 -16.63 22.30 -7.39
CA PRO C 127 -16.97 21.65 -6.12
C PRO C 127 -18.08 20.63 -6.30
N PRO C 128 -18.32 19.78 -5.30
CA PRO C 128 -19.35 18.75 -5.45
C PRO C 128 -20.75 19.30 -5.26
N GLY C 129 -21.66 18.83 -6.09
CA GLY C 129 -23.06 19.22 -5.98
C GLY C 129 -23.38 20.61 -6.48
N CYS C 130 -22.66 21.11 -7.47
CA CYS C 130 -22.91 22.43 -8.03
C CYS C 130 -23.49 22.37 -9.43
N GLY C 131 -23.80 21.17 -9.95
CA GLY C 131 -24.49 21.06 -11.21
C GLY C 131 -23.64 20.89 -12.44
N LYS C 132 -22.76 19.88 -12.46
CA LYS C 132 -21.99 19.53 -13.65
C LYS C 132 -22.48 18.27 -14.32
N THR C 133 -22.87 17.25 -13.56
CA THR C 133 -23.53 16.10 -14.16
C THR C 133 -24.85 16.50 -14.80
N MET C 134 -25.51 17.54 -14.26
CA MET C 134 -26.71 18.05 -14.91
C MET C 134 -26.37 18.69 -16.25
N LEU C 135 -25.24 19.38 -16.35
CA LEU C 135 -24.78 19.87 -17.64
C LEU C 135 -24.50 18.73 -18.60
N ALA C 136 -23.88 17.65 -18.11
CA ALA C 136 -23.65 16.49 -18.97
C ALA C 136 -24.96 15.89 -19.45
N LYS C 137 -25.97 15.82 -18.57
CA LYS C 137 -27.28 15.34 -18.96
C LYS C 137 -27.89 16.23 -20.04
N ALA C 138 -27.82 17.54 -19.84
CA ALA C 138 -28.38 18.46 -20.82
C ALA C 138 -27.68 18.34 -22.17
N VAL C 139 -26.36 18.16 -22.15
CA VAL C 139 -25.62 18.00 -23.40
C VAL C 139 -26.04 16.70 -24.09
N ALA C 140 -26.15 15.61 -23.33
CA ALA C 140 -26.58 14.34 -23.92
C ALA C 140 -28.00 14.44 -24.46
N HIS C 141 -28.84 15.30 -23.87
CA HIS C 141 -30.23 15.38 -24.29
C HIS C 141 -30.41 16.28 -25.52
N GLU C 142 -29.68 17.40 -25.58
CA GLU C 142 -29.88 18.36 -26.66
C GLU C 142 -28.59 18.66 -27.40
N SER C 143 -27.75 17.63 -27.61
CA SER C 143 -26.54 17.83 -28.38
C SER C 143 -26.74 17.50 -29.85
N GLY C 144 -27.16 16.27 -30.14
CA GLY C 144 -27.26 15.76 -31.48
C GLY C 144 -26.25 14.69 -31.83
N ALA C 145 -25.14 14.62 -31.11
CA ALA C 145 -24.15 13.57 -31.30
C ALA C 145 -24.49 12.37 -30.43
N SER C 146 -23.91 11.23 -30.80
CA SER C 146 -24.19 9.96 -30.10
C SER C 146 -23.45 9.97 -28.77
N PHE C 147 -24.10 10.51 -27.75
CA PHE C 147 -23.53 10.54 -26.41
C PHE C 147 -23.38 9.13 -25.87
N ILE C 148 -22.17 8.79 -25.40
CA ILE C 148 -21.90 7.49 -24.80
C ILE C 148 -21.46 7.72 -23.36
N ASN C 149 -22.17 7.09 -22.42
CA ASN C 149 -21.93 7.27 -20.99
C ASN C 149 -20.93 6.21 -20.53
N LEU C 150 -19.68 6.40 -20.92
CA LEU C 150 -18.65 5.42 -20.61
C LEU C 150 -18.36 5.41 -19.11
N HIS C 151 -18.64 4.27 -18.47
CA HIS C 151 -18.44 4.13 -17.04
C HIS C 151 -16.97 3.83 -16.74
N ILE C 152 -16.68 3.56 -15.47
CA ILE C 152 -15.33 3.18 -15.06
C ILE C 152 -15.11 1.67 -15.08
N SER C 153 -16.17 0.87 -14.84
CA SER C 153 -16.02 -0.58 -14.86
C SER C 153 -15.81 -1.10 -16.27
N THR C 154 -16.55 -0.54 -17.24
CA THR C 154 -16.45 -0.98 -18.62
C THR C 154 -15.06 -0.75 -19.20
N LEU C 155 -14.25 0.13 -18.60
CA LEU C 155 -12.88 0.32 -19.03
C LEU C 155 -11.93 -0.63 -18.30
N THR C 156 -12.22 -0.93 -17.03
CA THR C 156 -11.37 -1.81 -16.23
C THR C 156 -11.87 -3.24 -16.36
N GLU C 157 -11.11 -4.06 -17.07
CA GLU C 157 -11.45 -5.47 -17.27
C GLU C 157 -10.51 -6.36 -16.48
N LYS C 158 -11.04 -7.50 -16.03
CA LYS C 158 -10.27 -8.39 -15.17
C LYS C 158 -9.10 -9.02 -15.92
N TRP C 159 -9.32 -9.46 -17.16
CA TRP C 159 -8.28 -10.17 -17.89
C TRP C 159 -7.13 -9.23 -18.24
N TYR C 160 -5.99 -9.83 -18.58
CA TYR C 160 -4.80 -9.06 -18.89
C TYR C 160 -4.84 -8.54 -20.31
N GLY C 161 -4.43 -7.29 -20.49
CA GLY C 161 -4.37 -6.70 -21.81
C GLY C 161 -5.71 -6.56 -22.49
N ASP C 162 -6.81 -6.66 -21.75
CA ASP C 162 -8.14 -6.55 -22.32
C ASP C 162 -8.79 -5.19 -22.05
N SER C 163 -8.39 -4.51 -20.98
CA SER C 163 -8.89 -3.17 -20.73
C SER C 163 -8.41 -2.19 -21.80
N ASN C 164 -7.19 -2.38 -22.29
CA ASN C 164 -6.65 -1.48 -23.31
C ASN C 164 -7.41 -1.64 -24.62
N LYS C 165 -7.62 -2.89 -25.04
CA LYS C 165 -8.39 -3.13 -26.25
C LYS C 165 -9.82 -2.64 -26.10
N ILE C 166 -10.35 -2.59 -24.86
CA ILE C 166 -11.64 -1.95 -24.66
C ILE C 166 -11.55 -0.46 -24.93
N VAL C 167 -10.41 0.16 -24.62
CA VAL C 167 -10.21 1.57 -24.95
C VAL C 167 -10.19 1.75 -26.47
N ARG C 168 -9.48 0.87 -27.18
CA ARG C 168 -9.49 0.92 -28.63
C ARG C 168 -10.91 0.75 -29.16
N ALA C 169 -11.68 -0.14 -28.54
CA ALA C 169 -13.07 -0.34 -28.95
C ALA C 169 -13.90 0.91 -28.72
N VAL C 170 -13.68 1.60 -27.60
CA VAL C 170 -14.41 2.83 -27.31
C VAL C 170 -14.14 3.87 -28.37
N PHE C 171 -12.86 4.13 -28.65
CA PHE C 171 -12.55 5.16 -29.64
C PHE C 171 -12.92 4.73 -31.06
N SER C 172 -12.84 3.44 -31.38
CA SER C 172 -13.27 2.98 -32.70
C SER C 172 -14.77 3.11 -32.86
N LEU C 173 -15.54 2.88 -31.79
CA LEU C 173 -16.97 3.09 -31.85
C LEU C 173 -17.30 4.58 -31.99
N ALA C 174 -16.56 5.44 -31.30
CA ALA C 174 -16.72 6.87 -31.49
C ALA C 174 -16.35 7.29 -32.91
N LYS C 175 -15.45 6.57 -33.58
CA LYS C 175 -15.05 6.90 -34.93
C LYS C 175 -15.95 6.30 -36.00
N LYS C 176 -16.64 5.20 -35.71
CA LYS C 176 -17.54 4.59 -36.70
C LYS C 176 -18.62 5.57 -37.13
N LEU C 177 -19.40 6.05 -36.18
CA LEU C 177 -20.28 7.20 -36.38
C LEU C 177 -19.63 8.36 -35.64
N GLN C 178 -19.36 9.46 -36.36
CA GLN C 178 -18.54 10.44 -35.68
C GLN C 178 -19.14 11.84 -35.59
N PRO C 179 -20.44 11.96 -35.32
CA PRO C 179 -20.88 12.93 -34.33
C PRO C 179 -20.94 12.22 -32.99
N SER C 180 -20.11 12.60 -32.02
CA SER C 180 -20.05 11.82 -30.80
C SER C 180 -19.42 12.64 -29.69
N ILE C 181 -19.84 12.32 -28.46
CA ILE C 181 -19.33 12.96 -27.27
C ILE C 181 -19.10 11.89 -26.22
N ILE C 182 -17.86 11.45 -26.06
CA ILE C 182 -17.51 10.50 -25.02
C ILE C 182 -17.57 11.21 -23.69
N PHE C 183 -18.02 10.51 -22.65
CA PHE C 183 -18.20 11.10 -21.33
C PHE C 183 -17.70 10.15 -20.27
N ILE C 184 -16.70 10.58 -19.51
CA ILE C 184 -16.20 9.86 -18.35
C ILE C 184 -16.55 10.70 -17.14
N ASP C 185 -17.53 10.26 -16.35
CA ASP C 185 -17.92 11.00 -15.18
C ASP C 185 -16.91 10.77 -14.06
N GLN C 186 -16.55 11.83 -13.35
CA GLN C 186 -15.53 11.74 -12.31
C GLN C 186 -14.20 11.28 -12.87
N ILE C 187 -13.57 12.08 -13.72
CA ILE C 187 -12.28 11.69 -14.27
C ILE C 187 -11.19 12.10 -13.29
N ASP C 188 -11.02 11.31 -12.24
CA ASP C 188 -9.85 11.41 -11.39
C ASP C 188 -9.35 10.05 -10.91
N ALA C 189 -10.06 8.97 -11.26
CA ALA C 189 -9.67 7.61 -10.89
C ALA C 189 -9.29 6.78 -12.11
N VAL C 190 -10.16 6.74 -13.13
CA VAL C 190 -9.80 6.07 -14.37
C VAL C 190 -8.58 6.74 -14.99
N LEU C 191 -8.53 8.07 -14.95
CA LEU C 191 -7.31 8.80 -15.24
C LEU C 191 -6.67 9.20 -13.91
N GLY C 192 -5.60 9.99 -13.97
CA GLY C 192 -4.88 10.39 -12.79
C GLY C 192 -3.39 10.45 -13.07
N THR C 193 -2.68 11.26 -12.29
CA THR C 193 -1.24 11.37 -12.42
C THR C 193 -0.59 10.01 -12.19
N ARG C 194 0.09 9.50 -13.20
CA ARG C 194 0.69 8.17 -13.11
C ARG C 194 1.94 8.20 -12.24
N ARG C 195 2.06 7.23 -11.34
CA ARG C 195 3.20 7.11 -10.46
C ARG C 195 4.00 5.86 -10.83
N SER C 196 5.10 5.66 -10.11
CA SER C 196 5.91 4.47 -10.32
C SER C 196 5.11 3.22 -9.97
N GLY C 197 5.10 2.25 -10.89
CA GLY C 197 4.30 1.06 -10.67
C GLY C 197 2.82 1.41 -10.71
N GLU C 198 2.13 1.13 -9.60
CA GLU C 198 0.71 1.46 -9.47
C GLU C 198 -0.13 0.70 -10.49
N HIS C 199 0.05 -0.62 -10.52
CA HIS C 199 -0.73 -1.47 -11.41
C HIS C 199 -0.52 -1.08 -12.87
N GLU C 200 0.70 -1.35 -13.38
CA GLU C 200 1.12 -0.95 -14.73
C GLU C 200 0.04 -1.22 -15.79
N ALA C 201 -0.73 -2.29 -15.64
CA ALA C 201 -1.86 -2.53 -16.52
C ALA C 201 -2.92 -1.45 -16.46
N SER C 202 -2.90 -0.60 -15.42
CA SER C 202 -3.79 0.56 -15.33
C SER C 202 -3.22 1.80 -16.00
N GLY C 203 -1.94 2.09 -15.78
CA GLY C 203 -1.30 3.18 -16.51
C GLY C 203 -1.28 2.93 -18.00
N MET C 204 -1.25 1.66 -18.41
CA MET C 204 -1.43 1.33 -19.81
C MET C 204 -2.76 1.87 -20.34
N VAL C 205 -3.80 1.86 -19.52
CA VAL C 205 -5.10 2.35 -19.98
C VAL C 205 -5.06 3.85 -20.22
N LYS C 206 -4.38 4.60 -19.35
CA LYS C 206 -4.24 6.04 -19.56
C LYS C 206 -3.39 6.32 -20.80
N ALA C 207 -2.31 5.56 -20.99
CA ALA C 207 -1.51 5.71 -22.19
C ALA C 207 -2.36 5.40 -23.43
N GLU C 208 -3.25 4.41 -23.33
CA GLU C 208 -4.10 4.07 -24.45
C GLU C 208 -5.10 5.17 -24.74
N PHE C 209 -5.71 5.74 -23.70
CA PHE C 209 -6.54 6.93 -23.83
C PHE C 209 -5.83 8.02 -24.61
N MET C 210 -4.70 8.49 -24.09
CA MET C 210 -4.04 9.63 -24.71
C MET C 210 -3.22 9.27 -25.93
N THR C 211 -3.20 8.00 -26.34
CA THR C 211 -2.61 7.61 -27.60
C THR C 211 -3.64 7.52 -28.72
N LEU C 212 -4.80 6.91 -28.44
CA LEU C 212 -5.91 6.96 -29.39
C LEU C 212 -6.55 8.33 -29.45
N TRP C 213 -6.24 9.20 -28.48
CA TRP C 213 -6.80 10.55 -28.44
C TRP C 213 -6.41 11.34 -29.68
N ASP C 214 -5.11 11.63 -29.82
CA ASP C 214 -4.58 12.40 -30.93
C ASP C 214 -3.26 11.79 -31.40
N GLY C 215 -3.23 10.46 -31.54
CA GLY C 215 -2.02 9.75 -31.90
C GLY C 215 -1.68 9.88 -33.36
N LEU C 216 -1.07 8.81 -33.90
CA LEU C 216 -0.61 8.84 -35.29
C LEU C 216 -1.76 8.80 -36.27
N THR C 217 -2.90 8.26 -35.87
CA THR C 217 -4.06 8.11 -36.75
C THR C 217 -5.25 8.89 -36.24
N SER C 218 -4.99 10.06 -35.64
CA SER C 218 -6.09 10.89 -35.14
C SER C 218 -6.85 11.55 -36.29
N THR C 219 -6.14 12.29 -37.13
CA THR C 219 -6.80 13.02 -38.21
C THR C 219 -7.02 12.11 -39.42
N ASN C 220 -7.75 12.64 -40.40
CA ASN C 220 -8.02 11.95 -41.64
C ASN C 220 -7.02 12.41 -42.70
N ALA C 221 -7.24 12.01 -43.95
CA ALA C 221 -6.35 12.43 -45.03
C ALA C 221 -6.49 13.92 -45.32
N SER C 222 -7.67 14.48 -45.06
CA SER C 222 -7.88 15.90 -45.32
C SER C 222 -7.40 16.76 -44.16
N GLY C 223 -7.66 16.34 -42.93
CA GLY C 223 -7.21 17.08 -41.77
C GLY C 223 -8.27 17.23 -40.69
N VAL C 224 -9.42 16.58 -40.88
CA VAL C 224 -10.49 16.68 -39.89
C VAL C 224 -10.03 16.03 -38.59
N PRO C 225 -10.24 16.65 -37.42
CA PRO C 225 -9.75 16.06 -36.17
C PRO C 225 -10.62 14.93 -35.65
N ASN C 226 -11.00 14.00 -36.53
CA ASN C 226 -11.70 12.76 -36.18
C ASN C 226 -13.15 12.99 -35.78
N ARG C 227 -13.59 14.24 -35.68
CA ARG C 227 -14.97 14.59 -35.36
C ARG C 227 -15.44 13.95 -34.05
N ILE C 228 -14.62 14.10 -33.01
CA ILE C 228 -14.92 13.53 -31.70
C ILE C 228 -14.53 14.52 -30.62
N VAL C 229 -15.37 14.61 -29.59
CA VAL C 229 -15.11 15.45 -28.42
C VAL C 229 -15.44 14.64 -27.18
N VAL C 230 -14.55 14.65 -26.20
CA VAL C 230 -14.70 13.88 -24.97
C VAL C 230 -15.03 14.83 -23.84
N LEU C 231 -16.25 14.75 -23.33
CA LEU C 231 -16.66 15.51 -22.16
C LEU C 231 -16.14 14.81 -20.91
N GLY C 232 -15.77 15.62 -19.92
CA GLY C 232 -15.29 15.11 -18.65
C GLY C 232 -16.10 15.68 -17.49
N ALA C 233 -15.69 15.28 -16.29
CA ALA C 233 -16.30 15.78 -15.07
C ALA C 233 -15.44 15.32 -13.90
N THR C 234 -15.25 16.20 -12.93
CA THR C 234 -14.44 15.84 -11.77
C THR C 234 -14.58 16.93 -10.72
N ASN C 235 -14.63 16.50 -9.45
CA ASN C 235 -14.68 17.46 -8.35
C ASN C 235 -13.37 18.24 -8.24
N ARG C 236 -12.26 17.66 -8.68
CA ARG C 236 -10.94 18.22 -8.47
C ARG C 236 -10.09 18.03 -9.71
N ILE C 237 -9.50 19.11 -10.21
CA ILE C 237 -8.42 19.00 -11.18
C ILE C 237 -7.11 19.39 -10.53
N ASN C 238 -6.46 18.42 -9.91
CA ASN C 238 -5.10 18.59 -9.42
C ASN C 238 -4.24 17.37 -9.67
N ASP C 239 -4.83 16.23 -10.02
CA ASP C 239 -4.07 15.00 -10.24
C ASP C 239 -4.60 14.22 -11.44
N ILE C 240 -5.43 14.83 -12.29
CA ILE C 240 -6.02 14.10 -13.40
C ILE C 240 -4.93 13.67 -14.38
N ASP C 241 -4.07 14.61 -14.80
CA ASP C 241 -2.79 14.33 -15.43
C ASP C 241 -2.19 15.68 -15.80
N GLU C 242 -0.94 15.66 -16.28
CA GLU C 242 -0.39 16.80 -16.99
C GLU C 242 -0.59 16.68 -18.49
N ALA C 243 -0.83 15.47 -19.00
CA ALA C 243 -1.08 15.29 -20.43
C ALA C 243 -2.57 15.36 -20.74
N ILE C 244 -3.38 14.59 -20.02
CA ILE C 244 -4.83 14.64 -20.23
C ILE C 244 -5.39 16.00 -19.85
N LEU C 245 -4.72 16.73 -18.95
CA LEU C 245 -5.17 18.06 -18.58
C LEU C 245 -5.18 19.01 -19.76
N ARG C 246 -4.32 18.76 -20.75
CA ARG C 246 -4.31 19.55 -21.97
C ARG C 246 -4.94 18.84 -23.15
N ARG C 247 -5.18 17.53 -23.05
CA ARG C 247 -5.97 16.84 -24.06
C ARG C 247 -7.33 17.51 -24.23
N MET C 248 -7.99 17.79 -23.10
CA MET C 248 -9.25 18.51 -23.08
C MET C 248 -8.98 19.98 -22.84
N PRO C 249 -8.97 20.79 -23.88
CA PRO C 249 -8.57 22.20 -23.74
C PRO C 249 -9.51 23.01 -22.85
N LYS C 250 -10.81 23.00 -23.17
CA LYS C 250 -11.77 23.84 -22.48
C LYS C 250 -12.07 23.26 -21.11
N GLN C 251 -11.56 23.90 -20.07
CA GLN C 251 -11.77 23.49 -18.68
C GLN C 251 -12.67 24.53 -18.02
N PHE C 252 -13.97 24.31 -18.08
CA PHE C 252 -14.93 25.26 -17.54
C PHE C 252 -15.11 25.03 -16.04
N PRO C 253 -14.86 26.01 -15.20
CA PRO C 253 -15.15 25.85 -13.76
C PRO C 253 -16.59 26.17 -13.43
N VAL C 254 -17.27 25.26 -12.75
CA VAL C 254 -18.64 25.49 -12.31
C VAL C 254 -18.61 25.86 -10.82
N PRO C 255 -18.68 27.14 -10.48
CA PRO C 255 -18.51 27.56 -9.09
C PRO C 255 -19.82 27.40 -8.30
N LEU C 256 -19.78 27.85 -7.05
CA LEU C 256 -20.96 27.81 -6.21
C LEU C 256 -21.95 28.89 -6.63
N PRO C 257 -23.24 28.59 -6.65
CA PRO C 257 -24.23 29.61 -7.04
C PRO C 257 -24.25 30.76 -6.04
N GLY C 258 -24.20 31.98 -6.58
CA GLY C 258 -24.27 33.18 -5.78
C GLY C 258 -25.69 33.60 -5.49
N LEU C 259 -25.88 34.90 -5.30
CA LEU C 259 -27.23 35.42 -5.05
C LEU C 259 -28.08 35.31 -6.30
N GLU C 260 -27.60 35.86 -7.43
CA GLU C 260 -28.38 35.87 -8.65
C GLU C 260 -28.61 34.47 -9.20
N GLN C 261 -27.71 33.53 -8.88
CA GLN C 261 -27.85 32.16 -9.36
C GLN C 261 -28.76 31.33 -8.46
N ARG C 262 -28.61 31.46 -7.14
CA ARG C 262 -29.50 30.75 -6.23
C ARG C 262 -30.92 31.26 -6.32
N ARG C 263 -31.09 32.58 -6.56
CA ARG C 263 -32.42 33.14 -6.67
C ARG C 263 -33.17 32.61 -7.89
N ARG C 264 -32.46 32.05 -8.87
CA ARG C 264 -33.10 31.40 -9.99
C ARG C 264 -33.19 29.89 -9.84
N ILE C 265 -32.19 29.26 -9.21
CA ILE C 265 -32.27 27.82 -8.98
C ILE C 265 -33.40 27.48 -8.02
N LEU C 266 -33.59 28.30 -7.00
CA LEU C 266 -34.64 28.05 -6.03
C LEU C 266 -36.04 28.19 -6.64
N GLU C 267 -36.16 28.96 -7.72
CA GLU C 267 -37.42 29.10 -8.43
C GLU C 267 -37.57 28.05 -9.52
N LEU C 268 -36.45 27.56 -10.07
CA LEU C 268 -36.46 26.56 -11.11
C LEU C 268 -36.54 25.13 -10.58
N VAL C 269 -36.31 24.94 -9.28
CA VAL C 269 -36.54 23.63 -8.68
C VAL C 269 -38.00 23.42 -8.32
N LEU C 270 -38.77 24.50 -8.18
CA LEU C 270 -40.18 24.43 -7.80
C LEU C 270 -41.05 24.48 -9.06
N ARG C 271 -41.14 23.35 -9.75
CA ARG C 271 -42.00 23.27 -10.93
C ARG C 271 -43.45 23.01 -10.55
N GLY C 272 -43.71 21.87 -9.91
CA GLY C 272 -45.07 21.45 -9.64
C GLY C 272 -45.56 21.80 -8.25
N THR C 273 -44.64 22.15 -7.35
CA THR C 273 -45.01 22.50 -5.99
C THR C 273 -45.90 23.74 -5.98
N LYS C 274 -47.14 23.57 -5.50
CA LYS C 274 -48.10 24.66 -5.48
C LYS C 274 -47.62 25.74 -4.53
N ARG C 275 -47.17 26.86 -5.07
CA ARG C 275 -46.70 27.99 -4.26
C ARG C 275 -47.83 28.54 -3.40
N ASP C 276 -47.75 28.33 -2.10
CA ASP C 276 -48.74 28.90 -1.20
C ASP C 276 -48.62 30.42 -1.22
N PRO C 277 -49.70 31.13 -0.90
CA PRO C 277 -49.66 32.59 -0.92
C PRO C 277 -48.72 33.16 0.14
N ASP C 278 -48.31 34.40 -0.09
CA ASP C 278 -47.43 35.14 0.82
C ASP C 278 -46.02 34.57 0.86
N PHE C 279 -45.66 33.74 -0.12
CA PHE C 279 -44.32 33.15 -0.18
C PHE C 279 -43.36 34.14 -0.81
N ASP C 280 -42.63 34.87 0.05
CA ASP C 280 -41.64 35.84 -0.41
C ASP C 280 -40.41 35.09 -0.90
N LEU C 281 -40.24 35.01 -2.22
CA LEU C 281 -39.14 34.25 -2.78
C LEU C 281 -37.79 34.87 -2.45
N ASP C 282 -37.73 36.20 -2.33
CA ASP C 282 -36.45 36.86 -2.10
C ASP C 282 -35.84 36.52 -0.75
N TYR C 283 -36.65 36.09 0.23
CA TYR C 283 -36.12 35.81 1.55
C TYR C 283 -35.26 34.54 1.55
N ILE C 284 -35.79 33.45 1.01
CA ILE C 284 -35.04 32.20 0.97
C ILE C 284 -33.83 32.30 0.06
N ALA C 285 -33.90 33.12 -0.99
CA ALA C 285 -32.77 33.26 -1.90
C ALA C 285 -31.57 33.87 -1.19
N ARG C 286 -31.81 34.80 -0.27
CA ARG C 286 -30.72 35.46 0.43
C ARG C 286 -30.32 34.73 1.70
N VAL C 287 -31.28 34.12 2.40
CA VAL C 287 -30.96 33.45 3.66
C VAL C 287 -30.17 32.17 3.43
N THR C 288 -30.21 31.62 2.22
CA THR C 288 -29.45 30.40 1.94
C THR C 288 -27.95 30.66 2.08
N ALA C 289 -27.49 31.85 1.66
CA ALA C 289 -26.15 32.35 1.93
C ALA C 289 -25.07 31.43 1.35
N GLY C 290 -25.07 31.33 0.03
CA GLY C 290 -24.00 30.62 -0.67
C GLY C 290 -23.95 29.14 -0.37
N MET C 291 -25.04 28.44 -0.68
CA MET C 291 -25.11 27.00 -0.49
C MET C 291 -24.91 26.30 -1.83
N SER C 292 -24.61 25.00 -1.76
CA SER C 292 -24.30 24.24 -2.96
C SER C 292 -25.53 24.15 -3.87
N GLY C 293 -25.32 23.58 -5.05
CA GLY C 293 -26.41 23.43 -6.01
C GLY C 293 -27.39 22.34 -5.69
N SER C 294 -26.99 21.36 -4.88
CA SER C 294 -27.88 20.29 -4.44
C SER C 294 -28.43 20.53 -3.04
N ASP C 295 -27.64 21.12 -2.15
CA ASP C 295 -28.16 21.49 -0.84
C ASP C 295 -29.26 22.54 -0.96
N ILE C 296 -29.17 23.40 -1.98
CA ILE C 296 -30.27 24.30 -2.29
C ILE C 296 -31.48 23.54 -2.79
N LYS C 297 -31.29 22.31 -3.28
CA LYS C 297 -32.42 21.46 -3.64
C LYS C 297 -33.01 20.78 -2.41
N GLU C 298 -32.17 20.39 -1.47
CA GLU C 298 -32.65 19.70 -0.27
C GLU C 298 -33.39 20.67 0.65
N THR C 299 -32.85 21.87 0.84
CA THR C 299 -33.54 22.88 1.64
C THR C 299 -34.90 23.22 1.03
N CYS C 300 -35.04 23.07 -0.28
CA CYS C 300 -36.32 23.34 -0.94
C CYS C 300 -37.26 22.14 -0.83
N ARG C 301 -36.71 20.93 -0.95
CA ARG C 301 -37.54 19.73 -0.81
C ARG C 301 -38.12 19.62 0.60
N ASP C 302 -37.37 20.06 1.61
CA ASP C 302 -37.88 20.03 2.97
C ASP C 302 -39.14 20.88 3.10
N ALA C 303 -39.06 22.14 2.65
CA ALA C 303 -40.23 23.01 2.71
C ALA C 303 -41.34 22.54 1.78
N ALA C 304 -41.00 21.85 0.68
CA ALA C 304 -42.03 21.36 -0.22
C ALA C 304 -42.76 20.16 0.34
N MET C 305 -42.09 19.36 1.16
CA MET C 305 -42.71 18.18 1.75
C MET C 305 -43.28 18.46 3.13
N ALA C 306 -42.98 19.62 3.73
CA ALA C 306 -43.58 20.01 5.00
C ALA C 306 -45.11 19.96 4.96
N PRO C 307 -45.77 20.61 4.00
CA PRO C 307 -47.24 20.52 3.97
C PRO C 307 -47.75 19.14 3.58
N MET C 308 -47.02 18.42 2.71
CA MET C 308 -47.45 17.08 2.35
C MET C 308 -47.41 16.15 3.56
N ARG C 309 -46.45 16.33 4.46
CA ARG C 309 -46.42 15.55 5.68
C ARG C 309 -47.42 16.06 6.70
N GLU C 310 -47.68 17.37 6.73
CA GLU C 310 -48.70 17.90 7.60
C GLU C 310 -50.08 17.36 7.24
N TYR C 311 -50.20 16.89 6.01
CA TYR C 311 -51.42 16.23 5.64
C TYR C 311 -51.36 14.89 6.33
N ILE C 312 -51.41 14.92 7.66
CA ILE C 312 -51.39 13.70 8.46
C ILE C 312 -52.78 13.38 9.02
N ARG C 313 -53.76 14.09 8.51
CA ARG C 313 -55.16 13.93 8.88
C ARG C 313 -55.67 12.55 8.51
N GLN C 314 -55.22 11.99 7.41
CA GLN C 314 -55.68 10.67 7.02
C GLN C 314 -55.34 9.62 8.07
N HIS C 315 -54.15 9.69 8.66
CA HIS C 315 -53.86 8.86 9.81
C HIS C 315 -54.80 9.18 10.96
N ARG C 316 -55.09 10.45 11.19
CA ARG C 316 -56.00 10.82 12.26
C ARG C 316 -57.39 10.24 12.04
N ALA C 317 -57.87 10.25 10.80
CA ALA C 317 -59.20 9.71 10.51
C ALA C 317 -59.11 8.25 10.08
N GLU D 16 -13.90 -23.02 -12.57
CA GLU D 16 -14.52 -21.77 -12.12
C GLU D 16 -16.04 -21.86 -12.19
N LYS D 17 -16.53 -22.57 -13.21
CA LYS D 17 -17.97 -22.67 -13.40
C LYS D 17 -18.62 -23.53 -12.31
N ASN D 18 -17.90 -24.51 -11.77
CA ASN D 18 -18.49 -25.39 -10.78
C ASN D 18 -18.84 -24.65 -9.50
N GLU D 19 -18.06 -23.63 -9.14
CA GLU D 19 -18.35 -22.83 -7.96
C GLU D 19 -19.42 -21.78 -8.27
N ARG D 20 -19.37 -21.20 -9.47
CA ARG D 20 -20.36 -20.19 -9.84
C ARG D 20 -21.75 -20.78 -9.95
N THR D 21 -21.87 -22.04 -10.37
CA THR D 21 -23.19 -22.66 -10.44
C THR D 21 -23.82 -22.80 -9.06
N ARG D 22 -23.03 -23.26 -8.08
CA ARG D 22 -23.54 -23.34 -6.71
C ARG D 22 -23.87 -21.96 -6.17
N ILE D 23 -23.03 -20.97 -6.46
CA ILE D 23 -23.29 -19.59 -6.05
C ILE D 23 -24.64 -19.13 -6.60
N LYS D 24 -24.85 -19.33 -7.90
CA LYS D 24 -26.08 -18.88 -8.54
C LYS D 24 -27.30 -19.61 -7.98
N ALA D 25 -27.17 -20.92 -7.72
CA ALA D 25 -28.26 -21.65 -7.09
C ALA D 25 -28.60 -21.07 -5.72
N GLN D 26 -27.57 -20.75 -4.92
CA GLN D 26 -27.80 -20.19 -3.59
C GLN D 26 -28.50 -18.85 -3.68
N GLU D 27 -28.03 -17.96 -4.56
CA GLU D 27 -28.68 -16.65 -4.63
C GLU D 27 -30.08 -16.75 -5.24
N ASN D 28 -30.29 -17.71 -6.14
CA ASN D 28 -31.64 -17.93 -6.66
C ASN D 28 -32.59 -18.36 -5.56
N LEU D 29 -32.14 -19.27 -4.69
CA LEU D 29 -32.96 -19.67 -3.55
C LEU D 29 -33.22 -18.49 -2.62
N ARG D 30 -32.19 -17.67 -2.38
CA ARG D 30 -32.37 -16.52 -1.49
C ARG D 30 -33.39 -15.53 -2.06
N ARG D 31 -33.30 -15.23 -3.35
CA ARG D 31 -34.25 -14.31 -3.97
C ARG D 31 -35.64 -14.91 -4.05
N ILE D 32 -35.75 -16.23 -4.21
CA ILE D 32 -37.07 -16.86 -4.18
C ILE D 32 -37.69 -16.73 -2.79
N ARG D 33 -36.86 -16.85 -1.75
CA ARG D 33 -37.38 -16.69 -0.39
C ARG D 33 -37.78 -15.24 -0.13
N ARG D 34 -37.00 -14.29 -0.65
CA ARG D 34 -37.23 -12.89 -0.34
C ARG D 34 -38.42 -12.33 -1.13
N LYS D 35 -38.45 -12.57 -2.44
CA LYS D 35 -39.43 -11.93 -3.30
C LYS D 35 -40.86 -12.37 -3.02
N GLN D 36 -41.06 -13.52 -2.39
CA GLN D 36 -42.40 -14.01 -2.13
C GLN D 36 -43.13 -13.08 -1.16
N ILE D 37 -44.45 -13.06 -1.27
CA ILE D 37 -45.28 -12.21 -0.44
C ILE D 37 -46.03 -13.05 0.59
N ASP D 58 -37.53 -14.96 -9.96
CA ASP D 58 -37.00 -15.64 -11.13
C ASP D 58 -36.33 -14.66 -12.10
N LEU D 59 -35.59 -13.70 -11.54
CA LEU D 59 -34.90 -12.72 -12.36
C LEU D 59 -33.70 -13.35 -13.06
N VAL D 60 -33.21 -12.66 -14.09
CA VAL D 60 -32.01 -13.04 -14.81
C VAL D 60 -30.85 -12.20 -14.27
N LEU D 61 -29.77 -12.87 -13.87
CA LEU D 61 -28.66 -12.21 -13.22
C LEU D 61 -27.34 -12.64 -13.84
N ASN D 62 -26.47 -11.67 -14.09
CA ASN D 62 -25.10 -11.99 -14.50
C ASN D 62 -24.27 -12.38 -13.29
N GLU D 63 -22.99 -12.64 -13.52
CA GLU D 63 -22.13 -13.18 -12.47
C GLU D 63 -21.84 -12.15 -11.38
N TYR D 64 -21.86 -10.87 -11.71
CA TYR D 64 -21.40 -9.87 -10.76
C TYR D 64 -22.47 -9.53 -9.72
N GLU D 65 -23.65 -9.08 -10.15
CA GLU D 65 -24.74 -8.81 -9.23
C GLU D 65 -25.48 -10.07 -8.82
N ASN D 66 -24.96 -11.24 -9.16
CA ASN D 66 -25.50 -12.48 -8.61
C ASN D 66 -25.01 -12.69 -7.19
N GLN D 67 -23.70 -12.69 -6.98
CA GLN D 67 -23.13 -12.88 -5.66
C GLN D 67 -23.53 -11.78 -4.68
N VAL D 68 -23.92 -10.60 -5.16
CA VAL D 68 -24.47 -9.58 -4.27
C VAL D 68 -25.90 -9.90 -3.88
N ALA D 69 -26.55 -10.85 -4.55
CA ALA D 69 -27.89 -11.28 -4.16
C ALA D 69 -27.89 -12.11 -2.88
N LEU D 70 -26.72 -12.57 -2.42
CA LEU D 70 -26.62 -13.25 -1.15
C LEU D 70 -26.86 -12.34 0.04
N GLU D 71 -26.91 -11.03 -0.18
CA GLU D 71 -26.99 -10.05 0.88
C GLU D 71 -28.36 -9.44 1.05
N VAL D 72 -29.32 -9.77 0.18
CA VAL D 72 -30.69 -9.30 0.34
C VAL D 72 -31.24 -9.90 1.63
N VAL D 73 -31.48 -9.04 2.63
CA VAL D 73 -31.89 -9.50 3.94
C VAL D 73 -33.41 -9.49 4.01
N ALA D 74 -34.00 -10.67 4.18
CA ALA D 74 -35.45 -10.77 4.27
C ALA D 74 -35.95 -10.14 5.56
N PRO D 75 -37.16 -9.59 5.55
CA PRO D 75 -37.69 -8.95 6.78
C PRO D 75 -37.85 -9.91 7.93
N GLU D 76 -37.99 -11.21 7.68
CA GLU D 76 -38.14 -12.21 8.72
C GLU D 76 -36.82 -12.66 9.31
N ASP D 77 -35.74 -11.89 9.11
CA ASP D 77 -34.42 -12.25 9.60
C ASP D 77 -33.86 -11.19 10.55
N ILE D 78 -34.69 -10.23 10.97
CA ILE D 78 -34.23 -9.15 11.83
C ILE D 78 -35.32 -8.86 12.86
N PRO D 79 -35.34 -9.55 13.99
CA PRO D 79 -36.45 -9.44 14.96
C PRO D 79 -36.38 -8.23 15.88
N VAL D 80 -36.08 -7.06 15.31
CA VAL D 80 -36.09 -5.82 16.06
C VAL D 80 -36.71 -4.70 15.23
N GLY D 81 -37.99 -4.43 15.45
CA GLY D 81 -38.68 -3.38 14.74
C GLY D 81 -38.49 -2.04 15.41
N PHE D 82 -39.35 -1.09 15.05
CA PHE D 82 -39.29 0.24 15.66
C PHE D 82 -39.93 0.30 17.03
N ASN D 83 -40.63 -0.76 17.44
CA ASN D 83 -41.16 -0.83 18.80
C ASN D 83 -40.14 -1.39 19.79
N ASP D 84 -38.93 -1.72 19.33
CA ASP D 84 -37.89 -2.23 20.21
C ASP D 84 -36.81 -1.22 20.53
N ILE D 85 -36.78 -0.09 19.84
CA ILE D 85 -35.84 0.99 20.13
C ILE D 85 -36.60 2.15 20.76
N GLY D 86 -36.10 2.66 21.88
CA GLY D 86 -36.74 3.71 22.62
C GLY D 86 -35.86 4.94 22.74
N GLY D 87 -36.41 5.97 23.39
CA GLY D 87 -35.65 7.18 23.56
C GLY D 87 -35.79 8.08 22.36
N LEU D 88 -34.82 8.01 21.45
CA LEU D 88 -34.86 8.74 20.19
C LEU D 88 -36.12 8.40 19.41
N ASP D 89 -37.00 9.38 19.26
CA ASP D 89 -38.23 9.21 18.51
C ASP D 89 -38.34 10.17 17.32
N ASP D 90 -37.79 11.38 17.43
CA ASP D 90 -37.78 12.28 16.29
C ASP D 90 -36.96 11.70 15.15
N ILE D 91 -35.88 10.98 15.46
CA ILE D 91 -35.11 10.32 14.42
C ILE D 91 -35.95 9.25 13.74
N ILE D 92 -36.69 8.45 14.53
CA ILE D 92 -37.58 7.47 13.93
C ILE D 92 -38.70 8.16 13.17
N GLU D 93 -39.26 9.23 13.72
CA GLU D 93 -40.37 9.93 13.08
C GLU D 93 -39.94 10.55 11.76
N GLU D 94 -38.86 11.33 11.78
CA GLU D 94 -38.35 11.94 10.55
C GLU D 94 -37.93 10.86 9.56
N LEU D 95 -37.26 9.81 10.05
CA LEU D 95 -36.84 8.70 9.20
C LEU D 95 -38.03 8.12 8.44
N LYS D 96 -39.08 7.73 9.17
CA LYS D 96 -40.26 7.16 8.54
C LYS D 96 -40.88 8.16 7.57
N GLU D 97 -41.38 9.29 8.08
CA GLU D 97 -42.16 10.22 7.27
C GLU D 97 -41.34 11.02 6.27
N THR D 98 -40.03 10.77 6.13
CA THR D 98 -39.27 11.38 5.07
C THR D 98 -38.54 10.39 4.18
N ILE D 99 -38.56 9.09 4.52
CA ILE D 99 -37.93 8.12 3.66
C ILE D 99 -38.92 7.01 3.32
N ILE D 100 -39.46 6.36 4.34
CA ILE D 100 -40.23 5.14 4.10
C ILE D 100 -41.57 5.46 3.46
N TYR D 101 -42.15 6.61 3.77
CA TYR D 101 -43.37 7.06 3.11
C TYR D 101 -43.06 7.59 1.71
N PRO D 102 -41.95 8.31 1.51
CA PRO D 102 -41.56 8.64 0.12
C PRO D 102 -41.02 7.45 -0.65
N LEU D 103 -40.14 6.66 -0.05
CA LEU D 103 -39.54 5.53 -0.77
C LEU D 103 -40.58 4.46 -1.05
N THR D 104 -41.19 3.92 -0.01
CA THR D 104 -42.30 2.99 -0.16
C THR D 104 -43.62 3.75 -0.14
N MET D 105 -44.59 3.23 -0.89
CA MET D 105 -45.87 3.90 -1.06
C MET D 105 -45.66 5.27 -1.67
N PRO D 106 -45.29 5.34 -2.95
CA PRO D 106 -45.10 6.66 -3.60
C PRO D 106 -46.34 7.22 -4.26
N HIS D 107 -47.41 6.42 -4.38
CA HIS D 107 -48.61 6.89 -5.08
C HIS D 107 -49.23 8.09 -4.39
N LEU D 108 -49.07 8.20 -3.07
CA LEU D 108 -49.54 9.39 -2.36
C LEU D 108 -48.65 10.60 -2.62
N TYR D 109 -47.41 10.39 -3.06
CA TYR D 109 -46.49 11.47 -3.36
C TYR D 109 -46.31 11.66 -4.87
N LYS D 110 -47.22 11.10 -5.67
CA LYS D 110 -47.04 11.15 -7.12
C LYS D 110 -47.28 12.57 -7.65
N HIS D 111 -48.38 13.19 -7.25
CA HIS D 111 -48.74 14.50 -7.78
C HIS D 111 -47.81 15.62 -7.31
N GLY D 112 -46.95 15.35 -6.33
CA GLY D 112 -46.00 16.36 -5.90
C GLY D 112 -45.02 16.75 -7.00
N GLY D 113 -44.50 15.75 -7.72
CA GLY D 113 -43.56 15.97 -8.80
C GLY D 113 -42.25 15.25 -8.54
N ALA D 114 -41.14 15.93 -8.83
CA ALA D 114 -39.83 15.36 -8.59
C ALA D 114 -39.31 15.67 -7.20
N LEU D 115 -39.78 16.75 -6.58
CA LEU D 115 -39.34 17.11 -5.24
C LEU D 115 -39.80 16.06 -4.23
N LEU D 116 -41.10 15.78 -4.19
CA LEU D 116 -41.67 14.85 -3.21
C LEU D 116 -41.33 13.41 -3.62
N ALA D 117 -40.06 13.08 -3.45
CA ALA D 117 -39.55 11.75 -3.77
C ALA D 117 -38.55 11.33 -2.70
N ALA D 118 -38.18 10.06 -2.74
CA ALA D 118 -37.25 9.53 -1.76
C ALA D 118 -35.89 10.18 -1.92
N PRO D 119 -35.25 10.63 -0.83
CA PRO D 119 -33.92 11.23 -0.95
C PRO D 119 -32.90 10.21 -1.43
N SER D 120 -31.73 10.72 -1.81
CA SER D 120 -30.71 9.86 -2.42
C SER D 120 -30.15 8.86 -1.42
N GLY D 121 -29.79 9.33 -0.22
CA GLY D 121 -29.22 8.47 0.79
C GLY D 121 -29.53 8.99 2.18
N VAL D 122 -28.97 8.29 3.18
CA VAL D 122 -29.17 8.64 4.58
C VAL D 122 -27.90 8.29 5.35
N LEU D 123 -27.52 9.17 6.27
CA LEU D 123 -26.34 8.97 7.10
C LEU D 123 -26.75 9.00 8.56
N LEU D 124 -26.53 7.89 9.27
CA LEU D 124 -26.76 7.80 10.70
C LEU D 124 -25.42 7.88 11.40
N TYR D 125 -25.14 9.02 12.02
CA TYR D 125 -23.85 9.26 12.65
C TYR D 125 -24.04 9.57 14.13
N GLY D 126 -22.94 9.48 14.87
CA GLY D 126 -22.95 9.73 16.28
C GLY D 126 -21.90 8.93 17.02
N PRO D 127 -21.93 8.96 18.35
CA PRO D 127 -20.99 8.17 19.13
C PRO D 127 -21.19 6.69 18.89
N PRO D 128 -20.16 5.87 19.09
CA PRO D 128 -20.30 4.43 18.83
C PRO D 128 -21.09 3.74 19.92
N GLY D 129 -22.03 2.90 19.50
CA GLY D 129 -22.77 2.08 20.43
C GLY D 129 -24.09 2.67 20.90
N CYS D 130 -24.84 3.29 19.99
CA CYS D 130 -26.15 3.82 20.33
C CYS D 130 -27.00 3.95 19.07
N GLY D 131 -27.92 3.00 18.87
CA GLY D 131 -29.01 3.19 17.93
C GLY D 131 -28.74 3.04 16.45
N LYS D 132 -27.50 3.30 16.01
CA LYS D 132 -27.23 3.38 14.58
C LYS D 132 -27.52 2.06 13.87
N THR D 133 -26.79 1.00 14.23
CA THR D 133 -27.03 -0.29 13.61
C THR D 133 -28.40 -0.86 13.98
N MET D 134 -28.98 -0.41 15.10
CA MET D 134 -30.29 -0.88 15.51
C MET D 134 -31.42 -0.09 14.86
N LEU D 135 -31.12 1.05 14.24
CA LEU D 135 -32.09 1.72 13.38
C LEU D 135 -32.17 1.06 12.02
N ALA D 136 -31.04 0.61 11.48
CA ALA D 136 -31.05 -0.09 10.19
C ALA D 136 -31.76 -1.43 10.29
N LYS D 137 -31.78 -2.05 11.47
CA LYS D 137 -32.51 -3.29 11.63
C LYS D 137 -34.00 -3.09 11.50
N ALA D 138 -34.54 -2.04 12.13
CA ALA D 138 -35.96 -1.76 12.01
C ALA D 138 -36.34 -1.38 10.58
N VAL D 139 -35.47 -0.65 9.89
CA VAL D 139 -35.75 -0.27 8.50
C VAL D 139 -35.79 -1.51 7.60
N ALA D 140 -35.05 -2.56 7.97
CA ALA D 140 -35.11 -3.79 7.18
C ALA D 140 -36.33 -4.63 7.57
N HIS D 141 -36.68 -4.65 8.85
CA HIS D 141 -37.83 -5.43 9.30
C HIS D 141 -39.16 -4.73 9.06
N GLU D 142 -39.18 -3.40 9.10
CA GLU D 142 -40.43 -2.66 9.06
C GLU D 142 -40.76 -2.07 7.69
N SER D 143 -39.75 -1.59 6.96
CA SER D 143 -40.01 -0.91 5.70
C SER D 143 -40.58 -1.86 4.65
N GLY D 144 -40.04 -3.07 4.58
CA GLY D 144 -40.42 -3.97 3.50
C GLY D 144 -40.07 -3.42 2.14
N ALA D 145 -38.91 -2.77 2.03
CA ALA D 145 -38.49 -2.09 0.81
C ALA D 145 -37.24 -2.72 0.21
N SER D 146 -37.12 -4.05 0.30
CA SER D 146 -36.02 -4.80 -0.30
C SER D 146 -34.67 -4.34 0.26
N PHE D 147 -34.53 -4.47 1.57
CA PHE D 147 -33.30 -4.07 2.25
C PHE D 147 -32.13 -4.92 1.79
N ILE D 148 -30.94 -4.31 1.76
CA ILE D 148 -29.73 -5.00 1.33
C ILE D 148 -28.58 -4.58 2.26
N ASN D 149 -27.85 -5.57 2.78
CA ASN D 149 -26.70 -5.33 3.63
C ASN D 149 -25.45 -5.49 2.80
N LEU D 150 -24.64 -4.43 2.70
CA LEU D 150 -23.64 -4.40 1.65
C LEU D 150 -22.47 -5.33 1.94
N HIS D 151 -22.07 -5.47 3.20
CA HIS D 151 -20.95 -6.36 3.57
C HIS D 151 -19.67 -5.94 2.84
N ILE D 152 -19.11 -4.82 3.31
CA ILE D 152 -18.04 -4.05 2.68
C ILE D 152 -16.95 -4.89 2.03
N SER D 153 -16.65 -6.05 2.60
CA SER D 153 -15.64 -6.92 1.99
C SER D 153 -16.03 -7.34 0.58
N THR D 154 -17.32 -7.56 0.33
CA THR D 154 -17.75 -7.99 -1.00
C THR D 154 -17.50 -6.92 -2.05
N LEU D 155 -17.44 -5.65 -1.66
CA LEU D 155 -17.06 -4.60 -2.60
C LEU D 155 -15.64 -4.81 -3.10
N THR D 156 -14.67 -4.87 -2.18
CA THR D 156 -13.27 -4.98 -2.54
C THR D 156 -12.97 -6.42 -2.94
N GLU D 157 -12.86 -6.67 -4.24
CA GLU D 157 -12.50 -7.97 -4.76
C GLU D 157 -11.01 -8.01 -5.06
N LYS D 158 -10.43 -9.21 -4.96
CA LYS D 158 -8.99 -9.37 -5.16
C LYS D 158 -8.59 -9.01 -6.59
N TRP D 159 -9.38 -9.44 -7.58
CA TRP D 159 -9.01 -9.22 -8.98
C TRP D 159 -9.12 -7.73 -9.32
N TYR D 160 -8.56 -7.38 -10.47
CA TYR D 160 -8.59 -6.01 -10.95
C TYR D 160 -9.87 -5.76 -11.74
N GLY D 161 -10.48 -4.60 -11.51
CA GLY D 161 -11.73 -4.27 -12.16
C GLY D 161 -12.86 -5.20 -11.79
N ASP D 162 -12.77 -5.88 -10.63
CA ASP D 162 -13.83 -6.72 -10.14
C ASP D 162 -14.55 -6.12 -8.95
N SER D 163 -14.00 -5.07 -8.34
CA SER D 163 -14.71 -4.30 -7.33
C SER D 163 -15.63 -3.27 -7.97
N ASN D 164 -15.17 -2.63 -9.05
CA ASN D 164 -16.04 -1.70 -9.77
C ASN D 164 -17.24 -2.43 -10.37
N LYS D 165 -17.03 -3.65 -10.84
CA LYS D 165 -18.15 -4.44 -11.35
C LYS D 165 -19.18 -4.71 -10.26
N ILE D 166 -18.72 -5.01 -9.05
CA ILE D 166 -19.66 -5.24 -7.95
C ILE D 166 -20.33 -3.94 -7.54
N VAL D 167 -19.63 -2.81 -7.65
CA VAL D 167 -20.25 -1.53 -7.33
C VAL D 167 -21.35 -1.20 -8.32
N ARG D 168 -21.11 -1.44 -9.61
CA ARG D 168 -22.17 -1.27 -10.60
C ARG D 168 -23.27 -2.29 -10.40
N ALA D 169 -22.92 -3.47 -9.88
CA ALA D 169 -23.90 -4.54 -9.72
C ALA D 169 -24.86 -4.26 -8.57
N VAL D 170 -24.37 -3.60 -7.51
CA VAL D 170 -25.24 -3.33 -6.37
C VAL D 170 -26.32 -2.33 -6.76
N PHE D 171 -26.05 -1.47 -7.74
CA PHE D 171 -27.07 -0.56 -8.24
C PHE D 171 -27.87 -1.16 -9.38
N SER D 172 -27.28 -2.09 -10.14
CA SER D 172 -28.04 -2.81 -11.15
C SER D 172 -29.02 -3.80 -10.53
N LEU D 173 -28.78 -4.23 -9.29
CA LEU D 173 -29.71 -5.10 -8.57
C LEU D 173 -30.62 -4.33 -7.63
N ALA D 174 -30.20 -3.16 -7.16
CA ALA D 174 -31.07 -2.35 -6.32
C ALA D 174 -32.27 -1.85 -7.10
N LYS D 175 -32.10 -1.57 -8.39
CA LYS D 175 -33.18 -1.04 -9.21
C LYS D 175 -33.97 -2.13 -9.93
N LYS D 176 -33.40 -3.32 -10.11
CA LYS D 176 -34.17 -4.43 -10.66
C LYS D 176 -35.21 -4.95 -9.68
N LEU D 177 -35.02 -4.69 -8.38
CA LEU D 177 -35.97 -5.06 -7.35
C LEU D 177 -36.36 -3.84 -6.52
N GLN D 178 -36.40 -2.68 -7.18
CA GLN D 178 -36.80 -1.46 -6.51
C GLN D 178 -38.25 -1.57 -6.02
N PRO D 179 -38.59 -0.88 -4.91
CA PRO D 179 -37.68 -0.04 -4.13
C PRO D 179 -36.69 -0.87 -3.32
N SER D 180 -35.50 -0.33 -3.09
CA SER D 180 -34.47 -1.05 -2.35
C SER D 180 -33.64 -0.06 -1.55
N ILE D 181 -33.29 -0.45 -0.34
CA ILE D 181 -32.46 0.36 0.55
C ILE D 181 -31.09 -0.29 0.63
N ILE D 182 -30.06 0.43 0.17
CA ILE D 182 -28.69 -0.05 0.21
C ILE D 182 -28.05 0.43 1.50
N PHE D 183 -27.62 -0.51 2.34
CA PHE D 183 -27.06 -0.20 3.65
C PHE D 183 -25.57 -0.54 3.64
N ILE D 184 -24.75 0.46 3.92
CA ILE D 184 -23.30 0.27 4.03
C ILE D 184 -22.95 0.62 5.47
N ASP D 185 -22.74 -0.40 6.30
CA ASP D 185 -22.42 -0.15 7.69
C ASP D 185 -20.98 0.33 7.81
N GLN D 186 -20.76 1.34 8.65
CA GLN D 186 -19.45 1.93 8.85
C GLN D 186 -18.87 2.49 7.55
N ILE D 187 -19.52 3.53 7.05
CA ILE D 187 -19.05 4.22 5.84
C ILE D 187 -18.04 5.25 6.31
N ASP D 188 -16.82 4.76 6.57
CA ASP D 188 -15.66 5.63 6.72
C ASP D 188 -14.41 5.05 6.08
N ALA D 189 -14.40 3.76 5.74
CA ALA D 189 -13.24 3.11 5.14
C ALA D 189 -13.42 2.87 3.65
N VAL D 190 -14.53 2.22 3.26
CA VAL D 190 -14.79 1.99 1.85
C VAL D 190 -15.01 3.33 1.14
N LEU D 191 -15.61 4.30 1.83
CA LEU D 191 -15.72 5.66 1.36
C LEU D 191 -14.86 6.55 2.26
N GLY D 192 -14.82 7.83 1.97
CA GLY D 192 -14.02 8.77 2.72
C GLY D 192 -13.25 9.72 1.82
N THR D 193 -12.58 10.68 2.47
CA THR D 193 -11.92 11.77 1.78
C THR D 193 -10.91 11.25 0.78
N ARG D 194 -11.19 11.48 -0.51
CA ARG D 194 -10.26 11.08 -1.55
C ARG D 194 -8.93 11.80 -1.42
N ARG D 195 -7.84 11.05 -1.57
CA ARG D 195 -6.51 11.59 -1.42
C ARG D 195 -5.70 11.30 -2.68
N SER D 196 -4.58 12.01 -2.82
CA SER D 196 -3.72 11.80 -3.98
C SER D 196 -3.07 10.42 -3.93
N GLY D 197 -2.65 9.98 -2.74
CA GLY D 197 -2.00 8.70 -2.60
C GLY D 197 -2.95 7.56 -2.28
N GLU D 198 -4.00 7.41 -3.07
CA GLU D 198 -4.92 6.30 -2.89
C GLU D 198 -4.32 5.02 -3.44
N HIS D 199 -5.06 3.91 -3.26
CA HIS D 199 -4.59 2.63 -3.77
C HIS D 199 -4.63 2.59 -5.29
N GLU D 200 -5.48 3.42 -5.90
CA GLU D 200 -5.84 3.41 -7.32
C GLU D 200 -6.80 2.28 -7.63
N ALA D 201 -7.08 1.40 -6.65
CA ALA D 201 -8.12 0.39 -6.76
C ALA D 201 -9.33 0.70 -5.90
N SER D 202 -9.14 1.43 -4.79
CA SER D 202 -10.25 1.93 -4.00
C SER D 202 -10.70 3.31 -4.43
N GLY D 203 -9.88 4.03 -5.20
CA GLY D 203 -10.32 5.31 -5.73
C GLY D 203 -11.40 5.16 -6.77
N MET D 204 -11.41 4.04 -7.49
CA MET D 204 -12.45 3.80 -8.48
C MET D 204 -13.73 3.31 -7.83
N VAL D 205 -13.63 2.37 -6.89
CA VAL D 205 -14.82 1.95 -6.12
C VAL D 205 -15.39 3.13 -5.36
N LYS D 206 -14.54 4.06 -4.93
CA LYS D 206 -15.00 5.28 -4.28
C LYS D 206 -15.60 6.27 -5.26
N ALA D 207 -15.29 6.13 -6.55
CA ALA D 207 -15.81 7.01 -7.58
C ALA D 207 -16.85 6.31 -8.44
N GLU D 208 -16.72 5.01 -8.68
CA GLU D 208 -17.78 4.28 -9.38
C GLU D 208 -19.09 4.35 -8.62
N PHE D 209 -19.03 4.24 -7.29
CA PHE D 209 -20.23 4.35 -6.47
C PHE D 209 -20.99 5.65 -6.66
N MET D 210 -20.29 6.78 -6.56
CA MET D 210 -20.92 8.08 -6.74
C MET D 210 -21.24 8.39 -8.20
N THR D 211 -20.60 7.70 -9.15
CA THR D 211 -20.96 7.86 -10.55
C THR D 211 -22.26 7.13 -10.88
N LEU D 212 -22.54 6.04 -10.17
CA LEU D 212 -23.78 5.29 -10.37
C LEU D 212 -24.93 5.79 -9.53
N TRP D 213 -24.65 6.37 -8.35
CA TRP D 213 -25.70 6.68 -7.40
C TRP D 213 -26.28 8.08 -7.56
N ASP D 214 -25.53 9.01 -8.14
CA ASP D 214 -26.09 10.29 -8.57
C ASP D 214 -25.51 10.68 -9.93
N GLY D 215 -25.46 9.73 -10.85
CA GLY D 215 -24.76 9.91 -12.10
C GLY D 215 -25.64 10.38 -13.24
N LEU D 216 -25.27 9.99 -14.45
CA LEU D 216 -25.92 10.49 -15.66
C LEU D 216 -27.27 9.83 -15.88
N THR D 217 -27.35 8.50 -15.74
CA THR D 217 -28.55 7.75 -16.10
C THR D 217 -29.28 7.22 -14.87
N SER D 218 -29.34 8.01 -13.80
CA SER D 218 -30.13 7.60 -12.64
C SER D 218 -31.61 7.80 -12.89
N THR D 219 -32.02 9.04 -13.17
CA THR D 219 -33.42 9.33 -13.41
C THR D 219 -33.93 8.59 -14.64
N ASN D 220 -35.23 8.35 -14.67
CA ASN D 220 -35.87 7.64 -15.76
C ASN D 220 -36.16 8.62 -16.89
N ALA D 221 -36.89 8.16 -17.90
CA ALA D 221 -37.30 9.05 -18.98
C ALA D 221 -38.30 10.10 -18.49
N SER D 222 -39.05 9.77 -17.45
CA SER D 222 -40.02 10.71 -16.89
C SER D 222 -39.42 11.57 -15.79
N GLY D 223 -38.41 11.07 -15.08
CA GLY D 223 -37.77 11.85 -14.05
C GLY D 223 -37.87 11.28 -12.65
N VAL D 224 -37.95 9.95 -12.54
CA VAL D 224 -38.01 9.30 -11.24
C VAL D 224 -36.61 8.88 -10.82
N PRO D 225 -36.16 9.20 -9.60
CA PRO D 225 -34.78 8.93 -9.18
C PRO D 225 -34.56 7.51 -8.65
N ASN D 226 -35.08 6.52 -9.38
CA ASN D 226 -34.78 5.10 -9.17
C ASN D 226 -35.42 4.50 -7.92
N ARG D 227 -36.02 5.33 -7.06
CA ARG D 227 -36.62 4.88 -5.81
C ARG D 227 -35.66 4.03 -4.99
N ILE D 228 -34.41 4.49 -4.89
CA ILE D 228 -33.36 3.77 -4.18
C ILE D 228 -32.78 4.70 -3.13
N VAL D 229 -32.60 4.18 -1.91
CA VAL D 229 -32.02 4.94 -0.81
C VAL D 229 -30.82 4.18 -0.28
N VAL D 230 -29.76 4.92 0.06
CA VAL D 230 -28.54 4.35 0.61
C VAL D 230 -28.41 4.86 2.04
N LEU D 231 -28.75 4.01 3.01
CA LEU D 231 -28.65 4.35 4.42
C LEU D 231 -27.26 3.95 4.91
N GLY D 232 -26.50 4.94 5.36
CA GLY D 232 -25.15 4.69 5.83
C GLY D 232 -24.96 5.05 7.29
N ALA D 233 -24.58 4.07 8.10
CA ALA D 233 -24.34 4.28 9.52
C ALA D 233 -22.84 4.35 9.78
N THR D 234 -22.42 5.36 10.53
CA THR D 234 -21.02 5.53 10.88
C THR D 234 -20.92 6.38 12.13
N ASN D 235 -19.71 6.46 12.67
CA ASN D 235 -19.44 7.29 13.83
C ASN D 235 -18.36 8.32 13.59
N ARG D 236 -17.87 8.46 12.36
CA ARG D 236 -16.86 9.45 11.98
C ARG D 236 -17.37 10.16 10.73
N ILE D 237 -18.16 11.21 10.92
CA ILE D 237 -18.81 11.86 9.78
C ILE D 237 -17.82 12.70 8.98
N ASN D 238 -16.79 13.23 9.64
CA ASN D 238 -15.87 14.16 8.98
C ASN D 238 -14.80 13.46 8.16
N ASP D 239 -14.97 12.17 7.88
CA ASP D 239 -14.04 11.42 7.02
C ASP D 239 -14.83 10.51 6.09
N ILE D 240 -15.87 11.04 5.47
CA ILE D 240 -16.80 10.20 4.72
C ILE D 240 -16.96 10.72 3.29
N ASP D 241 -15.91 11.32 2.73
CA ASP D 241 -15.90 11.75 1.33
C ASP D 241 -17.00 12.78 1.06
N GLU D 242 -16.76 13.99 1.60
CA GLU D 242 -17.69 15.12 1.59
C GLU D 242 -18.48 15.29 0.29
N ALA D 243 -17.87 14.96 -0.85
CA ALA D 243 -18.62 14.85 -2.09
C ALA D 243 -19.74 13.82 -1.99
N ILE D 244 -19.57 12.79 -1.16
CA ILE D 244 -20.65 11.83 -0.93
C ILE D 244 -21.67 12.38 0.04
N LEU D 245 -21.25 13.22 1.00
CA LEU D 245 -22.19 13.84 1.92
C LEU D 245 -23.23 14.69 1.20
N ARG D 246 -22.91 15.19 0.00
CA ARG D 246 -23.92 15.83 -0.84
C ARG D 246 -24.92 14.82 -1.38
N ARG D 247 -24.58 13.53 -1.36
CA ARG D 247 -25.47 12.51 -1.88
C ARG D 247 -26.54 12.13 -0.87
N MET D 248 -26.13 11.87 0.37
CA MET D 248 -27.07 11.55 1.45
C MET D 248 -27.36 12.79 2.28
N PRO D 249 -28.44 13.51 1.97
CA PRO D 249 -28.72 14.75 2.72
C PRO D 249 -29.25 14.50 4.12
N LYS D 250 -30.12 13.51 4.29
CA LYS D 250 -30.75 13.25 5.58
C LYS D 250 -29.70 12.66 6.51
N GLN D 251 -29.10 13.51 7.33
CA GLN D 251 -28.07 13.12 8.28
C GLN D 251 -28.63 13.24 9.69
N PHE D 252 -28.93 12.12 10.32
CA PHE D 252 -29.58 12.11 11.62
C PHE D 252 -28.53 11.92 12.71
N PRO D 253 -28.31 12.90 13.57
CA PRO D 253 -27.35 12.72 14.67
C PRO D 253 -27.95 11.82 15.75
N VAL D 254 -27.22 10.76 16.10
CA VAL D 254 -27.70 9.82 17.11
C VAL D 254 -26.85 9.98 18.36
N PRO D 255 -27.21 10.90 19.26
CA PRO D 255 -26.39 11.15 20.44
C PRO D 255 -26.65 10.09 21.51
N LEU D 256 -25.90 10.20 22.61
CA LEU D 256 -26.10 9.32 23.74
C LEU D 256 -27.40 9.67 24.47
N PRO D 257 -27.97 8.74 25.21
CA PRO D 257 -29.26 8.97 25.84
C PRO D 257 -29.18 10.01 26.94
N GLY D 258 -30.35 10.56 27.29
CA GLY D 258 -30.47 11.51 28.36
C GLY D 258 -31.19 10.94 29.57
N LEU D 259 -31.83 11.80 30.35
CA LEU D 259 -32.55 11.33 31.53
C LEU D 259 -33.76 10.49 31.16
N GLU D 260 -34.37 10.75 29.99
CA GLU D 260 -35.51 10.00 29.53
C GLU D 260 -35.12 8.81 28.67
N GLN D 261 -34.15 9.01 27.78
CA GLN D 261 -33.72 7.94 26.89
C GLN D 261 -33.09 6.79 27.66
N ARG D 262 -32.34 7.10 28.72
CA ARG D 262 -31.74 6.04 29.52
C ARG D 262 -32.81 5.19 30.20
N ARG D 263 -33.83 5.82 30.77
CA ARG D 263 -34.89 5.06 31.39
C ARG D 263 -35.69 4.26 30.38
N ARG D 264 -35.92 4.81 29.19
CA ARG D 264 -36.62 4.05 28.16
C ARG D 264 -35.81 2.84 27.70
N ILE D 265 -34.49 3.01 27.53
CA ILE D 265 -33.65 1.88 27.14
C ILE D 265 -33.60 0.85 28.26
N LEU D 266 -33.60 1.28 29.52
CA LEU D 266 -33.68 0.35 30.63
C LEU D 266 -34.98 -0.45 30.58
N GLU D 267 -36.10 0.24 30.35
CA GLU D 267 -37.39 -0.44 30.26
C GLU D 267 -37.43 -1.43 29.09
N LEU D 268 -36.78 -1.10 27.99
CA LEU D 268 -36.87 -1.95 26.81
C LEU D 268 -35.92 -3.14 26.86
N VAL D 269 -34.72 -2.94 27.42
CA VAL D 269 -33.73 -4.01 27.45
C VAL D 269 -34.07 -5.05 28.51
N LEU D 270 -34.80 -4.65 29.57
CA LEU D 270 -35.13 -5.54 30.68
C LEU D 270 -36.54 -6.10 30.57
N ARG D 271 -37.01 -6.37 29.36
CA ARG D 271 -38.37 -6.90 29.19
C ARG D 271 -38.47 -8.33 29.73
N GLY D 272 -37.65 -9.23 29.21
CA GLY D 272 -37.71 -10.62 29.61
C GLY D 272 -36.98 -10.90 30.91
N THR D 273 -37.54 -10.46 32.04
CA THR D 273 -36.92 -10.69 33.33
C THR D 273 -37.95 -10.46 34.43
N LYS D 274 -38.03 -11.41 35.37
CA LYS D 274 -38.85 -11.24 36.56
C LYS D 274 -38.05 -10.38 37.53
N ARG D 275 -38.25 -9.06 37.44
CA ARG D 275 -37.35 -8.10 38.08
C ARG D 275 -38.05 -7.24 39.12
N ASP D 276 -39.24 -7.60 39.55
CA ASP D 276 -39.97 -6.61 40.33
C ASP D 276 -40.31 -7.02 41.76
N PRO D 277 -39.35 -7.50 42.58
CA PRO D 277 -39.62 -7.52 44.03
C PRO D 277 -39.71 -6.11 44.60
N ASP D 278 -38.63 -5.34 44.44
CA ASP D 278 -38.54 -3.96 44.91
C ASP D 278 -37.80 -3.10 43.88
N PHE D 279 -38.12 -3.28 42.61
CA PHE D 279 -37.32 -2.66 41.55
C PHE D 279 -37.63 -1.17 41.45
N ASP D 280 -36.57 -0.37 41.29
CA ASP D 280 -36.61 1.08 41.42
C ASP D 280 -35.87 1.75 40.26
N LEU D 281 -36.27 1.39 39.03
CA LEU D 281 -35.55 1.82 37.83
C LEU D 281 -35.38 3.33 37.73
N ASP D 282 -36.24 4.12 38.40
CA ASP D 282 -36.02 5.56 38.46
C ASP D 282 -34.66 5.89 39.07
N TYR D 283 -34.19 5.05 39.99
CA TYR D 283 -32.88 5.27 40.59
C TYR D 283 -31.75 4.87 39.64
N ILE D 284 -31.89 3.73 38.96
CA ILE D 284 -30.84 3.29 38.05
C ILE D 284 -30.71 4.22 36.86
N ALA D 285 -31.83 4.80 36.39
CA ALA D 285 -31.76 5.72 35.26
C ALA D 285 -30.94 6.95 35.60
N ARG D 286 -31.03 7.44 36.84
CA ARG D 286 -30.22 8.57 37.26
C ARG D 286 -28.80 8.15 37.60
N VAL D 287 -28.61 6.93 38.12
CA VAL D 287 -27.26 6.46 38.42
C VAL D 287 -26.44 6.35 37.14
N THR D 288 -27.02 5.76 36.10
CA THR D 288 -26.36 5.71 34.80
C THR D 288 -26.31 7.13 34.24
N ALA D 289 -25.12 7.74 34.26
CA ALA D 289 -25.01 9.15 33.94
C ALA D 289 -24.96 9.40 32.44
N GLY D 290 -23.94 8.90 31.77
CA GLY D 290 -23.74 9.22 30.37
C GLY D 290 -23.24 8.08 29.51
N MET D 291 -23.44 6.84 29.98
CA MET D 291 -23.04 5.69 29.18
C MET D 291 -24.02 5.50 28.02
N SER D 292 -23.50 5.01 26.90
CA SER D 292 -24.29 4.85 25.69
C SER D 292 -25.42 3.85 25.92
N GLY D 293 -26.26 3.70 24.90
CA GLY D 293 -27.37 2.76 25.00
C GLY D 293 -26.91 1.32 25.17
N SER D 294 -25.79 0.95 24.54
CA SER D 294 -25.29 -0.40 24.68
C SER D 294 -24.64 -0.66 26.03
N ASP D 295 -24.11 0.38 26.67
CA ASP D 295 -23.55 0.22 28.01
C ASP D 295 -24.65 0.04 29.05
N ILE D 296 -25.77 0.74 28.88
CA ILE D 296 -26.94 0.47 29.70
C ILE D 296 -27.39 -0.96 29.52
N LYS D 297 -27.32 -1.48 28.29
CA LYS D 297 -27.71 -2.86 28.05
C LYS D 297 -26.77 -3.84 28.73
N GLU D 298 -25.46 -3.57 28.68
CA GLU D 298 -24.52 -4.44 29.35
C GLU D 298 -24.70 -4.40 30.86
N THR D 299 -25.00 -3.21 31.40
CA THR D 299 -25.29 -3.12 32.84
C THR D 299 -26.53 -3.93 33.20
N CYS D 300 -27.58 -3.85 32.37
CA CYS D 300 -28.76 -4.66 32.60
C CYS D 300 -28.43 -6.14 32.55
N ARG D 301 -27.56 -6.53 31.62
CA ARG D 301 -27.13 -7.93 31.52
C ARG D 301 -26.42 -8.37 32.80
N ASP D 302 -25.43 -7.59 33.24
CA ASP D 302 -24.66 -7.97 34.42
C ASP D 302 -25.53 -7.98 35.67
N ALA D 303 -26.56 -7.12 35.71
CA ALA D 303 -27.45 -7.09 36.86
C ALA D 303 -28.61 -8.07 36.74
N ALA D 304 -28.77 -8.72 35.59
CA ALA D 304 -29.86 -9.66 35.40
C ALA D 304 -29.44 -11.11 35.56
N MET D 305 -28.17 -11.43 35.36
CA MET D 305 -27.68 -12.79 35.56
C MET D 305 -27.03 -12.99 36.92
N ALA D 306 -26.88 -11.94 37.71
CA ALA D 306 -26.41 -12.10 39.09
C ALA D 306 -27.28 -13.04 39.90
N PRO D 307 -28.61 -12.91 39.93
CA PRO D 307 -29.41 -13.90 40.66
C PRO D 307 -29.30 -15.30 40.09
N MET D 308 -29.08 -15.44 38.79
CA MET D 308 -28.88 -16.77 38.24
C MET D 308 -27.57 -17.38 38.72
N ARG D 309 -26.51 -16.57 38.77
CA ARG D 309 -25.26 -17.04 39.37
C ARG D 309 -25.45 -17.43 40.82
N GLU D 310 -26.23 -16.64 41.57
CA GLU D 310 -26.49 -16.97 42.97
C GLU D 310 -27.23 -18.28 43.10
N TYR D 311 -28.23 -18.50 42.23
CA TYR D 311 -28.98 -19.76 42.28
C TYR D 311 -28.09 -20.94 41.93
N ILE D 312 -27.22 -20.78 40.93
CA ILE D 312 -26.34 -21.89 40.56
C ILE D 312 -25.35 -22.17 41.69
N ARG D 313 -24.82 -21.12 42.33
CA ARG D 313 -23.89 -21.33 43.44
C ARG D 313 -24.58 -21.98 44.63
N GLN D 314 -25.85 -21.68 44.85
CA GLN D 314 -26.58 -22.29 45.94
C GLN D 314 -26.98 -23.73 45.64
N HIS D 315 -27.23 -24.04 44.37
CA HIS D 315 -27.62 -25.39 43.97
C HIS D 315 -26.43 -26.31 43.73
N ARG D 316 -25.23 -25.75 43.60
CA ARG D 316 -24.04 -26.58 43.39
C ARG D 316 -23.76 -27.49 44.57
N ALA D 317 -24.31 -27.19 45.76
CA ALA D 317 -24.05 -28.02 46.93
C ALA D 317 -24.59 -29.43 46.75
N SER D 318 -25.72 -29.58 46.06
CA SER D 318 -26.32 -30.89 45.86
C SER D 318 -27.18 -30.87 44.61
N GLY D 319 -27.22 -32.02 43.93
CA GLY D 319 -28.09 -32.19 42.79
C GLY D 319 -27.41 -31.90 41.46
N LYS D 320 -28.23 -31.80 40.43
CA LYS D 320 -27.82 -31.54 39.06
C LYS D 320 -28.66 -30.37 38.57
N PRO D 321 -28.08 -29.47 37.75
CA PRO D 321 -28.81 -28.26 37.38
C PRO D 321 -30.07 -28.53 36.57
N LEU D 322 -31.22 -28.26 37.18
CA LEU D 322 -32.55 -28.36 36.59
C LEU D 322 -33.33 -27.10 36.94
N SER D 323 -32.71 -25.94 36.67
CA SER D 323 -33.12 -24.66 37.25
C SER D 323 -34.59 -24.35 37.01
N GLU D 324 -35.24 -23.89 38.07
CA GLU D 324 -36.64 -23.51 38.05
C GLU D 324 -36.75 -22.02 37.70
N ILE D 325 -37.92 -21.43 37.95
CA ILE D 325 -38.17 -20.04 37.58
C ILE D 325 -38.10 -19.15 38.80
N ASN D 326 -37.31 -19.53 39.80
CA ASN D 326 -37.31 -18.74 41.03
C ASN D 326 -35.97 -18.10 41.38
N PRO D 327 -35.33 -17.34 40.48
CA PRO D 327 -34.39 -16.30 40.94
C PRO D 327 -35.12 -14.99 41.17
N ASP D 328 -34.40 -13.92 41.51
CA ASP D 328 -35.04 -12.61 41.66
C ASP D 328 -34.05 -11.51 41.38
N ASP D 329 -34.50 -10.47 40.69
CA ASP D 329 -33.69 -9.31 40.35
C ASP D 329 -34.00 -8.19 41.34
N VAL D 330 -32.98 -7.67 42.01
CA VAL D 330 -33.18 -6.69 43.07
C VAL D 330 -32.43 -5.39 42.75
N ARG D 331 -31.11 -5.48 42.68
CA ARG D 331 -30.28 -4.28 42.53
C ARG D 331 -29.06 -4.59 41.67
N GLY D 332 -28.89 -3.81 40.61
CA GLY D 332 -27.67 -3.87 39.83
C GLY D 332 -26.55 -3.06 40.48
N ILE D 333 -25.37 -3.14 39.86
CA ILE D 333 -24.22 -2.42 40.37
C ILE D 333 -24.43 -0.92 40.20
N ASP E 14 -1.35 -22.00 -8.74
CA ASP E 14 -2.32 -21.29 -7.92
C ASP E 14 -3.43 -22.20 -7.43
N TYR E 15 -3.22 -23.51 -7.56
CA TYR E 15 -4.21 -24.49 -7.15
C TYR E 15 -3.66 -25.53 -6.19
N GLU E 16 -2.38 -25.88 -6.31
CA GLU E 16 -1.81 -26.87 -5.39
C GLU E 16 -1.78 -26.37 -3.96
N LYS E 17 -1.48 -25.08 -3.77
CA LYS E 17 -1.59 -24.48 -2.44
C LYS E 17 -3.02 -24.56 -1.94
N ASN E 18 -3.99 -24.42 -2.84
CA ASN E 18 -5.40 -24.57 -2.48
C ASN E 18 -5.66 -25.97 -1.95
N GLU E 19 -5.17 -27.00 -2.65
CA GLU E 19 -5.38 -28.37 -2.21
C GLU E 19 -4.71 -28.63 -0.87
N ARG E 20 -3.49 -28.10 -0.69
CA ARG E 20 -2.78 -28.29 0.57
C ARG E 20 -3.53 -27.64 1.72
N THR E 21 -3.95 -26.39 1.55
CA THR E 21 -4.66 -25.69 2.61
C THR E 21 -6.01 -26.35 2.91
N ARG E 22 -6.68 -26.85 1.87
CA ARG E 22 -8.00 -27.46 2.11
C ARG E 22 -7.86 -28.80 2.81
N ILE E 23 -6.84 -29.59 2.45
CA ILE E 23 -6.65 -30.87 3.13
C ILE E 23 -6.22 -30.64 4.58
N LYS E 24 -5.37 -29.64 4.82
CA LYS E 24 -4.98 -29.34 6.19
C LYS E 24 -6.16 -28.87 7.02
N ALA E 25 -7.00 -27.98 6.45
CA ALA E 25 -8.17 -27.52 7.18
C ALA E 25 -9.14 -28.65 7.46
N GLN E 26 -9.34 -29.55 6.49
CA GLN E 26 -10.23 -30.68 6.70
C GLN E 26 -9.71 -31.59 7.80
N GLU E 27 -8.41 -31.89 7.77
CA GLU E 27 -7.85 -32.74 8.82
C GLU E 27 -7.95 -32.09 10.19
N ASN E 28 -7.72 -30.78 10.27
CA ASN E 28 -7.77 -30.08 11.54
C ASN E 28 -9.20 -30.06 12.09
N LEU E 29 -10.17 -29.79 11.23
CA LEU E 29 -11.56 -29.80 11.66
C LEU E 29 -12.00 -31.20 12.06
N ARG E 30 -11.53 -32.23 11.35
CA ARG E 30 -11.82 -33.60 11.76
C ARG E 30 -11.23 -33.90 13.13
N ARG E 31 -10.04 -33.37 13.41
CA ARG E 31 -9.43 -33.58 14.72
C ARG E 31 -10.27 -32.94 15.81
N ILE E 32 -10.65 -31.67 15.62
CA ILE E 32 -11.49 -31.00 16.62
C ILE E 32 -12.85 -31.69 16.77
N ARG E 33 -13.39 -32.25 15.69
CA ARG E 33 -14.68 -32.92 15.79
C ARG E 33 -14.57 -34.27 16.51
N ARG E 34 -13.54 -35.04 16.20
CA ARG E 34 -13.30 -36.31 16.88
C ARG E 34 -12.80 -36.13 18.31
N LYS E 35 -12.41 -34.90 18.69
CA LYS E 35 -12.11 -34.62 20.08
C LYS E 35 -13.29 -34.98 20.98
N GLN E 36 -14.51 -34.68 20.54
CA GLN E 36 -15.71 -35.01 21.29
C GLN E 36 -15.89 -36.51 21.39
N LEU E 59 -19.21 -28.12 7.57
CA LEU E 59 -18.11 -29.02 7.20
C LEU E 59 -17.55 -28.63 5.83
N VAL E 60 -18.39 -28.02 5.00
CA VAL E 60 -17.99 -27.57 3.67
C VAL E 60 -17.52 -26.13 3.81
N LEU E 61 -16.22 -25.91 3.57
CA LEU E 61 -15.63 -24.60 3.69
C LEU E 61 -15.26 -24.05 2.31
N ASN E 62 -15.30 -22.72 2.18
CA ASN E 62 -14.94 -22.08 0.92
C ASN E 62 -13.43 -21.92 0.84
N GLU E 63 -12.97 -21.10 -0.11
CA GLU E 63 -11.54 -20.92 -0.32
C GLU E 63 -10.90 -20.22 0.88
N TYR E 64 -11.59 -19.23 1.45
CA TYR E 64 -11.00 -18.38 2.48
C TYR E 64 -11.20 -18.90 3.89
N GLU E 65 -12.30 -19.64 4.14
CA GLU E 65 -12.48 -20.23 5.46
C GLU E 65 -11.44 -21.28 5.78
N ASN E 66 -10.81 -21.88 4.76
CA ASN E 66 -9.73 -22.82 5.00
C ASN E 66 -8.51 -22.14 5.59
N GLN E 67 -8.31 -20.86 5.27
CA GLN E 67 -7.15 -20.15 5.82
C GLN E 67 -7.24 -20.04 7.34
N VAL E 68 -8.45 -19.87 7.87
CA VAL E 68 -8.64 -19.83 9.33
C VAL E 68 -9.01 -21.18 9.89
N ALA E 69 -9.37 -22.15 9.05
CA ALA E 69 -9.72 -23.47 9.55
C ALA E 69 -8.51 -24.23 10.09
N LEU E 70 -7.31 -23.88 9.64
CA LEU E 70 -6.09 -24.52 10.11
C LEU E 70 -5.52 -23.84 11.36
N GLU E 71 -6.32 -23.01 12.02
CA GLU E 71 -5.89 -22.33 13.23
C GLU E 71 -6.73 -22.67 14.45
N VAL E 72 -7.75 -23.51 14.29
CA VAL E 72 -8.58 -23.95 15.40
C VAL E 72 -7.72 -24.76 16.36
N VAL E 73 -7.48 -24.22 17.55
CA VAL E 73 -6.65 -24.90 18.54
C VAL E 73 -7.48 -25.90 19.31
N ALA E 74 -7.04 -27.15 19.33
CA ALA E 74 -7.77 -28.20 20.00
C ALA E 74 -7.46 -28.19 21.50
N PRO E 75 -8.34 -28.77 22.31
CA PRO E 75 -8.07 -28.79 23.76
C PRO E 75 -6.89 -29.64 24.15
N GLU E 76 -6.69 -30.78 23.47
CA GLU E 76 -5.57 -31.64 23.80
C GLU E 76 -4.22 -30.99 23.50
N ASP E 77 -4.17 -30.05 22.56
CA ASP E 77 -2.89 -29.45 22.20
C ASP E 77 -2.36 -28.57 23.32
N ILE E 78 -3.24 -27.75 23.92
CA ILE E 78 -2.82 -26.85 24.99
C ILE E 78 -2.69 -27.63 26.28
N PRO E 79 -1.51 -27.65 26.91
CA PRO E 79 -1.32 -28.49 28.09
C PRO E 79 -1.81 -27.88 29.39
N VAL E 80 -1.93 -26.55 29.46
CA VAL E 80 -2.24 -25.87 30.71
C VAL E 80 -3.75 -25.67 30.82
N GLY E 81 -4.29 -25.94 31.99
CA GLY E 81 -5.69 -25.71 32.31
C GLY E 81 -5.86 -24.52 33.22
N PHE E 82 -7.00 -24.49 33.92
CA PHE E 82 -7.27 -23.40 34.86
C PHE E 82 -6.58 -23.59 36.19
N ASN E 83 -6.12 -24.80 36.51
CA ASN E 83 -5.47 -25.08 37.78
C ASN E 83 -4.01 -24.63 37.80
N ASP E 84 -3.51 -24.06 36.69
CA ASP E 84 -2.14 -23.59 36.62
C ASP E 84 -2.07 -22.07 36.57
N ILE E 85 -2.93 -21.40 37.34
CA ILE E 85 -2.95 -19.94 37.43
C ILE E 85 -3.16 -19.57 38.89
N GLY E 86 -2.25 -18.78 39.44
CA GLY E 86 -2.25 -18.44 40.85
C GLY E 86 -2.66 -16.99 41.08
N GLY E 87 -3.52 -16.78 42.08
CA GLY E 87 -3.97 -15.45 42.44
C GLY E 87 -5.08 -14.88 41.60
N LEU E 88 -5.29 -15.41 40.39
CA LEU E 88 -6.38 -14.97 39.53
C LEU E 88 -7.67 -15.75 39.80
N ASP E 89 -7.81 -16.33 40.99
CA ASP E 89 -9.04 -17.04 41.34
C ASP E 89 -10.24 -16.11 41.36
N ASP E 90 -10.05 -14.85 41.73
CA ASP E 90 -11.13 -13.87 41.70
C ASP E 90 -11.46 -13.43 40.29
N ILE E 91 -10.45 -13.24 39.44
CA ILE E 91 -10.71 -12.91 38.05
C ILE E 91 -11.16 -14.13 37.26
N ILE E 92 -10.68 -15.32 37.64
CA ILE E 92 -11.07 -16.51 36.92
C ILE E 92 -12.54 -16.84 37.13
N GLU E 93 -13.08 -16.55 38.31
CA GLU E 93 -14.50 -16.76 38.57
C GLU E 93 -15.37 -15.86 37.69
N GLU E 94 -15.02 -14.57 37.59
CA GLU E 94 -15.79 -13.67 36.75
C GLU E 94 -15.56 -13.92 35.26
N LEU E 95 -14.41 -14.51 34.90
CA LEU E 95 -14.16 -14.87 33.51
C LEU E 95 -14.80 -16.19 33.13
N LYS E 96 -15.16 -17.02 34.11
CA LYS E 96 -15.81 -18.30 33.81
C LYS E 96 -17.32 -18.22 33.98
N GLU E 97 -17.81 -17.96 35.18
CA GLU E 97 -19.24 -18.05 35.46
C GLU E 97 -20.06 -17.03 34.70
N THR E 98 -19.44 -16.01 34.14
CA THR E 98 -20.18 -14.93 33.48
C THR E 98 -20.06 -14.94 31.96
N ILE E 99 -18.99 -15.49 31.39
CA ILE E 99 -18.89 -15.47 29.93
C ILE E 99 -18.66 -16.85 29.34
N ILE E 100 -18.00 -17.75 30.07
CA ILE E 100 -17.71 -19.07 29.50
C ILE E 100 -18.77 -20.08 29.87
N TYR E 101 -19.65 -19.77 30.80
CA TYR E 101 -20.74 -20.66 31.14
C TYR E 101 -22.07 -19.92 31.15
N PRO E 102 -22.25 -18.85 30.31
CA PRO E 102 -23.54 -18.65 29.66
C PRO E 102 -23.50 -19.10 28.21
N LEU E 103 -22.28 -19.39 27.73
CA LEU E 103 -22.03 -19.69 26.32
C LEU E 103 -22.05 -21.19 26.07
N THR E 104 -21.34 -21.96 26.87
CA THR E 104 -21.51 -23.40 26.87
C THR E 104 -22.79 -23.77 27.60
N MET E 105 -23.54 -24.68 27.03
CA MET E 105 -24.88 -25.08 27.46
C MET E 105 -25.75 -23.87 27.80
N PRO E 106 -26.15 -23.09 26.80
CA PRO E 106 -27.08 -21.98 27.06
C PRO E 106 -28.49 -22.42 27.37
N HIS E 107 -28.78 -23.73 27.32
CA HIS E 107 -30.10 -24.22 27.70
C HIS E 107 -30.40 -23.93 29.16
N LEU E 108 -29.36 -23.86 30.00
CA LEU E 108 -29.58 -23.55 31.41
C LEU E 108 -29.98 -22.09 31.59
N TYR E 109 -29.54 -21.21 30.70
CA TYR E 109 -29.93 -19.80 30.71
C TYR E 109 -31.01 -19.59 29.66
N LYS E 110 -32.24 -20.01 29.98
CA LYS E 110 -33.34 -19.93 29.04
C LYS E 110 -34.42 -18.93 29.46
N HIS E 111 -34.41 -18.46 30.71
CA HIS E 111 -35.44 -17.55 31.16
C HIS E 111 -35.27 -16.18 30.51
N GLY E 112 -34.08 -15.61 30.63
CA GLY E 112 -33.80 -14.30 30.06
C GLY E 112 -32.98 -14.39 28.80
N GLY E 113 -33.34 -15.31 27.91
CA GLY E 113 -32.59 -15.65 26.71
C GLY E 113 -32.00 -14.51 25.90
N ALA E 114 -32.68 -13.36 25.88
CA ALA E 114 -32.13 -12.19 25.21
C ALA E 114 -30.94 -11.64 25.98
N LEU E 115 -31.14 -11.30 27.26
CA LEU E 115 -30.05 -10.75 28.07
C LEU E 115 -29.08 -11.85 28.48
N LEU E 116 -29.60 -12.99 28.94
CA LEU E 116 -28.76 -14.04 29.47
C LEU E 116 -28.02 -14.78 28.36
N ALA E 117 -27.10 -14.09 27.69
CA ALA E 117 -26.27 -14.69 26.66
C ALA E 117 -24.81 -14.36 26.96
N ALA E 118 -23.92 -15.08 26.30
CA ALA E 118 -22.50 -14.82 26.48
C ALA E 118 -22.15 -13.44 25.94
N PRO E 119 -21.40 -12.64 26.69
CA PRO E 119 -21.04 -11.30 26.21
C PRO E 119 -20.22 -11.38 24.92
N SER E 120 -20.15 -10.25 24.23
CA SER E 120 -19.50 -10.20 22.93
C SER E 120 -18.01 -10.49 23.00
N GLY E 121 -17.36 -10.25 24.14
CA GLY E 121 -15.95 -10.53 24.25
C GLY E 121 -15.31 -10.08 25.55
N VAL E 122 -14.17 -10.67 25.88
CA VAL E 122 -13.39 -10.31 27.05
C VAL E 122 -12.13 -9.61 26.59
N LEU E 123 -11.72 -8.58 27.33
CA LEU E 123 -10.48 -7.87 27.09
C LEU E 123 -9.58 -8.05 28.31
N LEU E 124 -8.56 -8.88 28.17
CA LEU E 124 -7.59 -9.11 29.24
C LEU E 124 -6.45 -8.10 29.07
N TYR E 125 -6.50 -7.02 29.83
CA TYR E 125 -5.52 -5.95 29.73
C TYR E 125 -4.73 -5.84 31.02
N GLY E 126 -3.46 -5.46 30.89
CA GLY E 126 -2.59 -5.29 32.03
C GLY E 126 -1.14 -5.21 31.62
N PRO E 127 -0.26 -4.95 32.58
CA PRO E 127 1.16 -4.90 32.27
C PRO E 127 1.66 -6.27 31.83
N PRO E 128 2.68 -6.32 30.98
CA PRO E 128 3.09 -7.60 30.37
C PRO E 128 3.79 -8.48 31.38
N GLY E 129 3.38 -9.74 31.44
CA GLY E 129 4.05 -10.71 32.29
C GLY E 129 3.17 -11.32 33.36
N CYS E 130 1.85 -11.33 33.15
CA CYS E 130 0.94 -11.86 34.16
C CYS E 130 -0.33 -12.36 33.47
N GLY E 131 -0.39 -13.68 33.22
CA GLY E 131 -1.62 -14.38 32.99
C GLY E 131 -2.46 -13.98 31.78
N LYS E 132 -2.05 -12.97 31.01
CA LYS E 132 -2.88 -12.55 29.88
C LYS E 132 -2.98 -13.63 28.82
N THR E 133 -1.86 -14.30 28.53
CA THR E 133 -1.90 -15.44 27.61
C THR E 133 -2.13 -16.75 28.34
N MET E 134 -1.78 -16.83 29.62
CA MET E 134 -2.07 -18.02 30.40
C MET E 134 -3.58 -18.23 30.53
N LEU E 135 -4.33 -17.14 30.73
CA LEU E 135 -5.78 -17.26 30.78
C LEU E 135 -6.36 -17.68 29.44
N ALA E 136 -5.78 -17.19 28.34
CA ALA E 136 -6.23 -17.63 27.03
C ALA E 136 -5.96 -19.11 26.82
N LYS E 137 -4.79 -19.59 27.23
CA LYS E 137 -4.50 -21.02 27.17
C LYS E 137 -5.51 -21.82 27.99
N ALA E 138 -5.78 -21.36 29.22
CA ALA E 138 -6.71 -22.08 30.08
C ALA E 138 -8.11 -22.11 29.49
N VAL E 139 -8.55 -21.00 28.89
CA VAL E 139 -9.87 -20.97 28.28
C VAL E 139 -9.94 -21.90 27.08
N ALA E 140 -8.92 -21.85 26.22
CA ALA E 140 -8.92 -22.71 25.05
C ALA E 140 -8.83 -24.18 25.43
N HIS E 141 -8.27 -24.48 26.59
CA HIS E 141 -8.18 -25.87 27.03
C HIS E 141 -9.47 -26.34 27.68
N GLU E 142 -9.94 -25.63 28.71
CA GLU E 142 -11.06 -26.07 29.52
C GLU E 142 -12.26 -25.16 29.33
N SER E 143 -12.51 -24.76 28.08
CA SER E 143 -13.68 -23.95 27.76
C SER E 143 -14.82 -24.79 27.19
N GLY E 144 -14.49 -25.76 26.35
CA GLY E 144 -15.49 -26.54 25.66
C GLY E 144 -15.99 -25.93 24.37
N ALA E 145 -15.59 -24.69 24.07
CA ALA E 145 -16.01 -23.99 22.86
C ALA E 145 -14.98 -24.20 21.76
N SER E 146 -15.41 -23.88 20.53
CA SER E 146 -14.56 -24.06 19.34
C SER E 146 -13.57 -22.90 19.28
N PHE E 147 -12.53 -23.01 20.09
CA PHE E 147 -11.50 -21.98 20.16
C PHE E 147 -10.76 -21.90 18.83
N ILE E 148 -10.33 -20.68 18.48
CA ILE E 148 -9.52 -20.47 17.28
C ILE E 148 -8.52 -19.36 17.58
N ASN E 149 -7.24 -19.64 17.37
CA ASN E 149 -6.21 -18.61 17.47
C ASN E 149 -6.15 -17.86 16.15
N LEU E 150 -6.15 -16.53 16.21
CA LEU E 150 -6.33 -15.78 14.98
C LEU E 150 -5.04 -15.65 14.17
N HIS E 151 -3.88 -15.49 14.82
CA HIS E 151 -2.61 -15.42 14.11
C HIS E 151 -2.60 -14.25 13.11
N ILE E 152 -2.48 -13.05 13.69
CA ILE E 152 -2.75 -11.75 13.05
C ILE E 152 -2.26 -11.63 11.61
N SER E 153 -1.21 -12.37 11.25
CA SER E 153 -0.83 -12.46 9.84
C SER E 153 -1.98 -12.98 8.97
N THR E 154 -2.82 -13.85 9.53
CA THR E 154 -3.98 -14.35 8.79
C THR E 154 -4.93 -13.22 8.44
N LEU E 155 -5.01 -12.20 9.28
CA LEU E 155 -5.87 -11.06 8.99
C LEU E 155 -5.36 -10.27 7.79
N THR E 156 -4.06 -10.00 7.76
CA THR E 156 -3.45 -9.12 6.76
C THR E 156 -2.97 -9.94 5.57
N GLU E 157 -3.52 -9.64 4.40
CA GLU E 157 -3.11 -10.27 3.15
C GLU E 157 -2.68 -9.19 2.17
N LYS E 158 -1.73 -9.54 1.30
CA LYS E 158 -1.19 -8.55 0.37
C LYS E 158 -2.24 -8.14 -0.67
N TRP E 159 -3.11 -9.06 -1.04
CA TRP E 159 -4.06 -8.78 -2.11
C TRP E 159 -5.17 -7.86 -1.62
N TYR E 160 -5.60 -6.96 -2.50
CA TYR E 160 -6.66 -6.03 -2.14
C TYR E 160 -7.97 -6.78 -1.92
N GLY E 161 -8.73 -6.34 -0.92
CA GLY E 161 -9.97 -7.00 -0.60
C GLY E 161 -9.80 -8.43 -0.15
N ASP E 162 -8.66 -8.75 0.45
CA ASP E 162 -8.41 -10.09 0.98
C ASP E 162 -8.46 -10.14 2.51
N SER E 163 -7.99 -9.08 3.17
CA SER E 163 -8.09 -9.03 4.62
C SER E 163 -9.54 -9.01 5.07
N ASN E 164 -10.40 -8.30 4.33
CA ASN E 164 -11.82 -8.26 4.67
C ASN E 164 -12.48 -9.60 4.42
N LYS E 165 -12.08 -10.28 3.34
CA LYS E 165 -12.61 -11.62 3.09
C LYS E 165 -12.23 -12.58 4.21
N ILE E 166 -10.99 -12.48 4.72
CA ILE E 166 -10.60 -13.32 5.83
C ILE E 166 -11.36 -12.94 7.10
N VAL E 167 -11.62 -11.64 7.29
CA VAL E 167 -12.34 -11.20 8.47
C VAL E 167 -13.78 -11.71 8.47
N ARG E 168 -14.39 -11.81 7.30
CA ARG E 168 -15.73 -12.38 7.27
C ARG E 168 -15.69 -13.91 7.29
N ALA E 169 -14.65 -14.52 6.75
CA ALA E 169 -14.54 -15.97 6.78
C ALA E 169 -14.33 -16.48 8.19
N VAL E 170 -13.59 -15.73 9.01
CA VAL E 170 -13.34 -16.18 10.37
C VAL E 170 -14.62 -16.16 11.19
N PHE E 171 -15.46 -15.13 11.03
CA PHE E 171 -16.74 -15.12 11.71
C PHE E 171 -17.72 -16.12 11.13
N SER E 172 -17.67 -16.39 9.82
CA SER E 172 -18.50 -17.45 9.26
C SER E 172 -18.12 -18.81 9.83
N LEU E 173 -16.82 -19.07 9.97
CA LEU E 173 -16.37 -20.33 10.55
C LEU E 173 -16.72 -20.41 12.04
N ALA E 174 -16.63 -19.28 12.74
CA ALA E 174 -17.03 -19.28 14.14
C ALA E 174 -18.53 -19.56 14.30
N LYS E 175 -19.35 -19.01 13.41
CA LYS E 175 -20.78 -19.32 13.44
C LYS E 175 -21.04 -20.78 13.09
N LYS E 176 -20.31 -21.32 12.12
CA LYS E 176 -20.43 -22.74 11.81
C LYS E 176 -19.91 -23.59 12.97
N LEU E 177 -18.87 -23.14 13.66
CA LEU E 177 -18.35 -23.81 14.84
C LEU E 177 -19.02 -23.35 16.13
N GLN E 178 -20.24 -22.82 16.02
CA GLN E 178 -20.95 -22.32 17.19
C GLN E 178 -21.19 -23.45 18.19
N PRO E 179 -20.88 -23.26 19.47
CA PRO E 179 -20.29 -22.04 20.04
C PRO E 179 -18.79 -21.95 19.80
N SER E 180 -18.28 -20.74 19.58
CA SER E 180 -16.88 -20.53 19.31
C SER E 180 -16.36 -19.39 20.18
N ILE E 181 -15.03 -19.37 20.37
CA ILE E 181 -14.36 -18.33 21.14
C ILE E 181 -13.16 -17.87 20.29
N ILE E 182 -13.37 -16.81 19.52
CA ILE E 182 -12.28 -16.23 18.75
C ILE E 182 -11.29 -15.58 19.70
N PHE E 183 -10.00 -15.73 19.41
CA PHE E 183 -8.95 -15.13 20.23
C PHE E 183 -7.99 -14.36 19.32
N ILE E 184 -7.73 -13.11 19.66
CA ILE E 184 -6.81 -12.26 18.93
C ILE E 184 -5.84 -11.70 19.94
N ASP E 185 -4.69 -12.35 20.09
CA ASP E 185 -3.71 -11.91 21.06
C ASP E 185 -3.14 -10.55 20.65
N GLN E 186 -3.04 -9.64 21.62
CA GLN E 186 -2.53 -8.29 21.39
C GLN E 186 -3.41 -7.55 20.38
N ILE E 187 -4.64 -7.30 20.83
CA ILE E 187 -5.64 -6.59 20.03
C ILE E 187 -5.13 -5.25 19.52
N ASP E 188 -4.28 -4.58 20.30
CA ASP E 188 -3.87 -3.21 19.99
C ASP E 188 -3.08 -3.07 18.69
N ALA E 189 -2.67 -4.18 18.07
CA ALA E 189 -1.91 -4.11 16.82
C ALA E 189 -2.83 -3.99 15.60
N VAL E 190 -3.70 -4.98 15.42
CA VAL E 190 -4.59 -4.95 14.25
C VAL E 190 -5.65 -3.87 14.42
N LEU E 191 -6.05 -3.60 15.65
CA LEU E 191 -7.03 -2.54 15.93
C LEU E 191 -6.28 -1.30 16.40
N GLY E 192 -7.01 -0.27 16.76
CA GLY E 192 -6.42 0.99 17.18
C GLY E 192 -7.35 2.14 16.83
N THR E 193 -7.17 3.25 17.52
CA THR E 193 -7.87 4.48 17.17
C THR E 193 -7.56 4.84 15.72
N ARG E 194 -8.59 4.92 14.89
CA ARG E 194 -8.39 4.79 13.45
C ARG E 194 -7.93 6.09 12.80
N ARG E 195 -6.94 6.75 13.40
CA ARG E 195 -5.87 7.49 12.71
C ARG E 195 -6.33 8.26 11.47
N SER E 196 -7.18 9.29 11.65
CA SER E 196 -8.08 9.85 10.64
C SER E 196 -7.55 9.86 9.21
N GLY E 197 -6.25 10.15 9.03
CA GLY E 197 -5.61 9.87 7.76
C GLY E 197 -4.58 8.76 7.89
N GLU E 198 -4.89 7.57 7.40
CA GLU E 198 -4.03 6.42 7.61
C GLU E 198 -4.25 5.42 6.48
N HIS E 199 -3.74 4.21 6.67
CA HIS E 199 -3.78 3.17 5.65
C HIS E 199 -5.24 2.83 5.29
N GLU E 200 -5.40 2.28 4.08
CA GLU E 200 -6.71 2.00 3.51
C GLU E 200 -7.19 0.60 3.87
N ALA E 201 -6.39 -0.42 3.52
CA ALA E 201 -6.79 -1.80 3.77
C ALA E 201 -6.86 -2.09 5.26
N SER E 202 -5.88 -1.61 6.03
CA SER E 202 -5.93 -1.81 7.47
C SER E 202 -7.11 -1.07 8.09
N GLY E 203 -7.49 0.07 7.53
CA GLY E 203 -8.69 0.74 7.99
C GLY E 203 -9.94 -0.07 7.69
N MET E 204 -9.96 -0.77 6.56
CA MET E 204 -11.12 -1.60 6.23
C MET E 204 -11.15 -2.86 7.07
N VAL E 205 -10.01 -3.53 7.24
CA VAL E 205 -9.99 -4.76 8.03
C VAL E 205 -10.35 -4.48 9.49
N LYS E 206 -10.08 -3.27 9.97
CA LYS E 206 -10.50 -2.88 11.30
C LYS E 206 -11.96 -2.43 11.34
N ALA E 207 -12.48 -1.90 10.24
CA ALA E 207 -13.88 -1.53 10.14
C ALA E 207 -14.75 -2.72 9.74
N GLU E 208 -14.17 -3.91 9.60
CA GLU E 208 -14.93 -5.10 9.28
C GLU E 208 -15.31 -5.91 10.51
N PHE E 209 -14.45 -5.96 11.52
CA PHE E 209 -14.85 -6.46 12.83
C PHE E 209 -16.09 -5.73 13.33
N MET E 210 -16.11 -4.41 13.16
CA MET E 210 -17.23 -3.62 13.64
C MET E 210 -18.52 -3.96 12.89
N THR E 211 -18.41 -4.39 11.64
CA THR E 211 -19.58 -4.68 10.82
C THR E 211 -20.12 -6.08 11.01
N LEU E 212 -19.24 -7.09 11.01
CA LEU E 212 -19.65 -8.48 11.07
C LEU E 212 -19.47 -9.10 12.45
N TRP E 213 -19.63 -8.31 13.51
CA TRP E 213 -19.54 -8.84 14.87
C TRP E 213 -20.64 -8.36 15.81
N ASP E 214 -21.28 -7.22 15.53
CA ASP E 214 -22.57 -6.91 16.16
C ASP E 214 -23.50 -6.23 15.15
N GLY E 215 -23.26 -6.45 13.87
CA GLY E 215 -23.93 -5.68 12.84
C GLY E 215 -25.37 -6.02 12.58
N LEU E 216 -25.82 -5.79 11.35
CA LEU E 216 -27.22 -5.95 10.99
C LEU E 216 -27.69 -7.40 11.10
N THR E 217 -26.76 -8.37 11.07
CA THR E 217 -27.14 -9.78 11.09
C THR E 217 -26.43 -10.53 12.21
N SER E 218 -26.07 -9.84 13.29
CA SER E 218 -25.44 -10.52 14.42
C SER E 218 -26.42 -11.45 15.10
N THR E 219 -27.60 -10.95 15.46
CA THR E 219 -28.59 -11.78 16.11
C THR E 219 -29.22 -12.74 15.10
N ASN E 220 -30.12 -13.59 15.60
CA ASN E 220 -30.81 -14.56 14.79
C ASN E 220 -32.29 -14.16 14.68
N ALA E 221 -33.09 -15.02 14.06
CA ALA E 221 -34.52 -14.75 13.93
C ALA E 221 -35.22 -14.71 15.29
N SER E 222 -34.65 -15.36 16.30
CA SER E 222 -35.24 -15.36 17.64
C SER E 222 -34.52 -14.44 18.62
N GLY E 223 -33.22 -14.21 18.44
CA GLY E 223 -32.50 -13.30 19.31
C GLY E 223 -31.15 -13.80 19.76
N VAL E 224 -30.83 -15.06 19.46
CA VAL E 224 -29.55 -15.63 19.85
C VAL E 224 -28.43 -14.96 19.06
N PRO E 225 -27.51 -14.27 19.71
CA PRO E 225 -26.44 -13.54 19.01
C PRO E 225 -25.25 -14.40 18.59
N ASN E 226 -25.54 -15.54 17.96
CA ASN E 226 -24.54 -16.38 17.29
C ASN E 226 -23.65 -17.16 18.26
N ARG E 227 -23.76 -16.90 19.56
CA ARG E 227 -22.98 -17.62 20.58
C ARG E 227 -21.49 -17.57 20.30
N ILE E 228 -21.01 -16.42 19.81
CA ILE E 228 -19.61 -16.22 19.49
C ILE E 228 -19.06 -15.13 20.39
N VAL E 229 -17.85 -15.33 20.89
CA VAL E 229 -17.20 -14.38 21.79
C VAL E 229 -15.78 -14.16 21.28
N VAL E 230 -15.42 -12.91 21.04
CA VAL E 230 -14.10 -12.56 20.53
C VAL E 230 -13.26 -12.12 21.72
N LEU E 231 -12.51 -13.05 22.29
CA LEU E 231 -11.65 -12.75 23.42
C LEU E 231 -10.31 -12.24 22.92
N GLY E 232 -9.83 -11.16 23.53
CA GLY E 232 -8.56 -10.58 23.15
C GLY E 232 -7.73 -10.18 24.34
N ALA E 233 -6.41 -10.37 24.25
CA ALA E 233 -5.49 -10.06 25.34
C ALA E 233 -4.48 -9.03 24.84
N THR E 234 -4.54 -7.83 25.39
CA THR E 234 -3.61 -6.76 25.04
C THR E 234 -3.05 -6.15 26.32
N ASN E 235 -1.79 -5.77 26.28
CA ASN E 235 -1.13 -5.11 27.41
C ASN E 235 -1.19 -3.59 27.32
N ARG E 236 -2.03 -3.05 26.45
CA ARG E 236 -2.18 -1.59 26.29
C ARG E 236 -3.67 -1.29 26.09
N ILE E 237 -4.37 -1.03 27.19
CA ILE E 237 -5.77 -0.62 27.17
C ILE E 237 -5.83 0.80 26.62
N ASN E 238 -7.04 1.27 26.34
CA ASN E 238 -7.35 2.62 25.81
C ASN E 238 -6.49 2.97 24.59
N ASP E 239 -6.14 1.96 23.79
CA ASP E 239 -5.52 2.15 22.49
C ASP E 239 -6.13 1.19 21.48
N ILE E 240 -7.14 0.41 21.89
CA ILE E 240 -7.79 -0.53 20.98
C ILE E 240 -8.76 0.20 20.06
N ASP E 241 -9.77 0.84 20.64
CA ASP E 241 -10.68 1.68 19.87
C ASP E 241 -11.69 2.29 20.83
N GLU E 242 -12.31 3.38 20.41
CA GLU E 242 -13.45 3.92 21.14
C GLU E 242 -14.73 3.16 20.81
N ALA E 243 -14.81 2.59 19.61
CA ALA E 243 -15.98 1.86 19.16
C ALA E 243 -15.84 0.36 19.32
N ILE E 244 -14.67 -0.13 19.74
CA ILE E 244 -14.49 -1.54 20.02
C ILE E 244 -14.52 -1.84 21.52
N LEU E 245 -14.10 -0.91 22.37
CA LEU E 245 -14.24 -1.11 23.81
C LEU E 245 -15.70 -1.11 24.25
N ARG E 246 -16.62 -0.67 23.41
CA ARG E 246 -18.04 -0.88 23.62
C ARG E 246 -18.50 -2.26 23.18
N ARG E 247 -17.70 -2.96 22.39
CA ARG E 247 -18.09 -4.27 21.89
C ARG E 247 -17.86 -5.35 22.94
N MET E 248 -16.60 -5.55 23.32
CA MET E 248 -16.23 -6.42 24.43
C MET E 248 -16.43 -5.66 25.73
N PRO E 249 -17.52 -5.93 26.45
CA PRO E 249 -17.83 -5.13 27.63
C PRO E 249 -17.06 -5.60 28.86
N LYS E 250 -16.74 -6.90 28.88
CA LYS E 250 -16.08 -7.50 30.03
C LYS E 250 -14.58 -7.33 29.86
N GLN E 251 -14.00 -6.40 30.61
CA GLN E 251 -12.59 -6.06 30.54
C GLN E 251 -11.98 -6.34 31.91
N PHE E 252 -11.18 -7.41 31.99
CA PHE E 252 -10.62 -7.83 33.26
C PHE E 252 -9.22 -7.27 33.42
N PRO E 253 -8.96 -6.43 34.42
CA PRO E 253 -7.60 -5.93 34.63
C PRO E 253 -6.74 -7.00 35.30
N VAL E 254 -5.58 -7.26 34.72
CA VAL E 254 -4.69 -8.28 35.25
C VAL E 254 -3.45 -7.59 35.83
N PRO E 255 -3.46 -7.21 37.09
CA PRO E 255 -2.33 -6.49 37.67
C PRO E 255 -1.19 -7.43 38.03
N LEU E 256 -0.16 -6.86 38.65
CA LEU E 256 0.94 -7.67 39.16
C LEU E 256 0.52 -8.38 40.45
N PRO E 257 1.09 -9.55 40.73
CA PRO E 257 0.75 -10.25 41.97
C PRO E 257 1.26 -9.49 43.19
N GLY E 258 0.58 -9.70 44.31
CA GLY E 258 0.92 -9.08 45.56
C GLY E 258 1.60 -10.03 46.51
N LEU E 259 1.62 -9.65 47.79
CA LEU E 259 2.32 -10.43 48.80
C LEU E 259 1.73 -11.83 48.97
N GLU E 260 0.47 -12.04 48.60
CA GLU E 260 -0.19 -13.31 48.87
C GLU E 260 -0.06 -14.29 47.69
N GLN E 261 -0.56 -13.90 46.52
CA GLN E 261 -0.63 -14.85 45.42
C GLN E 261 0.71 -15.17 44.79
N ARG E 262 1.77 -14.41 45.10
CA ARG E 262 3.11 -14.89 44.75
C ARG E 262 3.43 -16.18 45.50
N ARG E 263 2.89 -16.35 46.70
CA ARG E 263 3.10 -17.58 47.44
C ARG E 263 2.51 -18.79 46.73
N ARG E 264 1.51 -18.60 45.88
CA ARG E 264 0.96 -19.69 45.10
C ARG E 264 1.54 -19.77 43.70
N ILE E 265 1.98 -18.64 43.13
CA ILE E 265 2.69 -18.70 41.86
C ILE E 265 4.01 -19.46 42.04
N LEU E 266 4.71 -19.23 43.16
CA LEU E 266 5.92 -19.99 43.44
C LEU E 266 5.61 -21.47 43.57
N GLU E 267 4.53 -21.83 44.25
CA GLU E 267 4.16 -23.23 44.39
C GLU E 267 3.83 -23.86 43.05
N LEU E 268 3.11 -23.13 42.19
CA LEU E 268 2.78 -23.66 40.86
C LEU E 268 4.03 -23.86 40.03
N VAL E 269 4.99 -22.93 40.12
CA VAL E 269 6.19 -23.05 39.32
C VAL E 269 7.08 -24.18 39.83
N LEU E 270 7.21 -24.31 41.14
CA LEU E 270 8.09 -25.32 41.74
C LEU E 270 7.27 -26.55 42.16
N ARG E 271 6.79 -27.27 41.15
CA ARG E 271 5.95 -28.44 41.40
C ARG E 271 6.67 -29.77 41.16
N GLY E 272 7.81 -29.76 40.46
CA GLY E 272 8.48 -30.99 40.14
C GLY E 272 9.86 -31.16 40.76
N THR E 273 10.48 -30.03 41.14
CA THR E 273 11.84 -30.06 41.65
C THR E 273 11.86 -30.60 43.07
N LYS E 274 12.63 -31.66 43.29
CA LYS E 274 12.84 -32.16 44.64
C LYS E 274 13.55 -31.11 45.48
N ARG E 275 13.05 -30.89 46.69
CA ARG E 275 13.50 -29.76 47.50
C ARG E 275 14.14 -30.23 48.80
N ASP E 276 14.72 -29.27 49.52
CA ASP E 276 15.26 -29.50 50.84
C ASP E 276 14.08 -29.77 51.77
N PRO E 277 14.30 -30.40 52.92
CA PRO E 277 13.24 -30.48 53.92
C PRO E 277 12.83 -29.12 54.49
N ASP E 278 13.62 -28.07 54.26
CA ASP E 278 13.23 -26.73 54.69
C ASP E 278 13.93 -25.63 53.91
N PHE E 279 13.15 -24.90 53.11
CA PHE E 279 13.58 -23.63 52.52
C PHE E 279 12.41 -22.66 52.61
N ASP E 280 12.69 -21.46 53.14
CA ASP E 280 11.60 -20.54 53.42
C ASP E 280 11.05 -19.90 52.15
N LEU E 281 10.00 -20.51 51.57
CA LEU E 281 9.32 -19.88 50.45
C LEU E 281 8.66 -18.57 50.87
N ASP E 282 8.35 -18.41 52.16
CA ASP E 282 7.90 -17.12 52.66
C ASP E 282 8.92 -16.03 52.37
N TYR E 283 10.20 -16.36 52.46
CA TYR E 283 11.24 -15.38 52.15
C TYR E 283 11.22 -15.00 50.68
N ILE E 284 11.11 -15.99 49.79
CA ILE E 284 11.13 -15.71 48.35
C ILE E 284 9.88 -14.93 47.95
N ALA E 285 8.71 -15.36 48.43
CA ALA E 285 7.48 -14.69 48.05
C ALA E 285 7.38 -13.29 48.64
N ARG E 286 8.09 -13.04 49.74
CA ARG E 286 8.02 -11.74 50.40
C ARG E 286 9.15 -10.81 49.98
N VAL E 287 10.20 -11.33 49.36
CA VAL E 287 11.34 -10.50 48.99
C VAL E 287 11.18 -9.88 47.60
N THR E 288 10.55 -10.59 46.66
CA THR E 288 10.39 -10.07 45.31
C THR E 288 9.53 -8.83 45.30
N ALA E 289 8.24 -8.98 45.59
CA ALA E 289 7.33 -7.87 45.88
C ALA E 289 7.04 -6.94 44.70
N GLY E 290 7.72 -7.11 43.58
CA GLY E 290 7.52 -6.21 42.47
C GLY E 290 7.65 -6.82 41.08
N MET E 291 7.77 -8.14 41.02
CA MET E 291 8.02 -8.83 39.77
C MET E 291 6.77 -9.56 39.32
N SER E 292 6.53 -9.59 38.01
CA SER E 292 5.33 -10.21 37.46
C SER E 292 5.50 -11.73 37.45
N GLY E 293 4.57 -12.42 36.79
CA GLY E 293 4.62 -13.87 36.75
C GLY E 293 5.83 -14.40 36.01
N SER E 294 6.13 -13.82 34.85
CA SER E 294 7.30 -14.26 34.09
C SER E 294 8.58 -13.96 34.85
N ASP E 295 8.63 -12.82 35.55
CA ASP E 295 9.80 -12.48 36.36
C ASP E 295 9.99 -13.45 37.52
N ILE E 296 8.93 -14.09 37.98
CA ILE E 296 9.06 -15.09 39.03
C ILE E 296 9.44 -16.43 38.43
N LYS E 297 8.91 -16.74 37.25
CA LYS E 297 9.28 -17.97 36.58
C LYS E 297 10.76 -17.99 36.24
N GLU E 298 11.31 -16.84 35.85
CA GLU E 298 12.74 -16.77 35.56
C GLU E 298 13.58 -17.00 36.81
N THR E 299 13.17 -16.41 37.94
CA THR E 299 13.89 -16.64 39.18
C THR E 299 13.84 -18.10 39.60
N CYS E 300 12.66 -18.72 39.47
CA CYS E 300 12.56 -20.14 39.77
C CYS E 300 13.43 -20.97 38.83
N ARG E 301 13.50 -20.58 37.56
CA ARG E 301 14.34 -21.28 36.59
C ARG E 301 15.80 -21.21 36.99
N ASP E 302 16.26 -20.02 37.40
CA ASP E 302 17.65 -19.90 37.84
C ASP E 302 17.91 -20.70 39.10
N ALA E 303 16.98 -20.66 40.06
CA ALA E 303 17.17 -21.39 41.31
C ALA E 303 17.20 -22.89 41.08
N ALA E 304 16.44 -23.39 40.09
CA ALA E 304 16.49 -24.81 39.79
C ALA E 304 17.68 -25.18 38.92
N MET E 305 18.16 -24.24 38.11
CA MET E 305 19.35 -24.47 37.29
C MET E 305 20.62 -24.48 38.11
N ALA E 306 20.63 -23.81 39.26
CA ALA E 306 21.79 -23.83 40.15
C ALA E 306 22.26 -25.23 40.52
N PRO E 307 21.40 -26.12 41.05
CA PRO E 307 21.89 -27.46 41.42
C PRO E 307 22.30 -28.31 40.23
N MET E 308 21.59 -28.20 39.10
CA MET E 308 21.98 -28.97 37.93
C MET E 308 23.36 -28.55 37.44
N ARG E 309 23.65 -27.25 37.45
CA ARG E 309 24.98 -26.78 37.09
C ARG E 309 26.02 -27.24 38.11
N GLU E 310 25.68 -27.18 39.40
CA GLU E 310 26.61 -27.63 40.42
C GLU E 310 26.92 -29.12 40.29
N TYR E 311 25.98 -29.91 39.78
CA TYR E 311 26.24 -31.32 39.59
C TYR E 311 27.00 -31.58 38.29
N ILE E 312 26.68 -30.85 37.22
CA ILE E 312 27.43 -31.01 35.98
C ILE E 312 28.87 -30.55 36.14
N ARG E 313 29.13 -29.66 37.10
CA ARG E 313 30.50 -29.24 37.38
C ARG E 313 31.37 -30.38 37.86
N GLN E 314 30.77 -31.48 38.34
CA GLN E 314 31.51 -32.65 38.77
C GLN E 314 31.86 -33.59 37.62
N HIS E 315 31.80 -33.08 36.38
CA HIS E 315 32.08 -33.83 35.14
C HIS E 315 31.48 -35.23 35.15
N ARG E 316 30.17 -35.28 35.41
CA ARG E 316 29.39 -36.51 35.38
C ARG E 316 28.56 -36.51 34.11
N ALA E 317 28.88 -37.41 33.18
CA ALA E 317 28.23 -37.42 31.88
C ALA E 317 26.77 -37.85 31.99
N SER E 318 26.54 -39.06 32.50
CA SER E 318 25.18 -39.60 32.56
C SER E 318 24.32 -38.82 33.55
N GLY E 319 23.02 -39.04 33.45
CA GLY E 319 22.08 -38.38 34.33
C GLY E 319 22.13 -38.90 35.75
N LYS E 320 21.46 -38.19 36.64
CA LYS E 320 21.46 -38.52 38.06
C LYS E 320 20.31 -37.81 38.75
N PRO E 321 19.47 -38.53 39.51
CA PRO E 321 18.23 -37.95 40.04
C PRO E 321 18.34 -37.23 41.37
N LEU E 322 19.54 -36.91 41.86
CA LEU E 322 19.71 -36.28 43.16
C LEU E 322 20.40 -34.93 43.01
N SER E 323 19.93 -33.94 43.76
CA SER E 323 20.47 -32.59 43.76
C SER E 323 19.86 -31.84 44.94
N GLU E 324 20.14 -30.54 45.02
CA GLU E 324 19.67 -29.69 46.11
C GLU E 324 18.80 -28.57 45.55
N ILE E 325 18.12 -27.85 46.43
CA ILE E 325 17.27 -26.74 46.02
C ILE E 325 17.50 -25.52 46.88
N ASN E 326 18.53 -25.56 47.75
CA ASN E 326 18.88 -24.53 48.73
C ASN E 326 18.78 -23.14 48.13
N PRO E 327 18.09 -22.21 48.78
CA PRO E 327 17.76 -20.93 48.14
C PRO E 327 18.97 -20.04 47.93
N ASP E 328 19.42 -19.96 46.68
CA ASP E 328 20.54 -19.10 46.29
C ASP E 328 21.80 -19.39 47.10
N GLU F 16 8.30 -14.57 -11.57
CA GLU F 16 7.22 -15.04 -10.72
C GLU F 16 7.49 -16.48 -10.27
N LYS F 17 7.01 -17.45 -11.05
CA LYS F 17 7.22 -18.85 -10.70
C LYS F 17 8.69 -19.23 -10.79
N ASN F 18 9.41 -18.68 -11.77
CA ASN F 18 10.83 -18.98 -11.90
C ASN F 18 11.62 -18.50 -10.69
N GLU F 19 11.30 -17.31 -10.17
CA GLU F 19 11.96 -16.83 -8.97
C GLU F 19 11.66 -17.72 -7.78
N ARG F 20 10.42 -18.21 -7.67
CA ARG F 20 10.06 -19.11 -6.59
C ARG F 20 10.86 -20.41 -6.68
N THR F 21 10.96 -20.97 -7.89
CA THR F 21 11.72 -22.21 -8.05
C THR F 21 13.20 -22.00 -7.76
N ARG F 22 13.73 -20.83 -8.13
CA ARG F 22 15.13 -20.54 -7.87
C ARG F 22 15.39 -20.39 -6.37
N ILE F 23 14.47 -19.73 -5.66
CA ILE F 23 14.61 -19.62 -4.21
C ILE F 23 14.46 -20.99 -3.56
N LYS F 24 13.62 -21.85 -4.12
CA LYS F 24 13.49 -23.21 -3.59
C LYS F 24 14.76 -24.01 -3.81
N ALA F 25 15.40 -23.83 -4.97
CA ALA F 25 16.69 -24.47 -5.20
C ALA F 25 17.74 -23.97 -4.20
N GLN F 26 17.77 -22.66 -3.95
CA GLN F 26 18.68 -22.11 -2.95
C GLN F 26 18.43 -22.74 -1.58
N GLU F 27 17.17 -22.77 -1.14
CA GLU F 27 16.87 -23.30 0.18
C GLU F 27 17.19 -24.79 0.27
N ASN F 28 16.94 -25.54 -0.81
CA ASN F 28 17.23 -26.97 -0.79
C ASN F 28 18.73 -27.21 -0.69
N LEU F 29 19.53 -26.49 -1.49
CA LEU F 29 20.98 -26.61 -1.39
C LEU F 29 21.48 -26.21 0.00
N ARG F 30 20.90 -25.13 0.55
CA ARG F 30 21.35 -24.65 1.85
C ARG F 30 21.01 -25.66 2.95
N ARG F 31 19.85 -26.32 2.85
CA ARG F 31 19.50 -27.34 3.83
C ARG F 31 20.39 -28.57 3.67
N ILE F 32 20.70 -28.94 2.42
CA ILE F 32 21.59 -30.08 2.23
C ILE F 32 22.99 -29.79 2.76
N ARG F 33 23.41 -28.52 2.73
CA ARG F 33 24.73 -28.19 3.24
C ARG F 33 24.75 -27.95 4.76
N ARG F 34 23.61 -27.57 5.34
CA ARG F 34 23.55 -27.23 6.75
C ARG F 34 23.08 -28.36 7.66
N LYS F 35 22.22 -29.26 7.15
CA LYS F 35 21.62 -30.27 8.02
C LYS F 35 22.64 -31.31 8.44
N GLN F 36 23.49 -31.76 7.52
CA GLN F 36 24.50 -32.78 7.80
C GLN F 36 25.87 -32.17 8.07
N ILE F 37 25.91 -30.97 8.65
CA ILE F 37 27.16 -30.30 8.96
C ILE F 37 27.97 -30.03 7.69
N ASP F 58 15.80 -30.13 3.04
CA ASP F 58 15.04 -31.20 2.42
C ASP F 58 13.56 -31.11 2.78
N LEU F 59 13.29 -30.64 3.99
CA LEU F 59 11.91 -30.48 4.44
C LEU F 59 11.19 -29.41 3.63
N VAL F 60 9.88 -29.60 3.48
CA VAL F 60 9.09 -28.67 2.67
C VAL F 60 9.02 -27.30 3.34
N LEU F 61 8.62 -26.31 2.56
CA LEU F 61 8.53 -24.93 3.03
C LEU F 61 7.46 -24.21 2.23
N ASN F 62 6.92 -23.14 2.81
CA ASN F 62 5.94 -22.33 2.11
C ASN F 62 6.65 -21.21 1.36
N GLU F 63 5.89 -20.24 0.85
CA GLU F 63 6.48 -19.18 0.06
C GLU F 63 7.30 -18.21 0.90
N TYR F 64 6.95 -18.05 2.17
CA TYR F 64 7.55 -17.01 3.01
C TYR F 64 8.76 -17.48 3.79
N GLU F 65 8.71 -18.68 4.40
CA GLU F 65 9.90 -19.23 5.03
C GLU F 65 10.89 -19.73 3.99
N ASN F 66 10.49 -19.83 2.73
CA ASN F 66 11.42 -20.06 1.64
C ASN F 66 12.39 -18.90 1.47
N GLN F 67 12.04 -17.71 1.96
CA GLN F 67 12.92 -16.55 1.89
C GLN F 67 13.73 -16.35 3.16
N VAL F 68 13.19 -16.74 4.32
CA VAL F 68 13.93 -16.62 5.58
C VAL F 68 14.78 -17.87 5.77
N ALA F 69 14.62 -18.84 4.86
CA ALA F 69 15.48 -20.02 4.88
C ALA F 69 16.87 -19.73 4.33
N LEU F 70 17.04 -18.60 3.66
CA LEU F 70 18.35 -18.17 3.16
C LEU F 70 19.21 -17.56 4.24
N GLU F 71 18.77 -17.56 5.50
CA GLU F 71 19.51 -16.98 6.60
C GLU F 71 20.10 -18.02 7.55
N VAL F 72 19.83 -19.30 7.32
CA VAL F 72 20.37 -20.36 8.16
C VAL F 72 21.89 -20.35 8.02
N VAL F 73 22.58 -19.97 9.08
CA VAL F 73 24.02 -19.79 9.03
C VAL F 73 24.71 -21.11 9.34
N ALA F 74 25.61 -21.52 8.46
CA ALA F 74 26.37 -22.74 8.72
C ALA F 74 27.38 -22.50 9.84
N PRO F 75 27.50 -23.44 10.78
CA PRO F 75 28.44 -23.23 11.90
C PRO F 75 29.89 -23.16 11.47
N GLU F 76 30.27 -23.85 10.39
CA GLU F 76 31.65 -23.88 9.94
C GLU F 76 32.03 -22.66 9.10
N ASP F 77 31.18 -21.63 9.06
CA ASP F 77 31.47 -20.45 8.25
C ASP F 77 32.14 -19.35 9.08
N ILE F 78 31.70 -19.15 10.32
CA ILE F 78 32.25 -18.11 11.18
C ILE F 78 33.48 -18.63 11.90
N PRO F 79 34.68 -18.16 11.55
CA PRO F 79 35.92 -18.67 12.15
C PRO F 79 36.29 -18.01 13.47
N VAL F 80 35.31 -17.85 14.36
CA VAL F 80 35.55 -17.31 15.70
C VAL F 80 34.58 -18.00 16.66
N GLY F 81 35.12 -18.63 17.70
CA GLY F 81 34.33 -19.31 18.70
C GLY F 81 34.61 -18.79 20.10
N PHE F 82 34.20 -19.58 21.08
CA PHE F 82 34.43 -19.22 22.48
C PHE F 82 35.92 -19.10 22.78
N ASN F 83 36.77 -19.84 22.07
CA ASN F 83 38.21 -19.75 22.27
C ASN F 83 38.78 -18.46 21.71
N ASP F 84 38.05 -17.76 20.84
CA ASP F 84 38.57 -16.57 20.19
C ASP F 84 38.18 -15.28 20.88
N ILE F 85 37.02 -15.23 21.56
CA ILE F 85 36.68 -14.07 22.37
C ILE F 85 37.49 -14.09 23.65
N GLY F 86 38.02 -12.93 24.03
CA GLY F 86 38.80 -12.79 25.24
C GLY F 86 38.13 -11.93 26.28
N GLY F 87 38.84 -11.75 27.39
CA GLY F 87 38.40 -10.83 28.42
C GLY F 87 37.18 -11.28 29.19
N LEU F 88 36.07 -11.47 28.49
CA LEU F 88 34.81 -11.89 29.09
C LEU F 88 34.78 -13.41 29.15
N ASP F 89 34.69 -13.94 30.36
CA ASP F 89 34.64 -15.38 30.58
C ASP F 89 33.37 -15.82 31.27
N ASP F 90 32.86 -15.05 32.23
CA ASP F 90 31.60 -15.40 32.87
C ASP F 90 30.44 -15.35 31.88
N ILE F 91 30.43 -14.37 30.98
CA ILE F 91 29.42 -14.38 29.92
C ILE F 91 29.63 -15.58 29.00
N ILE F 92 30.90 -15.94 28.75
CA ILE F 92 31.16 -17.19 28.04
C ILE F 92 30.72 -18.38 28.89
N GLU F 93 30.73 -18.22 30.21
CA GLU F 93 30.28 -19.28 31.10
C GLU F 93 28.76 -19.29 31.23
N GLU F 94 28.14 -18.12 31.35
CA GLU F 94 26.69 -18.07 31.53
C GLU F 94 25.95 -18.39 30.24
N LEU F 95 26.53 -18.07 29.08
CA LEU F 95 25.88 -18.41 27.82
C LEU F 95 25.88 -19.91 27.57
N LYS F 96 26.84 -20.64 28.14
CA LYS F 96 26.98 -22.06 27.83
C LYS F 96 26.04 -22.91 28.67
N GLU F 97 26.23 -22.92 30.00
CA GLU F 97 25.49 -23.84 30.84
C GLU F 97 24.05 -23.41 31.08
N THR F 98 23.76 -22.11 31.05
CA THR F 98 22.40 -21.67 31.32
C THR F 98 21.55 -21.54 30.07
N ILE F 99 22.15 -21.55 28.88
CA ILE F 99 21.37 -21.37 27.65
C ILE F 99 21.65 -22.49 26.65
N ILE F 100 22.93 -22.68 26.29
CA ILE F 100 23.27 -23.61 25.22
C ILE F 100 23.00 -25.05 25.65
N TYR F 101 23.56 -25.46 26.79
CA TYR F 101 23.29 -26.81 27.28
C TYR F 101 21.82 -27.07 27.55
N PRO F 102 21.04 -26.15 28.12
CA PRO F 102 19.59 -26.40 28.18
C PRO F 102 18.94 -26.49 26.81
N LEU F 103 19.51 -25.85 25.80
CA LEU F 103 18.96 -25.94 24.44
C LEU F 103 19.43 -27.20 23.74
N THR F 104 20.73 -27.33 23.54
CA THR F 104 21.28 -28.50 22.86
C THR F 104 21.45 -29.65 23.84
N MET F 105 21.11 -30.85 23.39
CA MET F 105 21.10 -32.08 24.18
C MET F 105 20.49 -31.89 25.58
N PRO F 106 19.21 -31.51 25.65
CA PRO F 106 18.59 -31.26 26.96
C PRO F 106 18.24 -32.52 27.74
N HIS F 107 18.61 -33.71 27.26
CA HIS F 107 18.33 -34.93 28.00
C HIS F 107 18.96 -34.91 29.38
N LEU F 108 20.10 -34.22 29.56
CA LEU F 108 20.62 -34.00 30.90
C LEU F 108 19.67 -33.15 31.73
N TYR F 109 18.96 -32.20 31.09
CA TYR F 109 18.04 -31.32 31.76
C TYR F 109 16.61 -31.83 31.74
N LYS F 110 16.43 -33.15 31.60
CA LYS F 110 15.11 -33.76 31.62
C LYS F 110 14.59 -33.99 33.03
N HIS F 111 15.45 -33.92 34.05
CA HIS F 111 15.00 -34.08 35.43
C HIS F 111 13.98 -33.03 35.81
N GLY F 112 14.16 -31.80 35.32
CA GLY F 112 13.16 -30.77 35.47
C GLY F 112 12.36 -30.61 34.19
N GLY F 113 11.08 -30.97 34.23
CA GLY F 113 10.28 -31.04 33.03
C GLY F 113 10.14 -29.75 32.26
N ALA F 114 9.44 -28.77 32.83
CA ALA F 114 9.16 -27.53 32.13
C ALA F 114 9.97 -26.36 32.67
N LEU F 115 10.46 -26.45 33.90
CA LEU F 115 11.15 -25.34 34.53
C LEU F 115 12.63 -25.28 34.21
N LEU F 116 13.25 -26.41 33.86
CA LEU F 116 14.66 -26.46 33.49
C LEU F 116 14.86 -26.43 31.98
N ALA F 117 13.94 -25.83 31.25
CA ALA F 117 14.07 -25.71 29.80
C ALA F 117 15.03 -24.57 29.48
N ALA F 118 15.27 -24.33 28.21
CA ALA F 118 16.21 -23.26 27.94
C ALA F 118 15.52 -21.90 28.06
N PRO F 119 16.26 -20.88 28.47
CA PRO F 119 15.69 -19.53 28.52
C PRO F 119 15.21 -19.10 27.14
N SER F 120 13.97 -18.64 27.08
CA SER F 120 13.31 -18.44 25.79
C SER F 120 13.90 -17.25 25.04
N GLY F 121 14.72 -16.43 25.68
CA GLY F 121 15.29 -15.28 25.01
C GLY F 121 16.57 -14.84 25.68
N VAL F 122 17.40 -14.16 24.90
CA VAL F 122 18.68 -13.65 25.37
C VAL F 122 18.93 -12.29 24.72
N LEU F 123 19.57 -11.40 25.47
CA LEU F 123 19.89 -10.06 24.98
C LEU F 123 21.27 -9.65 25.46
N LEU F 124 22.06 -9.07 24.56
CA LEU F 124 23.38 -8.55 24.87
C LEU F 124 23.36 -7.05 24.67
N TYR F 125 23.52 -6.29 25.75
CA TYR F 125 23.46 -4.83 25.70
C TYR F 125 24.74 -4.26 26.28
N GLY F 126 25.18 -3.13 25.72
CA GLY F 126 26.37 -2.46 26.15
C GLY F 126 26.81 -1.37 25.19
N PRO F 127 27.87 -0.65 25.53
CA PRO F 127 28.32 0.43 24.66
C PRO F 127 28.90 -0.13 23.37
N PRO F 128 28.77 0.60 22.26
CA PRO F 128 29.29 0.10 20.98
C PRO F 128 30.80 0.07 20.99
N GLY F 129 31.36 -1.05 20.55
CA GLY F 129 32.80 -1.21 20.52
C GLY F 129 33.24 -2.52 21.15
N CYS F 130 32.39 -3.10 21.99
CA CYS F 130 32.68 -4.38 22.61
C CYS F 130 32.30 -5.49 21.64
N GLY F 131 32.26 -6.72 22.13
CA GLY F 131 32.03 -7.87 21.26
C GLY F 131 30.65 -8.48 21.38
N LYS F 132 29.61 -7.64 21.47
CA LYS F 132 28.26 -8.19 21.59
C LYS F 132 27.83 -8.90 20.31
N THR F 133 28.35 -8.48 19.16
CA THR F 133 28.11 -9.24 17.93
C THR F 133 29.12 -10.37 17.77
N MET F 134 30.29 -10.25 18.42
CA MET F 134 31.27 -11.32 18.36
C MET F 134 30.82 -12.53 19.17
N LEU F 135 30.08 -12.32 20.26
CA LEU F 135 29.51 -13.44 21.00
C LEU F 135 28.54 -14.23 20.14
N ALA F 136 27.79 -13.53 19.28
CA ALA F 136 26.86 -14.22 18.39
C ALA F 136 27.61 -15.13 17.42
N LYS F 137 28.77 -14.68 16.95
CA LYS F 137 29.59 -15.53 16.07
C LYS F 137 30.00 -16.81 16.79
N ALA F 138 30.44 -16.69 18.03
CA ALA F 138 30.85 -17.87 18.78
C ALA F 138 29.67 -18.79 19.05
N VAL F 139 28.51 -18.22 19.38
CA VAL F 139 27.32 -19.03 19.63
C VAL F 139 26.88 -19.76 18.37
N ALA F 140 27.05 -19.13 17.20
CA ALA F 140 26.68 -19.78 15.96
C ALA F 140 27.71 -20.78 15.47
N HIS F 141 28.97 -20.62 15.88
CA HIS F 141 30.03 -21.52 15.42
C HIS F 141 30.22 -22.73 16.32
N GLU F 142 30.49 -22.49 17.61
CA GLU F 142 30.84 -23.57 18.54
C GLU F 142 29.64 -24.06 19.34
N SER F 143 28.45 -23.98 18.76
CA SER F 143 27.26 -24.56 19.40
C SER F 143 26.27 -24.89 18.28
N GLY F 144 26.26 -26.16 17.87
CA GLY F 144 25.36 -26.56 16.81
C GLY F 144 23.91 -26.45 17.24
N ALA F 145 23.22 -25.42 16.77
CA ALA F 145 21.84 -25.18 17.19
C ALA F 145 20.94 -24.69 16.06
N SER F 146 21.30 -24.93 14.80
CA SER F 146 20.51 -24.47 13.66
C SER F 146 20.37 -22.95 13.69
N PHE F 147 21.52 -22.28 13.76
CA PHE F 147 21.55 -20.83 13.92
C PHE F 147 21.02 -20.14 12.67
N ILE F 148 20.12 -19.17 12.87
CA ILE F 148 19.62 -18.34 11.78
C ILE F 148 19.56 -16.89 12.28
N ASN F 149 19.99 -15.96 11.44
CA ASN F 149 19.95 -14.54 11.72
C ASN F 149 19.09 -13.84 10.67
N LEU F 150 18.01 -13.21 11.12
CA LEU F 150 17.13 -12.46 10.22
C LEU F 150 17.52 -11.00 10.28
N HIS F 151 17.91 -10.44 9.13
CA HIS F 151 18.25 -9.04 9.05
C HIS F 151 16.98 -8.19 9.11
N ILE F 152 17.18 -6.87 9.24
CA ILE F 152 16.04 -5.97 9.30
C ILE F 152 15.34 -5.89 7.94
N SER F 153 16.06 -6.17 6.85
CA SER F 153 15.43 -6.15 5.54
C SER F 153 14.52 -7.35 5.33
N THR F 154 14.85 -8.49 5.95
CA THR F 154 14.00 -9.66 5.82
C THR F 154 12.63 -9.45 6.45
N LEU F 155 12.56 -8.59 7.47
CA LEU F 155 11.28 -8.33 8.13
C LEU F 155 10.46 -7.29 7.38
N THR F 156 11.07 -6.16 7.03
CA THR F 156 10.34 -5.12 6.33
C THR F 156 10.06 -5.54 4.88
N GLU F 157 8.80 -5.43 4.48
CA GLU F 157 8.38 -5.81 3.14
C GLU F 157 7.47 -4.73 2.57
N LYS F 158 7.46 -4.62 1.24
CA LYS F 158 6.68 -3.57 0.59
C LYS F 158 5.19 -3.83 0.71
N TRP F 159 4.76 -5.04 0.34
CA TRP F 159 3.33 -5.34 0.30
C TRP F 159 2.75 -5.40 1.69
N TYR F 160 1.48 -4.99 1.81
CA TYR F 160 0.81 -4.99 3.11
C TYR F 160 0.65 -6.41 3.63
N GLY F 161 1.26 -6.69 4.78
CA GLY F 161 1.10 -7.96 5.45
C GLY F 161 2.22 -8.96 5.25
N ASP F 162 3.16 -8.70 4.35
CA ASP F 162 4.23 -9.67 4.12
C ASP F 162 5.20 -9.69 5.30
N SER F 163 5.32 -8.59 6.04
CA SER F 163 6.25 -8.59 7.17
C SER F 163 5.78 -9.53 8.27
N ASN F 164 4.48 -9.50 8.58
CA ASN F 164 3.93 -10.41 9.58
C ASN F 164 4.09 -11.86 9.14
N LYS F 165 3.85 -12.13 7.85
CA LYS F 165 4.03 -13.49 7.36
C LYS F 165 5.49 -13.92 7.38
N ILE F 166 6.42 -12.99 7.18
CA ILE F 166 7.83 -13.34 7.31
C ILE F 166 8.18 -13.66 8.75
N VAL F 167 7.63 -12.91 9.69
CA VAL F 167 7.87 -13.21 11.11
C VAL F 167 7.31 -14.58 11.46
N ARG F 168 6.11 -14.88 10.97
CA ARG F 168 5.51 -16.19 11.21
C ARG F 168 6.33 -17.30 10.59
N ALA F 169 6.85 -17.07 9.38
CA ALA F 169 7.69 -18.07 8.73
C ALA F 169 8.98 -18.29 9.50
N VAL F 170 9.54 -17.22 10.07
CA VAL F 170 10.74 -17.35 10.88
C VAL F 170 10.47 -18.22 12.10
N PHE F 171 9.40 -17.89 12.85
CA PHE F 171 9.09 -18.68 14.04
C PHE F 171 8.55 -20.07 13.71
N SER F 172 8.18 -20.34 12.46
CA SER F 172 7.76 -21.68 12.08
C SER F 172 8.94 -22.53 11.62
N LEU F 173 9.88 -21.94 10.89
CA LEU F 173 11.12 -22.64 10.58
C LEU F 173 11.93 -22.90 11.85
N ALA F 174 11.86 -21.97 12.80
CA ALA F 174 12.51 -22.20 14.09
C ALA F 174 11.87 -23.34 14.86
N LYS F 175 10.65 -23.74 14.51
CA LYS F 175 10.03 -24.91 15.12
C LYS F 175 10.36 -26.19 14.35
N LYS F 176 10.26 -26.12 13.02
CA LYS F 176 10.58 -27.28 12.19
C LYS F 176 12.06 -27.66 12.26
N LEU F 177 12.91 -26.73 12.70
CA LEU F 177 14.36 -26.83 12.62
C LEU F 177 14.96 -26.41 13.96
N GLN F 178 14.49 -27.05 15.05
CA GLN F 178 14.34 -26.30 16.29
C GLN F 178 15.34 -26.61 17.39
N PRO F 179 16.63 -26.46 17.16
CA PRO F 179 17.48 -25.90 18.22
C PRO F 179 17.37 -24.38 18.19
N SER F 180 17.34 -23.85 16.97
CA SER F 180 16.76 -22.54 16.62
C SER F 180 17.23 -21.41 17.54
N ILE F 181 18.51 -21.08 17.43
CA ILE F 181 19.06 -19.87 18.04
C ILE F 181 18.91 -18.75 17.02
N ILE F 182 17.73 -18.13 16.99
CA ILE F 182 17.50 -17.00 16.10
C ILE F 182 18.25 -15.78 16.62
N PHE F 183 18.77 -14.98 15.70
CA PHE F 183 19.56 -13.81 16.04
C PHE F 183 18.98 -12.56 15.39
N ILE F 184 18.99 -11.45 16.14
CA ILE F 184 18.54 -10.16 15.65
C ILE F 184 19.53 -9.12 16.16
N ASP F 185 20.36 -8.60 15.26
CA ASP F 185 21.38 -7.64 15.63
C ASP F 185 20.77 -6.24 15.64
N GLN F 186 21.07 -5.48 16.69
CA GLN F 186 20.43 -4.18 16.92
C GLN F 186 18.91 -4.34 16.97
N ILE F 187 18.45 -5.10 17.96
CA ILE F 187 17.04 -5.39 18.11
C ILE F 187 16.24 -4.17 18.58
N ASP F 188 16.93 -3.10 18.99
CA ASP F 188 16.26 -1.86 19.39
C ASP F 188 15.76 -1.04 18.21
N ALA F 189 15.84 -1.57 16.99
CA ALA F 189 15.37 -0.88 15.80
C ALA F 189 14.11 -1.52 15.24
N VAL F 190 14.13 -2.82 14.97
CA VAL F 190 12.92 -3.49 14.50
C VAL F 190 11.87 -3.52 15.61
N LEU F 191 12.31 -3.60 16.86
CA LEU F 191 11.43 -3.44 18.01
C LEU F 191 11.65 -2.03 18.57
N GLY F 192 10.91 -1.69 19.61
CA GLY F 192 11.00 -0.35 20.17
C GLY F 192 9.76 -0.04 20.98
N THR F 193 9.91 0.89 21.92
CA THR F 193 8.79 1.34 22.74
C THR F 193 7.75 1.99 21.85
N ARG F 194 6.60 1.32 21.68
CA ARG F 194 5.59 1.77 20.74
C ARG F 194 4.90 3.03 21.26
N ARG F 195 4.76 4.02 20.38
CA ARG F 195 4.02 5.23 20.68
C ARG F 195 2.64 5.17 20.05
N SER F 196 1.82 6.19 20.35
CA SER F 196 0.47 6.23 19.82
C SER F 196 0.48 6.39 18.31
N GLY F 197 1.33 7.28 17.80
CA GLY F 197 1.38 7.55 16.38
C GLY F 197 2.42 6.74 15.62
N GLU F 198 2.65 5.50 16.05
CA GLU F 198 3.60 4.65 15.37
C GLU F 198 3.03 4.17 14.03
N HIS F 199 3.93 3.89 13.10
CA HIS F 199 3.52 3.39 11.79
C HIS F 199 2.83 2.05 11.95
N GLU F 200 1.81 1.80 11.12
CA GLU F 200 1.00 0.61 11.29
C GLU F 200 1.78 -0.66 10.96
N ALA F 201 2.52 -0.65 9.84
CA ALA F 201 3.24 -1.85 9.43
C ALA F 201 4.33 -2.25 10.41
N SER F 202 4.88 -1.30 11.16
CA SER F 202 5.86 -1.62 12.19
C SER F 202 5.24 -1.87 13.55
N GLY F 203 3.99 -1.45 13.76
CA GLY F 203 3.31 -1.68 15.01
C GLY F 203 2.64 -3.02 15.14
N MET F 204 2.39 -3.71 14.03
CA MET F 204 1.77 -5.03 14.06
C MET F 204 2.76 -6.14 13.71
N VAL F 205 4.01 -5.79 13.39
CA VAL F 205 5.06 -6.80 13.30
C VAL F 205 5.75 -6.97 14.65
N LYS F 206 5.73 -5.94 15.50
CA LYS F 206 6.15 -6.13 16.89
C LYS F 206 5.16 -7.00 17.65
N ALA F 207 3.90 -7.01 17.22
CA ALA F 207 2.89 -7.79 17.91
C ALA F 207 2.88 -9.25 17.49
N GLU F 208 3.05 -9.51 16.19
CA GLU F 208 3.14 -10.89 15.73
C GLU F 208 4.41 -11.54 16.22
N PHE F 209 5.48 -10.76 16.32
CA PHE F 209 6.75 -11.26 16.86
C PHE F 209 6.54 -11.78 18.29
N MET F 210 5.91 -10.96 19.14
CA MET F 210 5.64 -11.38 20.51
C MET F 210 4.66 -12.55 20.54
N THR F 211 3.63 -12.51 19.69
CA THR F 211 2.63 -13.57 19.70
C THR F 211 3.22 -14.91 19.29
N LEU F 212 4.24 -14.90 18.43
CA LEU F 212 4.92 -16.14 18.07
C LEU F 212 5.95 -16.52 19.13
N TRP F 213 6.50 -15.53 19.82
CA TRP F 213 7.60 -15.81 20.74
C TRP F 213 7.13 -16.64 21.93
N ASP F 214 6.12 -16.14 22.67
CA ASP F 214 5.56 -16.84 23.82
C ASP F 214 4.03 -16.77 23.71
N GLY F 215 3.51 -17.11 22.54
CA GLY F 215 2.08 -17.06 22.34
C GLY F 215 1.36 -18.28 22.85
N LEU F 216 0.17 -18.54 22.28
CA LEU F 216 -0.63 -19.67 22.75
C LEU F 216 -0.06 -21.00 22.27
N THR F 217 0.46 -21.04 21.04
CA THR F 217 1.00 -22.25 20.45
C THR F 217 2.50 -22.41 20.70
N SER F 218 3.05 -21.67 21.66
CA SER F 218 4.48 -21.79 21.94
C SER F 218 4.82 -23.19 22.44
N THR F 219 4.28 -23.57 23.59
CA THR F 219 4.59 -24.87 24.17
C THR F 219 4.06 -26.00 23.28
N ASN F 220 4.45 -27.21 23.63
CA ASN F 220 4.01 -28.40 22.91
C ASN F 220 2.82 -29.04 23.65
N ALA F 221 2.40 -30.21 23.18
CA ALA F 221 1.26 -30.88 23.79
C ALA F 221 1.61 -31.39 25.18
N SER F 222 2.75 -32.03 25.33
CA SER F 222 3.17 -32.59 26.61
C SER F 222 3.78 -31.56 27.55
N GLY F 223 3.77 -30.29 27.17
CA GLY F 223 4.34 -29.24 27.99
C GLY F 223 5.75 -28.85 27.62
N VAL F 224 6.33 -29.45 26.58
CA VAL F 224 7.68 -29.07 26.16
C VAL F 224 7.68 -27.63 25.70
N PRO F 225 8.57 -26.77 26.21
CA PRO F 225 8.51 -25.34 25.90
C PRO F 225 8.91 -24.97 24.48
N ASN F 226 9.17 -25.93 23.59
CA ASN F 226 9.48 -25.63 22.19
C ASN F 226 10.74 -24.76 22.09
N ARG F 227 11.86 -25.38 22.45
CA ARG F 227 13.12 -24.64 22.64
C ARG F 227 13.52 -23.83 21.41
N ILE F 228 13.44 -22.51 21.56
CA ILE F 228 13.83 -21.54 20.55
C ILE F 228 14.29 -20.29 21.29
N VAL F 229 15.53 -19.87 21.08
CA VAL F 229 16.08 -18.71 21.77
C VAL F 229 16.30 -17.61 20.75
N VAL F 230 15.80 -16.41 21.04
CA VAL F 230 15.95 -15.26 20.18
C VAL F 230 17.05 -14.40 20.76
N LEU F 231 18.28 -14.63 20.31
CA LEU F 231 19.44 -13.88 20.79
C LEU F 231 19.54 -12.59 19.99
N GLY F 232 19.54 -11.46 20.68
CA GLY F 232 19.62 -10.17 20.04
C GLY F 232 20.62 -9.27 20.70
N ALA F 233 21.30 -8.46 19.89
CA ALA F 233 22.26 -7.48 20.36
C ALA F 233 21.65 -6.08 20.28
N THR F 234 22.18 -5.19 21.12
CA THR F 234 21.67 -3.82 21.15
C THR F 234 22.60 -2.97 22.00
N ASN F 235 22.69 -1.69 21.64
CA ASN F 235 23.55 -0.75 22.34
C ASN F 235 22.86 -0.07 23.51
N ARG F 236 21.54 -0.13 23.59
CA ARG F 236 20.80 0.60 24.62
C ARG F 236 19.53 -0.17 24.95
N ILE F 237 19.48 -0.77 26.13
CA ILE F 237 18.23 -1.34 26.64
C ILE F 237 17.54 -0.20 27.40
N ASN F 238 16.93 0.70 26.65
CA ASN F 238 16.11 1.77 27.22
C ASN F 238 14.82 2.00 26.46
N ASP F 239 14.75 1.62 25.18
CA ASP F 239 13.54 1.79 24.38
C ASP F 239 13.25 0.55 23.53
N ILE F 240 13.88 -0.58 23.84
CA ILE F 240 13.62 -1.81 23.09
C ILE F 240 12.16 -2.20 23.22
N ASP F 241 11.68 -2.40 24.45
CA ASP F 241 10.25 -2.48 24.77
C ASP F 241 10.12 -2.73 26.25
N GLU F 242 8.90 -2.60 26.79
CA GLU F 242 8.62 -3.02 28.15
C GLU F 242 8.10 -4.44 28.23
N ALA F 243 7.61 -5.00 27.12
CA ALA F 243 7.12 -6.36 27.07
C ALA F 243 8.07 -7.33 26.39
N ILE F 244 9.18 -6.85 25.82
CA ILE F 244 10.16 -7.73 25.19
C ILE F 244 11.31 -7.90 26.16
N LEU F 245 11.58 -6.88 26.98
CA LEU F 245 12.57 -7.02 28.04
C LEU F 245 12.16 -8.08 29.06
N ARG F 246 10.87 -8.17 29.37
CA ARG F 246 10.41 -9.31 30.16
C ARG F 246 10.64 -10.63 29.43
N ARG F 247 10.52 -10.63 28.11
CA ARG F 247 10.76 -11.84 27.34
C ARG F 247 12.23 -12.25 27.31
N MET F 248 13.15 -11.29 27.30
CA MET F 248 14.58 -11.61 27.34
C MET F 248 15.06 -11.47 28.78
N PRO F 249 15.02 -12.55 29.59
CA PRO F 249 15.44 -12.43 30.99
C PRO F 249 16.95 -12.47 31.12
N LYS F 250 17.61 -13.25 30.28
CA LYS F 250 19.06 -13.38 30.32
C LYS F 250 19.65 -12.20 29.56
N GLN F 251 19.80 -11.08 30.25
CA GLN F 251 20.30 -9.84 29.67
C GLN F 251 21.72 -9.64 30.19
N PHE F 252 22.71 -9.93 29.34
CA PHE F 252 24.10 -9.88 29.75
C PHE F 252 24.71 -8.56 29.31
N PRO F 253 25.08 -7.67 30.23
CA PRO F 253 25.74 -6.42 29.82
C PRO F 253 27.18 -6.68 29.42
N VAL F 254 27.60 -6.05 28.32
CA VAL F 254 28.96 -6.20 27.82
C VAL F 254 29.71 -4.90 28.03
N PRO F 255 30.27 -4.66 29.20
CA PRO F 255 30.94 -3.38 29.48
C PRO F 255 32.30 -3.33 28.81
N LEU F 256 32.97 -2.19 28.97
CA LEU F 256 34.31 -2.03 28.43
C LEU F 256 35.29 -2.93 29.19
N PRO F 257 36.29 -3.46 28.50
CA PRO F 257 37.27 -4.33 29.18
C PRO F 257 38.11 -3.55 30.18
N GLY F 258 38.41 -4.19 31.30
CA GLY F 258 39.22 -3.59 32.34
C GLY F 258 40.69 -3.71 32.05
N LEU F 259 41.49 -3.61 33.11
CA LEU F 259 42.94 -3.73 32.95
C LEU F 259 43.33 -5.17 32.62
N GLU F 260 42.62 -6.14 33.18
CA GLU F 260 42.92 -7.54 32.88
C GLU F 260 42.36 -7.94 31.51
N GLN F 261 41.16 -7.47 31.18
CA GLN F 261 40.55 -7.84 29.91
C GLN F 261 41.31 -7.25 28.73
N ARG F 262 41.84 -6.03 28.90
CA ARG F 262 42.62 -5.42 27.82
C ARG F 262 43.90 -6.21 27.56
N ARG F 263 44.55 -6.70 28.61
CA ARG F 263 45.74 -7.52 28.43
C ARG F 263 45.40 -8.81 27.69
N ARG F 264 44.29 -9.45 28.06
CA ARG F 264 43.86 -10.67 27.37
C ARG F 264 43.57 -10.38 25.90
N ILE F 265 42.90 -9.25 25.61
CA ILE F 265 42.57 -8.92 24.23
C ILE F 265 43.82 -8.64 23.42
N LEU F 266 44.80 -7.94 24.01
CA LEU F 266 46.04 -7.68 23.30
C LEU F 266 46.81 -8.98 23.03
N GLU F 267 46.91 -9.85 24.04
CA GLU F 267 47.62 -11.11 23.84
C GLU F 267 46.88 -12.04 22.90
N LEU F 268 45.57 -11.86 22.74
CA LEU F 268 44.78 -12.70 21.85
C LEU F 268 44.78 -12.22 20.41
N VAL F 269 44.75 -10.90 20.19
CA VAL F 269 44.70 -10.38 18.83
C VAL F 269 46.07 -10.35 18.16
N LEU F 270 47.15 -10.47 18.92
CA LEU F 270 48.51 -10.51 18.38
C LEU F 270 49.06 -11.93 18.31
N ARG F 271 48.21 -12.91 18.01
CA ARG F 271 48.67 -14.29 17.94
C ARG F 271 49.60 -14.50 16.76
N GLY F 272 49.14 -14.16 15.55
CA GLY F 272 49.90 -14.36 14.34
C GLY F 272 50.70 -13.18 13.86
N THR F 273 50.71 -12.08 14.61
CA THR F 273 51.44 -10.89 14.19
C THR F 273 52.89 -10.98 14.71
N LYS F 274 53.75 -10.13 14.15
CA LYS F 274 55.15 -10.07 14.55
C LYS F 274 55.28 -9.86 16.06
N ARG F 275 56.32 -10.45 16.64
CA ARG F 275 56.61 -10.33 18.06
C ARG F 275 58.00 -9.74 18.23
N ASP F 276 58.08 -8.42 18.35
CA ASP F 276 59.36 -7.78 18.61
C ASP F 276 59.79 -8.06 20.04
N PRO F 277 61.07 -8.32 20.28
CA PRO F 277 61.48 -8.76 21.64
C PRO F 277 61.42 -7.66 22.68
N ASP F 278 61.28 -6.40 22.26
CA ASP F 278 61.44 -5.29 23.20
C ASP F 278 60.13 -4.95 23.92
N PHE F 279 59.06 -4.71 23.18
CA PHE F 279 57.85 -4.14 23.77
C PHE F 279 57.17 -5.14 24.69
N ASP F 280 56.46 -4.61 25.68
CA ASP F 280 55.71 -5.42 26.63
C ASP F 280 54.24 -5.01 26.61
N LEU F 281 53.36 -6.01 26.69
CA LEU F 281 51.93 -5.76 26.58
C LEU F 281 51.35 -4.99 27.76
N ASP F 282 51.92 -5.15 28.96
CA ASP F 282 51.39 -4.46 30.13
C ASP F 282 51.46 -2.95 29.98
N TYR F 283 52.48 -2.44 29.27
CA TYR F 283 52.57 -1.01 29.04
C TYR F 283 51.41 -0.52 28.18
N ILE F 284 51.09 -1.25 27.09
CA ILE F 284 49.98 -0.86 26.24
C ILE F 284 48.67 -1.00 26.98
N ALA F 285 48.53 -2.06 27.78
CA ALA F 285 47.28 -2.26 28.52
C ALA F 285 47.10 -1.21 29.61
N ARG F 286 48.18 -0.85 30.30
CA ARG F 286 48.07 0.16 31.35
C ARG F 286 47.83 1.55 30.77
N VAL F 287 48.50 1.89 29.66
CA VAL F 287 48.26 3.18 29.03
C VAL F 287 46.85 3.24 28.46
N THR F 288 46.34 2.11 27.98
CA THR F 288 44.99 2.05 27.44
C THR F 288 43.98 2.07 28.58
N ALA F 289 43.45 3.26 28.88
CA ALA F 289 42.47 3.40 29.96
C ALA F 289 41.07 3.00 29.48
N GLY F 290 40.56 3.71 28.48
CA GLY F 290 39.28 3.33 27.88
C GLY F 290 39.52 2.39 26.72
N MET F 291 39.24 2.85 25.50
CA MET F 291 39.60 2.11 24.29
C MET F 291 38.95 0.73 24.27
N SER F 292 37.63 0.73 24.09
CA SER F 292 36.82 -0.48 23.95
C SER F 292 37.44 -1.46 22.95
N GLY F 293 37.10 -2.75 23.10
CA GLY F 293 37.84 -3.81 22.42
C GLY F 293 38.03 -3.60 20.93
N SER F 294 37.01 -3.04 20.26
CA SER F 294 37.19 -2.66 18.87
C SER F 294 38.25 -1.58 18.73
N ASP F 295 38.27 -0.63 19.66
CA ASP F 295 39.31 0.41 19.64
C ASP F 295 40.68 -0.20 19.90
N ILE F 296 40.76 -1.20 20.77
CA ILE F 296 42.03 -1.89 20.99
C ILE F 296 42.49 -2.58 19.72
N LYS F 297 41.57 -3.26 19.03
CA LYS F 297 41.93 -3.94 17.79
C LYS F 297 42.39 -2.94 16.75
N GLU F 298 41.74 -1.78 16.67
CA GLU F 298 42.12 -0.77 15.70
C GLU F 298 43.50 -0.21 16.00
N THR F 299 43.72 0.22 17.25
CA THR F 299 45.01 0.80 17.63
C THR F 299 46.13 -0.22 17.60
N CYS F 300 45.81 -1.52 17.66
CA CYS F 300 46.81 -2.55 17.51
C CYS F 300 47.12 -2.85 16.05
N ARG F 301 46.10 -2.87 15.19
CA ARG F 301 46.35 -3.00 13.76
C ARG F 301 47.17 -1.83 13.23
N ASP F 302 46.90 -0.62 13.72
CA ASP F 302 47.69 0.53 13.30
C ASP F 302 49.14 0.40 13.74
N ALA F 303 49.39 -0.23 14.89
CA ALA F 303 50.75 -0.43 15.36
C ALA F 303 51.47 -1.51 14.57
N ALA F 304 50.73 -2.39 13.88
CA ALA F 304 51.34 -3.46 13.11
C ALA F 304 51.93 -2.99 11.78
N MET F 305 51.92 -1.69 11.51
CA MET F 305 52.48 -1.16 10.28
C MET F 305 53.90 -0.63 10.44
N ALA F 306 54.46 -0.71 11.64
CA ALA F 306 55.82 -0.22 11.86
C ALA F 306 56.84 -0.99 11.05
N PRO F 307 56.93 -2.33 11.15
CA PRO F 307 57.91 -3.06 10.35
C PRO F 307 57.50 -3.24 8.89
N MET F 308 56.20 -3.23 8.59
CA MET F 308 55.76 -3.51 7.23
C MET F 308 56.11 -2.38 6.29
N ARG F 309 55.96 -1.13 6.74
CA ARG F 309 56.21 0.01 5.85
C ARG F 309 57.67 0.12 5.46
N GLU F 310 58.58 -0.37 6.31
CA GLU F 310 60.01 -0.24 6.02
C GLU F 310 60.43 -1.07 4.82
N TYR F 311 59.70 -2.14 4.50
CA TYR F 311 60.09 -2.98 3.37
C TYR F 311 59.88 -2.28 2.04
N ILE F 312 58.97 -1.30 1.99
CA ILE F 312 58.68 -0.61 0.74
C ILE F 312 59.78 0.37 0.35
N ARG F 313 60.67 0.73 1.29
CA ARG F 313 61.69 1.73 1.03
C ARG F 313 62.72 1.28 0.00
N GLN F 314 62.75 0.00 -0.35
CA GLN F 314 63.70 -0.50 -1.34
C GLN F 314 63.49 0.18 -2.70
N UNK G 1 3.33 0.59 2.03
CA UNK G 1 2.70 -0.71 2.22
C UNK G 1 1.43 -0.83 1.38
N UNK G 2 1.61 -0.94 0.07
CA UNK G 2 0.48 -1.02 -0.84
C UNK G 2 -0.07 -2.45 -0.89
N UNK G 3 -1.24 -2.59 -1.50
CA UNK G 3 -1.87 -3.89 -1.72
C UNK G 3 -1.96 -4.16 -3.22
N UNK G 4 -1.93 -5.43 -3.57
CA UNK G 4 -1.89 -5.84 -4.97
C UNK G 4 -3.30 -5.93 -5.55
N UNK G 5 -3.36 -6.12 -6.86
CA UNK G 5 -4.61 -6.34 -7.58
C UNK G 5 -4.32 -7.25 -8.76
N UNK G 6 -4.76 -8.49 -8.67
CA UNK G 6 -4.40 -9.50 -9.66
C UNK G 6 -5.06 -9.22 -11.00
N UNK G 7 -4.33 -9.52 -12.08
CA UNK G 7 -4.84 -9.44 -13.44
C UNK G 7 -4.50 -10.76 -14.14
N UNK G 8 -5.52 -11.54 -14.47
CA UNK G 8 -5.29 -12.86 -15.04
C UNK G 8 -4.95 -12.78 -16.52
N UNK G 9 -4.17 -13.76 -16.98
CA UNK G 9 -3.74 -13.85 -18.38
C UNK G 9 -4.12 -15.23 -18.90
N UNK G 10 -5.35 -15.33 -19.42
CA UNK G 10 -5.86 -16.59 -19.96
C UNK G 10 -5.89 -17.69 -18.91
PG ATP H . 2.15 13.53 -25.31
O1G ATP H . 3.11 14.42 -24.57
O2G ATP H . 0.93 13.13 -24.51
O3G ATP H . 2.78 12.40 -26.08
PB ATP H . 2.50 15.00 -27.64
O1B ATP H . 3.77 15.58 -27.04
O2B ATP H . 2.57 13.92 -28.70
O3B ATP H . 1.55 14.49 -26.45
PA ATP H . 1.67 16.54 -29.79
O1A ATP H . 1.02 15.39 -30.51
O2A ATP H . 3.07 16.95 -30.13
O3A ATP H . 1.62 16.22 -28.22
O5' ATP H . 0.70 17.81 -29.96
C5' ATP H . 0.14 18.02 -31.24
C4' ATP H . -0.28 19.47 -31.45
O4' ATP H . 0.79 20.36 -31.08
C3' ATP H . -0.62 19.74 -32.90
O3' ATP H . -1.94 20.26 -33.03
C2' ATP H . 0.41 20.77 -33.36
O2' ATP H . -0.20 21.78 -34.17
C1' ATP H . 0.98 21.36 -32.08
N9 ATP H . 2.43 21.68 -32.22
C8 ATP H . 3.36 21.47 -31.26
N7 ATP H . 4.57 21.89 -31.68
C5 ATP H . 4.45 22.38 -32.92
C6 ATP H . 5.34 22.98 -33.93
N6 ATP H . 6.66 23.14 -33.68
N1 ATP H . 4.80 23.37 -35.11
C2 ATP H . 3.49 23.21 -35.37
N3 ATP H . 2.62 22.68 -34.48
C4 ATP H . 3.02 22.25 -33.27
H5'1 ATP H . 0.87 17.73 -32.00
H5'2 ATP H . -0.74 17.37 -31.36
H4' ATP H . -1.16 19.67 -30.83
H3' ATP H . -0.50 18.83 -33.49
HO3' ATP H . -2.18 20.24 -33.97
H2' ATP H . 1.20 20.24 -33.92
HO2' ATP H . -0.46 21.41 -35.01
H1' ATP H . 0.42 22.26 -31.83
H8 ATP H . 3.15 21.04 -30.30
HN61 ATP H . 7.27 23.54 -34.38
HN62 ATP H . 7.05 22.84 -32.79
H2 ATP H . 3.11 23.53 -36.33
MG MG I . 1.37 12.34 -28.46
PG ATP J . -20.25 16.12 -8.35
O1G ATP J . -20.43 14.96 -9.29
O2G ATP J . -18.96 16.89 -8.55
O3G ATP J . -20.59 15.81 -6.90
PB ATP J . -22.60 16.57 -9.67
O1B ATP J . -22.10 16.38 -11.08
O2B ATP J . -23.16 15.39 -8.93
O3B ATP J . -21.38 17.16 -8.81
PA ATP J . -25.06 17.46 -10.46
O1A ATP J . -25.28 15.97 -10.46
O2A ATP J . -25.05 18.17 -11.79
O3A ATP J . -23.69 17.74 -9.69
O5' ATP J . -26.17 18.14 -9.51
C5' ATP J . -26.95 17.35 -8.63
C4' ATP J . -28.16 18.15 -8.15
O4' ATP J . -27.89 19.55 -8.22
C3' ATP J . -29.41 17.89 -8.99
O3' ATP J . -30.36 17.15 -8.24
C2' ATP J . -29.94 19.26 -9.36
O2' ATP J . -31.30 19.41 -8.95
C1' ATP J . -29.05 20.27 -8.65
N9 ATP J . -28.64 21.38 -9.56
C8 ATP J . -27.39 21.84 -9.72
N7 ATP J . -27.37 22.86 -10.61
C5 ATP J . -28.62 23.06 -11.04
C6 ATP J . -29.29 23.97 -11.98
N6 ATP J . -28.61 24.90 -12.66
N1 ATP J . -30.64 23.84 -12.14
C2 ATP J . -31.34 22.92 -11.47
N3 ATP J . -30.79 22.06 -10.59
C4 ATP J . -29.46 22.09 -10.34
H5'1 ATP J . -27.27 16.44 -9.12
H5'2 ATP J . -26.35 17.07 -7.77
H4' ATP J . -28.39 17.87 -7.12
H3' ATP J . -29.15 17.37 -9.92
HO3' ATP J . -31.06 16.83 -8.83
H2' ATP J . -29.85 19.36 -10.45
HO2' ATP J . -31.87 18.88 -9.52
H1' ATP J . -29.58 20.68 -7.79
H8 ATP J . -26.52 21.46 -9.20
HN61 ATP J . -29.07 25.50 -13.30
HN62 ATP J . -27.60 24.98 -12.53
H2 ATP J . -32.41 22.86 -11.64
MG MG K . -21.99 14.39 -10.58
PG ATP L . -20.79 1.27 16.04
O1G ATP L . -21.50 1.62 14.75
O2G ATP L . -19.75 2.27 16.47
O3G ATP L . -20.36 -0.17 16.16
PB ATP L . -23.44 1.00 16.73
O1B ATP L . -24.17 2.27 16.32
O2B ATP L . -23.37 -0.17 15.78
O3B ATP L . -21.95 1.41 17.15
PA ATP L . -25.55 -0.16 18.09
O1A ATP L . -25.58 -1.21 17.01
O2A ATP L . -26.59 0.94 18.07
O3A ATP L . -24.09 0.50 18.11
O5' ATP L . -25.60 -0.92 19.50
C5' ATP L . -26.41 -2.09 19.62
C4' ATP L . -26.54 -2.49 21.08
O4' ATP L . -26.91 -1.35 21.85
C3' ATP L . -27.63 -3.53 21.25
O3' ATP L . -27.17 -4.60 22.09
C2' ATP L . -28.78 -2.80 21.88
O2' ATP L . -29.42 -3.57 22.90
C1' ATP L . -28.20 -1.51 22.44
N9 ATP L . -29.02 -0.34 22.09
C8 ATP L . -28.57 0.78 21.49
N7 ATP L . -29.58 1.68 21.32
C5 ATP L . -30.69 1.12 21.83
C6 ATP L . -32.10 1.52 21.97
N6 ATP L . -32.52 2.73 21.52
N1 ATP L . -32.95 0.67 22.57
C2 ATP L . -32.54 -0.54 23.01
N3 ATP L . -31.27 -0.97 22.91
C4 ATP L . -30.32 -0.19 22.34
H5'1 ATP L . -27.40 -1.88 19.20
H5'2 ATP L . -25.96 -2.90 19.06
H4' ATP L . -25.58 -2.90 21.43
H3' ATP L . -27.92 -3.92 20.27
HO3' ATP L . -27.80 -5.33 22.05
H2' ATP L . -29.50 -2.55 21.08
HO2' ATP L . -29.86 -4.33 22.49
H1' ATP L . -28.12 -1.60 23.53
H8 ATP L . -27.55 0.94 21.18
HN61 ATP L . -33.49 2.98 21.63
HN62 ATP L . -31.87 3.36 21.09
H2 ATP L . -33.28 -1.18 23.47
MG MG M . -22.70 -0.33 13.92
PG ATP N . 2.35 -10.14 26.96
O1G ATP N . 0.90 -9.76 26.96
O2G ATP N . 3.31 -8.97 26.93
O3G ATP N . 2.70 -11.27 26.01
PB ATP N . 1.55 -11.93 28.90
O1B ATP N . 0.63 -11.33 29.93
O2B ATP N . 0.99 -12.60 27.68
O3B ATP N . 2.58 -10.80 28.41
PA ATP N . 2.05 -14.48 29.84
O1A ATP N . 1.83 -15.09 28.49
O2A ATP N . 0.93 -14.48 30.85
O3A ATP N . 2.53 -12.97 29.64
O5' ATP N . 3.33 -15.19 30.48
C5' ATP N . 3.34 -16.61 30.55
C4' ATP N . 4.51 -17.10 31.39
O4' ATP N . 4.49 -16.43 32.65
C3' ATP N . 4.38 -18.59 31.64
O3' ATP N . 5.62 -19.25 31.37
C2' ATP N . 4.00 -18.71 33.11
O2' ATP N . 4.75 -19.74 33.75
C1' ATP N . 4.28 -17.35 33.72
N9 ATP N . 3.15 -16.85 34.55
C8 ATP N . 2.68 -15.60 34.52
N7 ATP N . 1.66 -15.44 35.39
C5 ATP N . 1.47 -16.61 36.01
C6 ATP N . 0.56 -17.14 37.05
N6 ATP N . -0.38 -16.35 37.61
N1 ATP N . 0.70 -18.42 37.41
C2 ATP N . 1.64 -19.23 36.87
N3 ATP N . 2.49 -18.81 35.93
C4 ATP N . 2.46 -17.53 35.46
H5'1 ATP N . 2.41 -16.96 30.97
H5'2 ATP N . 3.43 -17.01 29.53
H4' ATP N . 5.45 -16.91 30.86
H3' ATP N . 3.57 -19.01 31.03
HO3' ATP N . 5.47 -20.21 31.36
H2' ATP N . 2.93 -18.94 33.15
HO2' ATP N . 4.46 -20.60 33.43
H1' ATP N . 5.18 -17.41 34.34
H8 ATP N . 3.05 -14.81 33.87
HN61 ATP N . -1.00 -16.73 38.31
HN62 ATP N . -0.47 -15.38 37.32
H2 ATP N . 1.70 -20.25 37.20
MG MG O . 0.84 -12.73 25.65
PG ATP P . 27.67 -2.42 18.29
O1G ATP P . 27.65 -2.78 19.76
O2G ATP P . 27.80 -0.95 18.00
O3G ATP P . 26.63 -3.14 17.46
PB ATP P . 29.29 -4.63 17.90
O1B ATP P . 29.52 -4.98 19.33
O2B ATP P . 28.20 -5.31 17.09
O3B ATP P . 29.06 -3.05 17.78
PA ATP P . 31.35 -6.27 17.01
O1A ATP P . 30.71 -7.06 15.89
O2A ATP P . 31.39 -6.83 18.40
O3A ATP P . 30.67 -4.82 17.10
O5' ATP P . 32.84 -5.89 16.56
C5' ATP P . 33.92 -6.07 17.47
C4' ATP P . 35.25 -5.95 16.76
O4' ATP P . 36.25 -5.63 17.71
C3' ATP P . 35.63 -7.26 16.11
O3' ATP P . 36.25 -7.03 14.84
C2' ATP P . 36.60 -7.90 17.09
O2' ATP P . 37.73 -8.46 16.42
C1' ATP P . 37.03 -6.79 18.03
N9 ATP P . 36.77 -7.16 19.45
C8 ATP P . 35.94 -6.50 20.27
N7 ATP P . 35.93 -7.07 21.50
C5 ATP P . 36.77 -8.11 21.46
C6 ATP P . 37.22 -9.14 22.42
N6 ATP P . 36.74 -9.13 23.68
N1 ATP P . 38.12 -10.06 21.99
C2 ATP P . 38.59 -10.05 20.73
N3 ATP P . 38.22 -9.15 19.81
C4 ATP P . 37.33 -8.17 20.11
H5'1 ATP P . 33.84 -5.32 18.26
H5'2 ATP P . 33.84 -7.05 17.94
H4' ATP P . 35.18 -5.18 15.99
H3' ATP P . 34.74 -7.90 15.99
HO3' ATP P . 36.34 -7.87 14.37
H2' ATP P . 36.05 -8.67 17.65
HO2' ATP P . 37.45 -9.24 15.90
H1' ATP P . 38.10 -6.59 17.87
H8 ATP P . 35.35 -5.64 20.01
HN61 ATP P . 37.05 -9.84 24.33
HN62 ATP P . 36.07 -8.44 23.95
H2 ATP P . 39.30 -10.81 20.45
MG MG Q . 27.04 -5.75 15.52
#